data_6OB8
#
_entry.id   6OB8
#
_cell.length_a   72.059
_cell.length_b   72.059
_cell.length_c   253.804
_cell.angle_alpha   90.000
_cell.angle_beta   90.000
_cell.angle_gamma   90.000
#
_symmetry.space_group_name_H-M   'P 43 21 2'
#
loop_
_entity.id
_entity.type
_entity.pdbx_description
1 polymer 'Dual sensor histidine kinase'
2 non-polymer PHYCOCYANOBILIN
3 non-polymer 'MAGNESIUM ION'
4 water water
#
_entity_poly.entity_id   1
_entity_poly.type   'polypeptide(L)'
_entity_poly.pdbx_seq_one_letter_code
;MPQTSRVLLIIDDSPEDRELYRRYLLRDRDHSYTVLEAGLGRRGLELWQQHHPDAVLLDYRLPDLDGLEFLAKLQPPPQQ
PYLPVIMITGQGNEAIAVQAMKAGAQDYLVKEQITPEELHLAVNGAIETVHLRTQLHQRIERERVVSQITQKIHQTLDLE
EILQTTVTEVRQFLQADRVFVYRFQPDFSGIVVLESVGDNCVPVIDAQVEDQYFVETRGEDYRQGRIQAVADIYTAGLTE
CHVNLLAQFHIRANLVVPILHADALWGLLVVNQCSAPRQWQPLEIDLLKELATQLGIALQQAELYQQALEHHHHHH
;
_entity_poly.pdbx_strand_id   A,B
#
loop_
_chem_comp.id
_chem_comp.type
_chem_comp.name
_chem_comp.formula
CYC non-polymer PHYCOCYANOBILIN 'C33 H40 N4 O6'
MG non-polymer 'MAGNESIUM ION' 'Mg 2'
#
# COMPACT_ATOMS: atom_id res chain seq x y z
N PRO A 2 -30.68 20.74 0.76
N PRO A 2 -30.61 20.86 0.52
CA PRO A 2 -29.34 20.26 0.38
CA PRO A 2 -29.29 20.39 0.08
C PRO A 2 -29.26 18.75 0.35
C PRO A 2 -29.19 18.87 0.09
N GLN A 3 -28.64 18.20 -0.69
N GLN A 3 -28.68 18.31 -1.01
CA GLN A 3 -28.53 16.76 -0.86
CA GLN A 3 -28.45 16.87 -1.13
C GLN A 3 -27.56 16.14 0.14
C GLN A 3 -27.50 16.32 -0.07
N THR A 4 -27.96 15.03 0.76
N THR A 4 -27.94 15.33 0.70
CA THR A 4 -27.14 14.37 1.78
CA THR A 4 -27.08 14.82 1.77
C THR A 4 -25.79 13.91 1.20
C THR A 4 -25.93 13.98 1.23
N SER A 5 -24.71 14.39 1.81
N SER A 5 -24.72 14.38 1.61
CA SER A 5 -23.36 14.02 1.38
CA SER A 5 -23.49 13.74 1.20
C SER A 5 -22.83 12.93 2.28
C SER A 5 -22.86 12.87 2.29
N ARG A 6 -23.06 13.08 3.58
N ARG A 6 -23.22 13.13 3.54
CA ARG A 6 -22.53 12.16 4.57
CA ARG A 6 -22.62 12.37 4.63
C ARG A 6 -23.56 11.80 5.61
C ARG A 6 -23.59 12.00 5.74
N VAL A 7 -23.38 10.63 6.22
N VAL A 7 -23.50 10.75 6.15
CA VAL A 7 -24.21 10.23 7.32
CA VAL A 7 -24.30 10.26 7.26
C VAL A 7 -23.37 10.06 8.58
C VAL A 7 -23.46 10.08 8.51
N LEU A 8 -23.73 10.82 9.61
N LEU A 8 -23.89 10.78 9.56
CA LEU A 8 -23.06 10.79 10.88
CA LEU A 8 -23.18 10.80 10.83
C LEU A 8 -23.96 10.18 11.95
C LEU A 8 -24.05 10.25 11.96
N LEU A 9 -23.37 9.37 12.82
N LEU A 9 -23.50 9.31 12.71
CA LEU A 9 -24.10 8.82 13.95
CA LEU A 9 -24.18 8.77 13.86
C LEU A 9 -23.55 9.37 15.25
C LEU A 9 -23.58 9.38 15.12
N ILE A 10 -24.36 10.16 15.95
N ILE A 10 -24.43 10.04 15.92
CA ILE A 10 -23.97 10.72 17.24
CA ILE A 10 -24.01 10.62 17.17
C ILE A 10 -24.57 9.90 18.37
C ILE A 10 -24.58 9.79 18.32
N ILE A 11 -23.70 9.36 19.21
N ILE A 11 -23.72 9.32 19.20
CA ILE A 11 -24.11 8.56 20.34
CA ILE A 11 -24.12 8.47 20.32
C ILE A 11 -23.69 9.27 21.62
C ILE A 11 -23.73 9.16 21.62
N ASP A 12 -24.67 9.84 22.30
N ASP A 12 -24.71 9.77 22.27
CA ASP A 12 -24.41 10.75 23.40
CA ASP A 12 -24.48 10.63 23.42
C ASP A 12 -25.68 10.91 24.22
C ASP A 12 -25.78 10.73 24.21
N ASP A 13 -25.58 10.63 25.52
N ASP A 13 -25.68 10.67 25.53
CA ASP A 13 -26.74 10.64 26.40
CA ASP A 13 -26.89 10.64 26.37
C ASP A 13 -27.25 12.05 26.71
C ASP A 13 -27.49 12.02 26.60
N SER A 14 -26.66 13.05 26.08
N SER A 14 -26.82 13.06 26.12
CA SER A 14 -27.15 14.42 26.22
CA SER A 14 -27.35 14.42 26.19
C SER A 14 -27.77 14.90 24.91
C SER A 14 -27.96 14.86 24.86
N PRO A 15 -29.10 14.95 24.87
N PRO A 15 -29.30 14.99 24.81
CA PRO A 15 -29.82 15.40 23.67
CA PRO A 15 -29.97 15.43 23.60
C PRO A 15 -29.44 16.81 23.26
C PRO A 15 -29.53 16.82 23.19
N GLU A 16 -29.16 17.67 24.24
N GLU A 16 -29.15 17.63 24.17
CA GLU A 16 -28.82 19.05 23.93
CA GLU A 16 -28.75 19.01 23.90
C GLU A 16 -27.45 19.14 23.26
C GLU A 16 -27.40 19.05 23.19
N ASP A 17 -26.53 18.29 23.67
N ASP A 17 -26.42 18.32 23.72
CA ASP A 17 -25.21 18.26 23.04
CA ASP A 17 -25.12 18.24 23.05
C ASP A 17 -25.31 17.74 21.61
C ASP A 17 -25.24 17.67 21.65
N ARG A 18 -26.16 16.74 21.40
N ARG A 18 -26.11 16.68 21.46
CA ARG A 18 -26.41 16.22 20.06
CA ARG A 18 -26.27 16.08 20.15
C ARG A 18 -26.92 17.34 19.15
C ARG A 18 -26.75 17.12 19.14
N GLU A 19 -27.80 18.18 19.68
N GLU A 19 -27.76 17.89 19.52
CA GLU A 19 -28.35 19.28 18.89
CA GLU A 19 -28.30 18.90 18.62
C GLU A 19 -27.29 20.33 18.62
C GLU A 19 -27.26 19.99 18.40
N LEU A 20 -26.37 20.51 19.57
N LEU A 20 -26.56 20.35 19.48
CA LEU A 20 -25.26 21.43 19.40
CA LEU A 20 -25.44 21.27 19.40
C LEU A 20 -24.34 20.97 18.27
C LEU A 20 -24.45 20.89 18.31
N TYR A 21 -23.98 19.68 18.27
N TYR A 21 -24.06 19.61 18.26
CA TYR A 21 -23.10 19.15 17.23
CA TYR A 21 -23.09 19.16 17.25
C TYR A 21 -23.80 19.14 15.89
C TYR A 21 -23.65 19.25 15.84
N ARG A 22 -25.12 18.91 15.91
N ARG A 22 -24.91 18.87 15.68
CA ARG A 22 -25.93 19.01 14.71
CA ARG A 22 -25.58 18.95 14.37
C ARG A 22 -25.84 20.43 14.15
C ARG A 22 -25.55 20.38 13.82
N ARG A 23 -25.90 21.40 15.05
N ARG A 23 -25.81 21.35 14.68
CA ARG A 23 -25.77 22.80 14.66
CA ARG A 23 -25.75 22.74 14.28
C ARG A 23 -24.40 23.09 14.09
C ARG A 23 -24.34 23.13 13.86
N TYR A 24 -23.36 22.61 14.78
N TYR A 24 -23.35 22.62 14.58
CA TYR A 24 -22.00 22.85 14.34
CA TYR A 24 -21.96 22.90 14.22
C TYR A 24 -21.76 22.31 12.95
C TYR A 24 -21.72 22.40 12.81
N LEU A 25 -22.34 21.16 12.64
N LEU A 25 -22.26 21.23 12.50
CA LEU A 25 -22.13 20.55 11.32
CA LEU A 25 -22.05 20.60 11.21
C LEU A 25 -22.75 21.39 10.21
C LEU A 25 -22.63 21.47 10.10
N LEU A 26 -23.83 22.11 10.54
N LEU A 26 -23.60 22.30 10.45
CA LEU A 26 -24.49 22.97 9.57
CA LEU A 26 -24.23 23.19 9.47
C LEU A 26 -23.57 24.08 9.05
C LEU A 26 -23.24 24.23 8.97
N ARG A 27 -22.53 24.38 9.82
N ARG A 27 -22.30 24.61 9.82
CA ARG A 27 -21.58 25.42 9.44
CA ARG A 27 -21.32 25.63 9.45
C ARG A 27 -20.70 24.99 8.26
C ARG A 27 -20.32 25.15 8.40
N ASP A 28 -20.55 23.69 8.07
N ASP A 28 -20.33 23.85 8.10
CA ASP A 28 -19.64 23.17 7.05
CA ASP A 28 -19.49 23.34 7.03
C ASP A 28 -20.15 23.46 5.64
C ASP A 28 -20.27 23.41 5.71
N ARG A 29 -19.36 24.18 4.84
N ARG A 29 -19.91 24.36 4.86
CA ARG A 29 -19.75 24.52 3.48
CA ARG A 29 -20.60 24.56 3.59
C ARG A 29 -19.58 23.35 2.50
C ARG A 29 -20.23 23.46 2.60
N ASP A 30 -18.74 22.40 2.86
N ASP A 30 -19.07 22.85 2.82
CA ASP A 30 -18.29 21.37 1.93
CA ASP A 30 -18.53 21.82 1.95
C ASP A 30 -19.16 20.10 1.93
C ASP A 30 -19.33 20.50 1.95
N HIS A 31 -19.93 19.91 2.98
N HIS A 31 -20.08 20.24 3.01
CA HIS A 31 -20.75 18.71 3.10
CA HIS A 31 -20.82 18.97 3.12
C HIS A 31 -22.12 18.98 3.68
C HIS A 31 -22.21 19.16 3.65
N SER A 32 -23.06 18.11 3.36
N SER A 32 -23.06 18.17 3.37
CA SER A 32 -24.38 18.17 3.95
CA SER A 32 -24.38 18.11 3.96
C SER A 32 -24.64 16.90 4.75
C SER A 32 -24.49 16.88 4.86
N TYR A 33 -24.69 17.04 6.06
N TYR A 33 -24.83 17.11 6.13
CA TYR A 33 -24.82 15.91 6.95
CA TYR A 33 -24.89 16.03 7.10
C TYR A 33 -26.28 15.53 7.23
C TYR A 33 -26.30 15.61 7.51
N THR A 34 -26.52 14.23 7.31
N THR A 34 -26.61 14.34 7.30
CA THR A 34 -27.71 13.66 7.91
CA THR A 34 -27.74 13.68 7.95
C THR A 34 -27.28 12.97 9.20
C THR A 34 -27.27 13.04 9.25
N VAL A 35 -27.91 13.32 10.31
N VAL A 35 -27.94 13.37 10.34
CA VAL A 35 -27.45 12.86 11.61
CA VAL A 35 -27.50 12.91 11.64
C VAL A 35 -28.38 11.83 12.24
C VAL A 35 -28.44 11.86 12.23
N LEU A 36 -27.84 10.64 12.46
N LEU A 36 -27.88 10.71 12.58
CA LEU A 36 -28.50 9.61 13.27
CA LEU A 36 -28.60 9.68 13.32
C LEU A 36 -28.20 9.88 14.74
C LEU A 36 -28.25 9.88 14.79
N GLU A 37 -29.19 9.72 15.60
N GLU A 37 -29.22 9.71 15.68
CA GLU A 37 -29.03 10.08 17.01
CA GLU A 37 -28.97 10.02 17.07
C GLU A 37 -29.36 8.92 17.93
C GLU A 37 -29.35 8.84 17.95
N ALA A 38 -28.51 8.72 18.94
N ALA A 38 -28.57 8.62 19.00
CA ALA A 38 -28.74 7.68 19.93
CA ALA A 38 -28.88 7.61 20.00
C ALA A 38 -28.27 8.16 21.30
C ALA A 38 -28.38 8.05 21.36
N GLY A 39 -29.00 7.76 22.34
N GLY A 39 -29.16 7.77 22.40
CA GLY A 39 -28.68 8.16 23.70
CA GLY A 39 -28.79 8.16 23.75
C GLY A 39 -28.12 7.01 24.49
C GLY A 39 -28.19 7.01 24.50
N LEU A 40 -28.10 5.83 23.87
N LEU A 40 -28.22 5.83 23.89
CA LEU A 40 -27.58 4.63 24.51
CA LEU A 40 -27.74 4.61 24.55
C LEU A 40 -26.62 3.90 23.58
C LEU A 40 -26.88 3.77 23.62
N GLY A 41 -25.65 3.22 24.17
N GLY A 41 -25.97 3.00 24.22
CA GLY A 41 -24.72 2.41 23.41
CA GLY A 41 -25.10 2.11 23.48
C GLY A 41 -25.41 1.31 22.63
C GLY A 41 -25.84 1.11 22.60
N ARG A 42 -26.41 0.69 23.24
N ARG A 42 -26.84 0.44 23.18
CA ARG A 42 -27.13 -0.42 22.61
CA ARG A 42 -27.63 -0.57 22.46
C ARG A 42 -27.88 0.04 21.35
C ARG A 42 -28.25 -0.02 21.16
N ARG A 43 -28.52 1.20 21.43
N ARG A 43 -28.77 1.20 21.21
CA ARG A 43 -29.24 1.76 20.28
CA ARG A 43 -29.39 1.83 20.04
C ARG A 43 -28.25 2.25 19.23
C ARG A 43 -28.33 2.30 19.03
N GLY A 44 -27.13 2.82 19.69
N GLY A 44 -27.24 2.84 19.55
CA GLY A 44 -26.08 3.26 18.79
CA GLY A 44 -26.10 3.18 18.73
C GLY A 44 -25.53 2.11 17.97
C GLY A 44 -25.64 2.01 17.88
N LEU A 45 -25.42 0.93 18.58
N LEU A 45 -25.43 0.86 18.54
CA LEU A 45 -24.92 -0.25 17.88
CA LEU A 45 -24.97 -0.35 17.84
C LEU A 45 -25.91 -0.70 16.83
C LEU A 45 -25.94 -0.77 16.74
N GLU A 46 -27.19 -0.64 17.16
N GLU A 46 -27.23 -0.73 17.04
CA GLU A 46 -28.26 -0.99 16.21
CA GLU A 46 -28.25 -1.11 16.06
C GLU A 46 -28.19 -0.13 14.97
C GLU A 46 -28.23 -0.17 14.87
N LEU A 47 -28.12 1.18 15.18
N LEU A 47 -28.12 1.12 15.14
CA LEU A 47 -28.09 2.14 14.08
CA LEU A 47 -28.09 2.14 14.11
C LEU A 47 -26.83 1.99 13.24
C LEU A 47 -26.84 1.99 13.23
N TRP A 48 -25.71 1.71 13.89
N TRP A 48 -25.70 1.77 13.89
CA TRP A 48 -24.44 1.49 13.18
CA TRP A 48 -24.44 1.47 13.19
C TRP A 48 -24.56 0.29 12.23
C TRP A 48 -24.59 0.31 12.22
N GLN A 49 -25.10 -0.81 12.74
N GLN A 49 -25.08 -0.82 12.74
CA GLN A 49 -25.25 -2.04 11.96
CA GLN A 49 -25.19 -2.06 11.97
C GLN A 49 -26.31 -1.91 10.88
C GLN A 49 -26.23 -2.01 10.89
N GLN A 50 -27.39 -1.21 11.19
N GLN A 50 -27.27 -1.21 11.09
CA GLN A 50 -28.53 -1.14 10.29
CA GLN A 50 -28.38 -1.20 10.15
C GLN A 50 -28.37 -0.11 9.18
C GLN A 50 -28.23 -0.11 9.09
N HIS A 51 -27.64 0.97 9.42
N HIS A 51 -27.57 0.99 9.41
CA HIS A 51 -27.65 2.08 8.47
CA HIS A 51 -27.59 2.10 8.47
C HIS A 51 -26.27 2.57 8.00
C HIS A 51 -26.20 2.52 7.93
N HIS A 52 -25.21 1.97 8.50
N HIS A 52 -25.13 1.88 8.42
CA HIS A 52 -23.86 2.16 7.95
CA HIS A 52 -23.78 2.14 7.93
C HIS A 52 -23.44 3.62 7.84
C HIS A 52 -23.39 3.60 7.77
N PRO A 53 -23.36 4.33 8.98
N PRO A 53 -23.37 4.35 8.87
CA PRO A 53 -22.98 5.75 8.90
CA PRO A 53 -23.06 5.78 8.79
C PRO A 53 -21.55 5.92 8.39
C PRO A 53 -21.62 5.99 8.32
N ASP A 54 -21.23 7.09 7.86
N ASP A 54 -21.32 7.12 7.71
CA ASP A 54 -19.90 7.37 7.32
CA ASP A 54 -19.98 7.45 7.23
C ASP A 54 -18.92 7.72 8.44
C ASP A 54 -19.01 7.71 8.39
N ALA A 55 -19.46 8.14 9.58
N ALA A 55 -19.54 8.21 9.49
CA ALA A 55 -18.64 8.44 10.74
CA ALA A 55 -18.72 8.55 10.65
C ALA A 55 -19.49 8.41 12.01
C ALA A 55 -19.54 8.46 11.93
N VAL A 56 -18.81 8.29 13.15
N VAL A 56 -18.86 8.32 13.06
CA VAL A 56 -19.49 8.21 14.44
CA VAL A 56 -19.52 8.18 14.35
C VAL A 56 -18.89 9.20 15.44
C VAL A 56 -18.92 9.14 15.39
N LEU A 57 -19.75 9.89 16.19
N LEU A 57 -19.77 9.95 16.04
CA LEU A 57 -19.31 10.61 17.38
CA LEU A 57 -19.34 10.70 17.23
C LEU A 57 -19.71 9.82 18.62
C LEU A 57 -19.84 9.98 18.48
N LEU A 58 -18.71 9.38 19.39
N LEU A 58 -18.89 9.49 19.29
CA LEU A 58 -18.95 8.49 20.51
CA LEU A 58 -19.22 8.60 20.39
C LEU A 58 -18.63 9.14 21.86
C LEU A 58 -18.83 9.17 21.77
N ASP A 59 -19.67 9.35 22.66
N ASP A 59 -19.83 9.38 22.62
CA ASP A 59 -19.48 9.83 24.03
CA ASP A 59 -19.62 9.80 24.00
C ASP A 59 -18.70 8.78 24.80
C ASP A 59 -18.96 8.66 24.76
N TYR A 60 -17.65 9.20 25.50
N TYR A 60 -17.80 8.93 25.37
CA TYR A 60 -16.78 8.25 26.19
CA TYR A 60 -17.05 7.91 26.09
C TYR A 60 -17.50 7.55 27.35
C TYR A 60 -17.86 7.32 27.24
N ARG A 61 -18.60 8.15 27.80
N ARG A 61 -18.75 8.11 27.83
CA ARG A 61 -19.43 7.55 28.84
CA ARG A 61 -19.58 7.63 28.93
C ARG A 61 -20.90 7.57 28.42
C ARG A 61 -21.06 7.58 28.57
N LEU A 62 -21.55 6.42 28.56
N LEU A 62 -21.56 6.39 28.25
CA LEU A 62 -22.99 6.30 28.27
CA LEU A 62 -22.98 6.19 28.01
C LEU A 62 -23.65 5.49 29.36
C LEU A 62 -23.58 5.47 29.21
N PRO A 63 -24.97 5.67 29.55
N PRO A 63 -24.91 5.63 29.41
CA PRO A 63 -25.68 5.01 30.66
CA PRO A 63 -25.56 5.01 30.56
C PRO A 63 -25.50 3.50 30.71
C PRO A 63 -25.42 3.48 30.62
N ASP A 64 -25.31 2.86 29.56
N ASP A 64 -25.44 2.83 29.46
CA ASP A 64 -25.24 1.41 29.51
CA ASP A 64 -25.42 1.37 29.43
C ASP A 64 -23.85 0.88 29.13
C ASP A 64 -24.02 0.79 29.12
N LEU A 65 -23.04 1.73 28.49
N LEU A 65 -23.26 1.51 28.31
CA LEU A 65 -21.79 1.27 27.90
CA LEU A 65 -21.94 1.05 27.88
C LEU A 65 -20.78 2.40 27.81
C LEU A 65 -20.89 2.15 28.02
N ASP A 66 -19.54 2.16 28.22
N ASP A 66 -19.69 1.78 28.43
CA ASP A 66 -18.52 3.19 28.05
CA ASP A 66 -18.56 2.70 28.36
C ASP A 66 -17.87 3.06 26.67
C ASP A 66 -18.05 2.70 26.91
N GLY A 67 -17.13 4.07 26.27
N GLY A 67 -17.47 3.81 26.48
CA GLY A 67 -16.53 4.13 24.95
CA GLY A 67 -17.05 3.97 25.09
C GLY A 67 -15.76 2.88 24.56
C GLY A 67 -16.16 2.85 24.59
N LEU A 68 -14.96 2.36 25.47
N LEU A 68 -15.30 2.35 25.47
CA LEU A 68 -14.11 1.21 25.18
CA LEU A 68 -14.40 1.26 25.13
C LEU A 68 -14.92 -0.07 24.95
C LEU A 68 -15.19 -0.01 24.89
N GLU A 69 -15.92 -0.30 25.81
N GLU A 69 -16.15 -0.29 25.76
CA GLU A 69 -16.79 -1.47 25.64
CA GLU A 69 -16.98 -1.47 25.64
C GLU A 69 -17.53 -1.38 24.30
C GLU A 69 -17.74 -1.47 24.30
N PHE A 70 -17.96 -0.17 23.95
N PHE A 70 -18.14 -0.28 23.86
CA PHE A 70 -18.68 0.07 22.70
CA PHE A 70 -18.89 -0.10 22.62
C PHE A 70 -17.81 -0.25 21.48
C PHE A 70 -18.07 -0.44 21.37
N LEU A 71 -16.59 0.29 21.47
N LEU A 71 -16.86 0.12 21.29
CA LEU A 71 -15.64 0.05 20.38
CA LEU A 71 -15.95 -0.14 20.16
C LEU A 71 -15.37 -1.43 20.16
C LEU A 71 -15.72 -1.63 19.96
N ALA A 72 -15.40 -2.20 21.23
N ALA A 72 -15.68 -2.37 21.06
CA ALA A 72 -15.12 -3.64 21.15
CA ALA A 72 -15.42 -3.81 21.01
C ALA A 72 -16.31 -4.38 20.53
C ALA A 72 -16.58 -4.58 20.38
N LYS A 73 -17.49 -3.80 20.64
N LYS A 73 -17.77 -3.99 20.42
CA LYS A 73 -18.69 -4.42 20.07
CA LYS A 73 -18.95 -4.61 19.81
C LYS A 73 -18.86 -4.03 18.61
C LYS A 73 -19.16 -4.20 18.37
N LEU A 74 -18.13 -3.01 18.19
N LEU A 74 -18.30 -3.34 17.86
CA LEU A 74 -18.27 -2.46 16.85
CA LEU A 74 -18.42 -2.93 16.46
C LEU A 74 -17.58 -3.30 15.78
C LEU A 74 -17.65 -3.89 15.56
N GLN A 75 -18.35 -3.95 14.94
N GLN A 75 -18.35 -4.46 14.60
CA GLN A 75 -17.78 -4.70 13.83
CA GLN A 75 -17.71 -5.25 13.57
C GLN A 75 -17.88 -3.91 12.53
C GLN A 75 -17.91 -4.51 12.24
N PRO A 76 -16.73 -3.74 11.86
N PRO A 76 -16.81 -4.26 11.52
CA PRO A 76 -16.66 -3.04 10.58
CA PRO A 76 -16.75 -3.55 10.25
C PRO A 76 -17.05 -3.94 9.41
C PRO A 76 -16.78 -4.51 9.05
N PRO A 77 -17.48 -3.35 8.29
N PRO A 77 -17.43 -4.09 7.95
CA PRO A 77 -17.70 -4.13 7.07
CA PRO A 77 -17.50 -4.91 6.73
C PRO A 77 -16.36 -4.65 6.54
C PRO A 77 -16.10 -5.32 6.27
N PRO A 78 -16.36 -5.82 5.90
N PRO A 78 -15.98 -6.33 5.39
CA PRO A 78 -15.12 -6.34 5.30
CA PRO A 78 -14.61 -6.78 5.12
C PRO A 78 -14.62 -5.42 4.19
C PRO A 78 -13.90 -5.94 4.08
N GLN A 79 -15.52 -4.62 3.62
N GLN A 79 -14.66 -5.15 3.32
CA GLN A 79 -15.16 -3.63 2.62
CA GLN A 79 -14.10 -4.25 2.32
C GLN A 79 -14.30 -2.51 3.20
C GLN A 79 -13.87 -2.85 2.87
N GLN A 80 -14.47 -2.26 4.50
N GLN A 80 -14.30 -2.62 4.12
CA GLN A 80 -13.66 -1.27 5.23
CA GLN A 80 -13.93 -1.40 4.83
C GLN A 80 -13.44 -1.72 6.67
C GLN A 80 -13.73 -1.70 6.33
N PRO A 81 -12.32 -2.41 6.92
N PRO A 81 -12.60 -2.35 6.67
CA PRO A 81 -11.99 -3.02 8.22
CA PRO A 81 -12.37 -2.89 8.02
C PRO A 81 -11.64 -2.03 9.34
C PRO A 81 -11.94 -1.89 9.10
N TYR A 82 -11.81 -0.73 9.10
N TYR A 82 -12.21 -0.59 8.91
CA TYR A 82 -11.46 0.28 10.09
CA TYR A 82 -11.79 0.39 9.90
C TYR A 82 -12.67 1.08 10.55
C TYR A 82 -12.94 1.24 10.40
N LEU A 83 -12.60 1.63 11.76
N LEU A 83 -12.91 1.58 11.69
CA LEU A 83 -13.73 2.31 12.38
CA LEU A 83 -14.00 2.25 12.36
C LEU A 83 -13.62 3.82 12.33
C LEU A 83 -13.82 3.77 12.34
N PRO A 84 -14.55 4.49 11.65
N PRO A 84 -14.69 4.48 11.62
CA PRO A 84 -14.56 5.94 11.50
CA PRO A 84 -14.61 5.94 11.53
C PRO A 84 -15.11 6.62 12.75
C PRO A 84 -15.23 6.61 12.76
N VAL A 85 -14.47 6.37 13.89
N VAL A 85 -14.71 6.23 13.93
CA VAL A 85 -15.03 6.78 15.17
CA VAL A 85 -15.25 6.71 15.19
C VAL A 85 -14.24 7.90 15.84
C VAL A 85 -14.42 7.86 15.77
N ILE A 86 -14.94 8.98 16.16
N ILE A 86 -15.11 8.91 16.19
CA ILE A 86 -14.37 10.03 16.99
CA ILE A 86 -14.47 9.97 16.93
C ILE A 86 -14.92 9.93 18.41
C ILE A 86 -14.99 9.97 18.36
N MET A 87 -14.02 9.84 19.37
N MET A 87 -14.07 9.73 19.29
CA MET A 87 -14.39 9.73 20.78
CA MET A 87 -14.37 9.74 20.72
C MET A 87 -14.45 11.08 21.46
C MET A 87 -14.56 11.13 21.27
N ILE A 88 -15.61 11.41 22.04
N ILE A 88 -15.65 11.34 22.01
CA ILE A 88 -15.73 12.63 22.82
CA ILE A 88 -15.74 12.59 22.76
C ILE A 88 -15.55 12.33 24.30
C ILE A 88 -15.59 12.32 24.25
N THR A 89 -14.45 12.82 24.87
N THR A 89 -14.54 12.89 24.84
CA THR A 89 -14.12 12.53 26.26
CA THR A 89 -14.26 12.71 26.25
C THR A 89 -14.34 13.75 27.15
C THR A 89 -14.31 14.04 27.00
N GLY A 90 -14.38 13.52 28.46
N GLY A 90 -14.52 13.98 28.31
CA GLY A 90 -14.53 14.60 29.42
CA GLY A 90 -14.40 15.17 29.13
C GLY A 90 -13.25 15.40 29.59
C GLY A 90 -12.93 15.40 29.40
N GLN A 91 -13.36 16.60 30.14
N GLN A 91 -12.52 16.66 29.49
CA GLN A 91 -12.21 17.45 30.41
CA GLN A 91 -11.15 17.02 29.82
C GLN A 91 -11.27 16.77 31.41
C GLN A 91 -10.69 16.34 31.11
N GLY A 92 -10.00 16.67 31.06
N GLY A 92 -9.43 15.93 31.14
CA GLY A 92 -9.02 16.03 31.90
CA GLY A 92 -8.90 15.20 32.26
C GLY A 92 -9.04 14.52 31.80
C GLY A 92 -9.03 13.71 32.01
N ASN A 93 -9.84 14.00 30.87
N ASN A 93 -9.95 13.35 31.11
CA ASN A 93 -9.94 12.56 30.66
CA ASN A 93 -10.14 11.95 30.74
C ASN A 93 -9.34 12.13 29.32
C ASN A 93 -9.51 11.62 29.40
N GLU A 94 -8.24 12.77 28.94
N GLU A 94 -8.48 12.37 29.02
CA GLU A 94 -7.59 12.47 27.67
CA GLU A 94 -7.77 12.14 27.77
C GLU A 94 -7.04 11.04 27.62
C GLU A 94 -7.22 10.73 27.68
N ALA A 95 -6.53 10.58 28.76
N ALA A 95 -6.79 10.19 28.82
CA ALA A 95 -5.92 9.25 28.84
CA ALA A 95 -6.20 8.87 28.85
C ALA A 95 -6.87 8.15 28.39
C ALA A 95 -7.17 7.78 28.42
N ILE A 96 -8.14 8.27 28.75
N ILE A 96 -8.46 7.98 28.68
CA ILE A 96 -9.14 7.29 28.34
CA ILE A 96 -9.45 7.02 28.23
C ILE A 96 -9.27 7.31 26.81
C ILE A 96 -9.52 7.07 26.72
N ALA A 97 -9.20 8.50 26.23
N ALA A 97 -9.45 8.28 26.17
CA ALA A 97 -9.38 8.66 24.79
CA ALA A 97 -9.54 8.46 24.74
C ALA A 97 -8.16 8.17 24.01
C ALA A 97 -8.36 7.83 24.03
N VAL A 98 -6.99 8.24 24.64
N VAL A 98 -7.19 7.95 24.64
CA VAL A 98 -5.77 7.73 24.04
CA VAL A 98 -5.96 7.37 24.12
C VAL A 98 -5.87 6.21 23.95
C VAL A 98 -6.13 5.85 23.98
N GLN A 99 -6.48 5.59 24.95
N GLN A 99 -6.76 5.20 24.96
CA GLN A 99 -6.81 4.17 24.91
CA GLN A 99 -6.99 3.77 24.86
C GLN A 99 -7.80 3.86 23.79
C GLN A 99 -8.05 3.43 23.81
N ALA A 100 -8.73 4.80 23.53
N ALA A 100 -8.87 4.42 23.42
CA ALA A 100 -9.78 4.56 22.54
CA ALA A 100 -9.90 4.18 22.42
C ALA A 100 -9.21 4.50 21.14
C ALA A 100 -9.29 4.12 21.03
N MET A 101 -8.18 5.31 20.88
N MET A 101 -8.31 4.98 20.77
CA MET A 101 -7.53 5.31 19.59
CA MET A 101 -7.66 4.99 19.47
C MET A 101 -6.69 4.05 19.35
C MET A 101 -6.83 3.72 19.26
N LYS A 102 -6.05 3.55 20.40
N LYS A 102 -6.38 3.09 20.35
CA LYS A 102 -5.37 2.27 20.33
CA LYS A 102 -5.72 1.80 20.25
C LYS A 102 -6.35 1.17 19.93
C LYS A 102 -6.76 0.71 20.10
N ALA A 103 -7.55 1.25 20.49
N ALA A 103 -8.02 1.05 20.34
CA ALA A 103 -8.59 0.26 20.23
CA ALA A 103 -9.11 0.08 20.22
C ALA A 103 -9.34 0.54 18.93
C ALA A 103 -9.86 0.29 18.90
N GLY A 104 -8.88 1.55 18.17
N GLY A 104 -9.43 1.29 18.13
CA GLY A 104 -9.38 1.74 16.82
CA GLY A 104 -9.97 1.49 16.79
C GLY A 104 -10.13 3.01 16.49
C GLY A 104 -10.52 2.86 16.46
N ALA A 105 -10.29 3.92 17.44
N ALA A 105 -10.75 3.70 17.46
CA ALA A 105 -10.88 5.22 17.12
CA ALA A 105 -11.20 5.07 17.17
C ALA A 105 -9.89 6.05 16.31
C ALA A 105 -10.12 5.79 16.35
N GLN A 106 -10.38 6.96 15.45
N GLN A 106 -10.52 6.73 15.50
CA GLN A 106 -9.50 7.75 14.57
CA GLN A 106 -9.59 7.43 14.60
C GLN A 106 -9.04 9.05 15.19
C GLN A 106 -9.07 8.74 15.17
N ASP A 107 -9.68 9.45 16.29
N ASP A 107 -9.77 9.26 16.17
CA ASP A 107 -9.49 10.79 16.82
CA ASP A 107 -9.46 10.55 16.73
C ASP A 107 -10.30 10.94 18.10
C ASP A 107 -10.30 10.73 17.97
N TYR A 108 -10.03 12.01 18.84
N TYR A 108 -10.06 11.81 18.70
CA TYR A 108 -10.84 12.32 20.00
CA TYR A 108 -10.96 12.17 19.78
C TYR A 108 -10.89 13.82 20.26
C TYR A 108 -11.05 13.69 19.94
N LEU A 109 -12.07 14.28 20.67
N LEU A 109 -12.07 14.10 20.67
CA LEU A 109 -12.24 15.66 21.07
CA LEU A 109 -12.30 15.51 20.97
C LEU A 109 -12.57 15.73 22.56
C LEU A 109 -12.57 15.67 22.46
N VAL A 110 -12.16 16.83 23.19
N VAL A 110 -12.29 16.86 22.97
CA VAL A 110 -12.58 17.12 24.55
CA VAL A 110 -12.55 17.19 24.36
C VAL A 110 -13.87 17.92 24.47
C VAL A 110 -13.87 17.96 24.45
N LYS A 111 -14.90 17.45 25.16
N LYS A 111 -14.76 17.52 25.34
CA LYS A 111 -16.26 17.96 24.98
CA LYS A 111 -16.15 18.01 25.36
C LYS A 111 -16.37 19.49 25.09
C LYS A 111 -16.30 19.52 25.29
N GLU A 112 -15.83 20.03 26.17
N GLU A 112 -15.70 20.24 26.23
CA GLU A 112 -16.01 21.44 26.48
CA GLU A 112 -15.91 21.69 26.33
C GLU A 112 -15.31 22.38 25.49
C GLU A 112 -15.10 22.49 25.32
N GLN A 113 -14.26 21.88 24.82
N GLN A 113 -14.26 21.82 24.54
CA GLN A 113 -13.48 22.73 23.93
CA GLN A 113 -13.33 22.54 23.67
C GLN A 113 -13.89 22.65 22.46
C GLN A 113 -13.76 22.56 22.20
N ILE A 114 -15.01 21.99 22.19
N ILE A 114 -14.91 21.97 21.90
CA ILE A 114 -15.42 21.73 20.82
CA ILE A 114 -15.32 21.80 20.51
C ILE A 114 -15.90 22.97 20.07
C ILE A 114 -15.80 23.09 19.86
N THR A 115 -15.23 23.25 18.97
N THR A 115 -15.36 23.30 18.63
CA THR A 115 -15.58 24.35 18.09
CA THR A 115 -15.76 24.45 17.83
C THR A 115 -16.21 23.74 16.84
C THR A 115 -16.29 23.89 16.53
N PRO A 116 -17.12 24.47 16.17
N PRO A 116 -17.11 24.65 15.80
CA PRO A 116 -17.57 24.02 14.85
CA PRO A 116 -17.65 24.12 14.54
C PRO A 116 -16.42 23.54 13.98
C PRO A 116 -16.55 23.64 13.58
N GLU A 117 -15.40 24.37 13.83
N GLU A 117 -15.54 24.48 13.34
CA GLU A 117 -14.25 24.06 12.99
CA GLU A 117 -14.45 24.10 12.44
C GLU A 117 -13.50 22.83 13.50
C GLU A 117 -13.71 22.87 12.91
N GLU A 118 -13.41 22.69 14.81
N GLU A 118 -13.44 22.78 14.20
CA GLU A 118 -12.80 21.52 15.41
CA GLU A 118 -12.72 21.63 14.73
C GLU A 118 -13.61 20.25 15.15
C GLU A 118 -13.54 20.35 14.52
N LEU A 119 -14.92 20.39 14.99
N LEU A 119 -14.86 20.45 14.63
CA LEU A 119 -15.76 19.23 14.75
CA LEU A 119 -15.73 19.29 14.48
C LEU A 119 -15.63 18.78 13.30
C LEU A 119 -15.68 18.84 13.03
N HIS A 120 -15.72 19.74 12.37
N HIS A 120 -15.79 19.80 12.12
CA HIS A 120 -15.55 19.47 10.95
CA HIS A 120 -15.73 19.53 10.69
C HIS A 120 -14.21 18.80 10.71
C HIS A 120 -14.47 18.79 10.31
N LEU A 121 -13.18 19.32 11.37
N LEU A 121 -13.34 19.39 10.67
CA LEU A 121 -11.83 18.80 11.21
CA LEU A 121 -12.04 18.83 10.35
C LEU A 121 -11.75 17.34 11.61
C LEU A 121 -11.86 17.46 10.97
N ALA A 122 -12.28 17.01 12.79
N ALA A 122 -12.36 17.27 12.20
CA ALA A 122 -12.22 15.65 13.28
CA ALA A 122 -12.23 15.98 12.87
C ALA A 122 -13.01 14.69 12.38
C ALA A 122 -13.04 14.93 12.10
N VAL A 123 -14.21 15.08 11.97
N VAL A 123 -14.26 15.27 11.72
CA VAL A 123 -15.04 14.22 11.13
CA VAL A 123 -15.10 14.35 10.93
C VAL A 123 -14.41 14.00 9.76
C VAL A 123 -14.48 14.11 9.55
N ASN A 124 -13.97 15.08 9.12
N ASN A 124 -14.04 15.19 8.92
CA ASN A 124 -13.21 14.97 7.86
CA ASN A 124 -13.28 15.10 7.67
C ASN A 124 -12.05 14.00 8.00
C ASN A 124 -12.13 14.12 7.77
N GLY A 125 -11.25 14.18 9.04
N GLY A 125 -11.34 14.29 8.82
CA GLY A 125 -10.05 13.40 9.24
CA GLY A 125 -10.13 13.53 9.00
C GLY A 125 -10.34 11.92 9.44
C GLY A 125 -10.41 12.07 9.21
N ALA A 126 -11.39 11.61 10.20
N ALA A 126 -11.41 11.76 10.03
CA ALA A 126 -11.73 10.23 10.50
CA ALA A 126 -11.74 10.38 10.35
C ALA A 126 -12.14 9.47 9.23
C ALA A 126 -12.17 9.60 9.10
N ILE A 127 -12.94 10.13 8.40
N ILE A 127 -12.97 10.23 8.26
CA ILE A 127 -13.41 9.56 7.14
CA ILE A 127 -13.45 9.61 7.03
C ILE A 127 -12.26 9.43 6.13
C ILE A 127 -12.32 9.43 6.01
N GLU A 128 -11.40 10.43 6.07
N GLU A 128 -11.49 10.45 5.83
CA GLU A 128 -10.25 10.38 5.17
CA GLU A 128 -10.35 10.36 4.93
C GLU A 128 -9.24 9.33 5.61
C GLU A 128 -9.37 9.29 5.42
N THR A 129 -9.01 9.22 6.91
N THR A 129 -9.11 9.25 6.72
CA THR A 129 -8.00 8.29 7.40
CA THR A 129 -8.12 8.33 7.26
C THR A 129 -8.44 6.85 7.18
C THR A 129 -8.61 6.89 7.12
N VAL A 130 -9.70 6.53 7.49
N VAL A 130 -9.89 6.65 7.40
CA VAL A 130 -10.25 5.20 7.24
CA VAL A 130 -10.47 5.32 7.16
C VAL A 130 -10.14 4.82 5.75
C VAL A 130 -10.33 4.94 5.69
N HIS A 131 -10.43 5.77 4.87
N HIS A 131 -10.51 5.90 4.78
CA HIS A 131 -10.27 5.54 3.44
CA HIS A 131 -10.37 5.63 3.36
C HIS A 131 -8.80 5.27 3.11
C HIS A 131 -8.90 5.28 3.00
N LEU A 132 -7.90 6.06 3.68
N LEU A 132 -7.95 6.04 3.53
CA LEU A 132 -6.46 5.88 3.51
CA LEU A 132 -6.51 5.74 3.35
C LEU A 132 -6.02 4.50 3.97
C LEU A 132 -6.15 4.38 3.87
N ARG A 133 -6.44 4.11 5.16
N ARG A 133 -6.61 4.10 5.07
CA ARG A 133 -6.04 2.84 5.73
CA ARG A 133 -6.37 2.81 5.69
C ARG A 133 -6.53 1.68 4.83
C ARG A 133 -6.94 1.67 4.85
N THR A 134 -7.74 1.82 4.30
N THR A 134 -8.11 1.89 4.26
CA THR A 134 -8.33 0.76 3.48
CA THR A 134 -8.68 0.88 3.37
C THR A 134 -7.61 0.59 2.14
C THR A 134 -7.84 0.61 2.14
N GLN A 135 -7.17 1.69 1.55
N GLN A 135 -7.43 1.68 1.49
CA GLN A 135 -6.34 1.62 0.34
CA GLN A 135 -6.64 1.57 0.27
C GLN A 135 -5.04 0.85 0.60
C GLN A 135 -5.33 0.85 0.56
N LEU A 136 -4.35 1.22 1.67
N LEU A 136 -4.70 1.19 1.67
CA LEU A 136 -3.09 0.58 2.02
CA LEU A 136 -3.43 0.55 2.04
C LEU A 136 -3.30 -0.90 2.32
C LEU A 136 -3.62 -0.95 2.32
N HIS A 137 -4.34 -1.17 3.10
N HIS A 137 -4.72 -1.26 3.00
CA HIS A 137 -4.78 -2.51 3.49
CA HIS A 137 -5.09 -2.62 3.39
C HIS A 137 -4.99 -3.42 2.26
C HIS A 137 -5.25 -3.51 2.15
N GLN A 138 -5.55 -2.84 1.19
N GLN A 138 -5.95 -2.97 1.14
CA GLN A 138 -5.84 -3.61 -0.01
CA GLN A 138 -6.17 -3.68 -0.12
C GLN A 138 -4.61 -3.77 -0.90
C GLN A 138 -4.90 -3.90 -0.92
N ARG A 139 -3.67 -2.84 -0.81
N ARG A 139 -3.99 -2.93 -0.88
CA ARG A 139 -2.39 -2.98 -1.50
CA ARG A 139 -2.72 -3.03 -1.57
C ARG A 139 -1.62 -4.15 -0.92
C ARG A 139 -1.91 -4.18 -1.01
N ILE A 140 -1.55 -4.22 0.41
N ILE A 140 -1.97 -4.32 0.31
CA ILE A 140 -0.81 -5.29 1.06
CA ILE A 140 -1.24 -5.39 0.95
C ILE A 140 -1.44 -6.65 0.72
C ILE A 140 -1.85 -6.73 0.56
N GLU A 141 -2.77 -6.72 0.75
N GLU A 141 -3.17 -6.83 0.53
CA GLU A 141 -3.46 -7.95 0.36
CA GLU A 141 -3.81 -8.09 0.21
C GLU A 141 -3.14 -8.30 -1.09
C GLU A 141 -3.55 -8.52 -1.23
N ARG A 142 -3.35 -7.36 -1.99
N ARG A 142 -3.67 -7.62 -2.20
CA ARG A 142 -3.12 -7.59 -3.42
CA ARG A 142 -3.43 -8.00 -3.60
C ARG A 142 -1.70 -8.06 -3.73
C ARG A 142 -1.97 -8.40 -3.82
N GLU A 143 -0.72 -7.51 -3.01
N GLU A 143 -1.05 -7.73 -3.13
CA GLU A 143 0.67 -7.90 -3.22
CA GLU A 143 0.35 -8.07 -3.27
C GLU A 143 0.92 -9.29 -2.71
C GLU A 143 0.63 -9.45 -2.73
N ARG A 144 0.22 -9.69 -1.65
N ARG A 144 -0.07 -9.81 -1.66
CA ARG A 144 0.40 -11.02 -1.09
CA ARG A 144 0.09 -11.14 -1.09
C ARG A 144 -0.01 -12.08 -2.10
C ARG A 144 -0.41 -12.19 -2.08
N VAL A 145 -1.14 -11.87 -2.76
N VAL A 145 -1.53 -11.89 -2.73
CA VAL A 145 -1.64 -12.83 -3.74
CA VAL A 145 -2.15 -12.78 -3.69
C VAL A 145 -0.66 -12.99 -4.88
C VAL A 145 -1.22 -13.05 -4.86
N VAL A 146 -0.28 -11.86 -5.48
N VAL A 146 -0.67 -11.97 -5.40
CA VAL A 146 0.66 -11.83 -6.59
CA VAL A 146 0.24 -12.05 -6.53
C VAL A 146 1.99 -12.50 -6.20
C VAL A 146 1.53 -12.76 -6.13
N SER A 147 2.49 -12.17 -5.01
N SER A 147 2.04 -12.44 -4.95
CA SER A 147 3.76 -12.69 -4.53
CA SER A 147 3.29 -13.02 -4.46
C SER A 147 3.72 -14.20 -4.32
C SER A 147 3.12 -14.51 -4.20
N GLN A 148 2.55 -14.71 -3.96
N GLN A 148 1.93 -14.93 -3.78
CA GLN A 148 2.39 -16.14 -3.68
CA GLN A 148 1.65 -16.34 -3.51
C GLN A 148 2.46 -16.96 -4.96
C GLN A 148 1.65 -17.21 -4.78
N ILE A 149 1.85 -16.45 -6.02
N ILE A 149 1.10 -16.65 -5.86
CA ILE A 149 1.87 -17.11 -7.33
CA ILE A 149 1.03 -17.33 -7.15
C ILE A 149 3.30 -17.19 -7.86
C ILE A 149 2.41 -17.44 -7.80
N THR A 150 3.97 -16.04 -7.93
N THR A 150 3.19 -16.37 -7.68
CA THR A 150 5.38 -15.99 -8.31
CA THR A 150 4.58 -16.36 -8.12
C THR A 150 6.20 -17.02 -7.56
C THR A 150 5.38 -17.47 -7.46
N GLN A 151 5.94 -17.16 -6.26
N GLN A 151 5.24 -17.60 -6.15
CA GLN A 151 6.69 -18.11 -5.44
CA GLN A 151 5.91 -18.66 -5.40
C GLN A 151 6.42 -19.56 -5.86
C GLN A 151 5.58 -20.04 -5.95
N LYS A 152 5.17 -19.88 -6.21
N LYS A 152 4.30 -20.29 -6.14
CA LYS A 152 4.85 -21.23 -6.64
CA LYS A 152 3.83 -21.56 -6.66
C LYS A 152 5.43 -21.52 -8.02
C LYS A 152 4.45 -21.87 -8.02
N ILE A 153 5.57 -20.49 -8.84
N ILE A 153 4.49 -20.88 -8.90
CA ILE A 153 6.17 -20.67 -10.15
CA ILE A 153 5.11 -21.04 -10.22
C ILE A 153 7.67 -20.93 -10.01
C ILE A 153 6.59 -21.34 -10.08
N HIS A 154 8.32 -20.12 -9.19
N HIS A 154 7.22 -20.65 -9.14
CA HIS A 154 9.75 -20.28 -8.93
CA HIS A 154 8.64 -20.85 -8.86
C HIS A 154 10.08 -21.62 -8.29
C HIS A 154 8.91 -22.26 -8.35
N GLN A 155 9.10 -22.21 -7.61
N GLN A 155 7.91 -22.86 -7.70
CA GLN A 155 9.25 -23.53 -7.00
CA GLN A 155 8.07 -24.18 -7.10
C GLN A 155 8.80 -24.64 -7.95
C GLN A 155 7.68 -25.28 -8.09
N THR A 156 8.44 -24.25 -9.16
N THR A 156 7.21 -24.88 -9.28
CA THR A 156 8.02 -25.18 -10.22
CA THR A 156 6.80 -25.79 -10.35
C THR A 156 6.88 -26.11 -9.80
C THR A 156 5.70 -26.72 -9.84
N LEU A 157 5.95 -25.60 -9.00
N LEU A 157 4.72 -26.16 -9.14
CA LEU A 157 4.80 -26.39 -8.57
CA LEU A 157 3.68 -27.00 -8.58
C LEU A 157 3.86 -26.67 -9.74
C LEU A 157 2.67 -27.24 -9.69
N ASP A 158 2.97 -27.64 -9.54
N ASP A 158 1.72 -28.12 -9.44
CA ASP A 158 2.04 -28.07 -10.59
CA ASP A 158 0.76 -28.53 -10.46
C ASP A 158 1.14 -26.92 -11.02
C ASP A 158 -0.05 -27.30 -10.83
N LEU A 159 0.86 -26.85 -12.32
N LEU A 159 -0.24 -27.10 -12.13
CA LEU A 159 -0.01 -25.79 -12.85
CA LEU A 159 -0.92 -25.91 -12.63
C LEU A 159 -1.38 -25.81 -12.19
C LEU A 159 -2.37 -25.85 -12.13
N GLU A 160 -1.91 -27.00 -11.95
N GLU A 160 -3.07 -26.98 -12.16
CA GLU A 160 -3.24 -27.14 -11.37
CA GLU A 160 -4.44 -27.00 -11.66
C GLU A 160 -3.31 -26.57 -9.95
C GLU A 160 -4.52 -26.55 -10.19
N GLU A 161 -2.19 -26.66 -9.21
N GLU A 161 -3.42 -26.72 -9.46
CA GLU A 161 -2.11 -26.04 -7.89
CA GLU A 161 -3.36 -26.25 -8.07
C GLU A 161 -2.08 -24.52 -8.02
C GLU A 161 -3.12 -24.74 -8.06
N ILE A 162 -1.37 -24.05 -9.03
N ILE A 162 -2.34 -24.27 -9.04
CA ILE A 162 -1.26 -22.63 -9.30
CA ILE A 162 -2.07 -22.85 -9.22
C ILE A 162 -2.60 -22.04 -9.66
C ILE A 162 -3.35 -22.15 -9.63
N LEU A 163 -3.32 -22.72 -10.55
N LEU A 163 -4.05 -22.74 -10.61
CA LEU A 163 -4.64 -22.29 -10.96
CA LEU A 163 -5.35 -22.28 -11.04
C LEU A 163 -5.61 -22.30 -9.77
C LEU A 163 -6.35 -22.25 -9.89
N GLN A 164 -5.52 -23.33 -8.94
N GLN A 164 -6.33 -23.30 -9.07
CA GLN A 164 -6.42 -23.46 -7.79
CA GLN A 164 -7.21 -23.37 -7.90
C GLN A 164 -6.20 -22.35 -6.77
C GLN A 164 -6.99 -22.19 -6.97
N THR A 165 -4.94 -22.09 -6.46
N THR A 165 -5.72 -21.98 -6.62
CA THR A 165 -4.58 -20.98 -5.59
CA THR A 165 -5.31 -20.90 -5.75
C THR A 165 -5.11 -19.66 -6.14
C THR A 165 -5.72 -19.52 -6.27
N THR A 166 -4.85 -19.40 -7.43
N THR A 166 -5.57 -19.29 -7.57
CA THR A 166 -5.28 -18.17 -8.09
CA THR A 166 -5.93 -18.00 -8.15
C THR A 166 -6.78 -17.94 -7.94
C THR A 166 -7.42 -17.79 -8.00
N VAL A 167 -7.56 -18.85 -8.51
N VAL A 167 -8.18 -18.80 -8.40
CA VAL A 167 -9.01 -18.79 -8.46
CA VAL A 167 -9.62 -18.76 -8.36
C VAL A 167 -9.52 -18.64 -7.02
C VAL A 167 -10.16 -18.48 -6.95
N THR A 168 -8.93 -19.36 -6.08
N THR A 168 -9.67 -19.23 -5.96
CA THR A 168 -9.33 -19.25 -4.68
CA THR A 168 -10.13 -19.06 -4.59
C THR A 168 -9.02 -17.87 -4.10
C THR A 168 -9.74 -17.71 -4.01
N GLU A 169 -7.74 -17.48 -4.18
N GLU A 169 -8.47 -17.37 -4.13
CA GLU A 169 -7.29 -16.25 -3.53
CA GLU A 169 -7.94 -16.17 -3.49
C GLU A 169 -7.90 -15.01 -4.17
C GLU A 169 -8.54 -14.90 -4.12
N VAL A 170 -8.10 -15.04 -5.48
N VAL A 170 -8.74 -14.93 -5.43
CA VAL A 170 -8.75 -13.95 -6.18
CA VAL A 170 -9.35 -13.80 -6.14
C VAL A 170 -10.16 -13.72 -5.66
C VAL A 170 -10.77 -13.53 -5.68
N ARG A 171 -10.95 -14.79 -5.59
N ARG A 171 -11.56 -14.57 -5.48
CA ARG A 171 -12.35 -14.68 -5.20
CA ARG A 171 -12.94 -14.38 -5.11
C ARG A 171 -12.49 -14.13 -3.79
C ARG A 171 -13.03 -13.81 -3.70
N GLN A 172 -11.64 -14.60 -2.90
N GLN A 172 -12.21 -14.32 -2.79
CA GLN A 172 -11.61 -14.11 -1.52
CA GLN A 172 -12.10 -13.77 -1.44
C GLN A 172 -11.23 -12.63 -1.45
C GLN A 172 -11.75 -12.29 -1.45
N PHE A 173 -10.25 -12.22 -2.24
N PHE A 173 -10.69 -11.92 -2.16
CA PHE A 173 -9.83 -10.81 -2.25
CA PHE A 173 -10.22 -10.53 -2.19
C PHE A 173 -10.93 -9.91 -2.77
C PHE A 173 -11.29 -9.61 -2.77
N LEU A 174 -11.52 -10.30 -3.89
N LEU A 174 -12.04 -10.13 -3.74
CA LEU A 174 -12.55 -9.49 -4.53
CA LEU A 174 -13.02 -9.32 -4.45
C LEU A 174 -13.88 -9.57 -3.79
C LEU A 174 -14.43 -9.33 -3.85
N GLN A 175 -14.05 -10.60 -2.96
N GLN A 175 -14.69 -10.29 -2.95
CA GLN A 175 -15.33 -10.92 -2.37
CA GLN A 175 -16.06 -10.50 -2.45
C GLN A 175 -16.37 -11.12 -3.46
C GLN A 175 -17.00 -10.72 -3.64
N ALA A 176 -15.98 -11.86 -4.49
N ALA A 176 -16.60 -11.60 -4.54
CA ALA A 176 -16.85 -12.07 -5.63
CA ALA A 176 -17.39 -11.87 -5.74
C ALA A 176 -17.59 -13.38 -5.50
C ALA A 176 -18.27 -13.11 -5.58
N ASP A 177 -18.69 -13.52 -6.22
N ASP A 177 -19.36 -13.17 -6.34
CA ASP A 177 -19.52 -14.70 -6.09
CA ASP A 177 -20.24 -14.32 -6.21
C ASP A 177 -18.92 -15.90 -6.83
C ASP A 177 -19.64 -15.57 -6.84
N ARG A 178 -18.28 -15.65 -7.96
N ARG A 178 -18.91 -15.40 -7.94
CA ARG A 178 -17.72 -16.74 -8.75
CA ARG A 178 -18.30 -16.54 -8.58
C ARG A 178 -16.45 -16.33 -9.51
C ARG A 178 -17.06 -16.12 -9.37
N VAL A 179 -15.49 -17.25 -9.56
N VAL A 179 -16.02 -16.94 -9.29
CA VAL A 179 -14.27 -17.05 -10.34
CA VAL A 179 -14.85 -16.78 -10.13
C VAL A 179 -13.88 -18.37 -11.00
C VAL A 179 -14.48 -18.14 -10.68
N PHE A 180 -13.78 -18.37 -12.34
N PHE A 180 -14.18 -18.19 -11.97
CA PHE A 180 -13.37 -19.60 -13.01
CA PHE A 180 -13.72 -19.45 -12.54
C PHE A 180 -12.38 -19.39 -14.16
C PHE A 180 -12.79 -19.24 -13.74
N VAL A 181 -11.55 -20.41 -14.39
N VAL A 181 -12.22 -20.36 -14.19
CA VAL A 181 -10.65 -20.44 -15.53
CA VAL A 181 -11.31 -20.37 -15.32
C VAL A 181 -11.27 -21.22 -16.70
C VAL A 181 -11.91 -21.13 -16.49
N TYR A 182 -11.45 -20.52 -17.82
N TYR A 182 -11.98 -20.45 -17.62
CA TYR A 182 -12.02 -21.11 -19.04
CA TYR A 182 -12.55 -21.01 -18.83
C TYR A 182 -10.91 -21.48 -20.01
C TYR A 182 -11.42 -21.43 -19.77
N ARG A 183 -10.67 -22.77 -20.23
N ARG A 183 -11.51 -22.63 -20.33
CA ARG A 183 -9.59 -23.20 -21.13
CA ARG A 183 -10.47 -23.12 -21.23
C ARG A 183 -10.10 -23.56 -22.52
C ARG A 183 -11.05 -23.45 -22.59
N PHE A 184 -9.40 -23.05 -23.55
N PHE A 184 -10.36 -23.03 -23.63
CA PHE A 184 -9.76 -23.37 -24.94
CA PHE A 184 -10.79 -23.29 -25.01
C PHE A 184 -9.10 -24.64 -25.44
C PHE A 184 -10.26 -24.62 -25.54
N GLN A 185 -9.88 -25.47 -26.12
N GLN A 185 -11.14 -25.33 -26.21
CA GLN A 185 -9.39 -26.68 -26.75
CA GLN A 185 -10.78 -26.54 -26.90
C GLN A 185 -8.95 -26.36 -28.18
C GLN A 185 -10.21 -26.15 -28.26
N PRO A 186 -8.14 -27.24 -28.80
N PRO A 186 -9.57 -27.09 -28.98
CA PRO A 186 -7.72 -27.03 -30.18
CA PRO A 186 -9.05 -26.68 -30.30
C PRO A 186 -8.87 -26.69 -31.14
C PRO A 186 -10.10 -26.12 -31.26
N ASP A 187 -10.00 -27.41 -31.02
N ASP A 187 -11.31 -26.66 -31.18
CA ASP A 187 -11.13 -27.19 -31.94
CA ASP A 187 -12.38 -26.26 -32.07
C ASP A 187 -11.94 -25.93 -31.60
C ASP A 187 -13.08 -24.97 -31.61
N PHE A 188 -11.27 -24.95 -31.00
N PHE A 188 -12.38 -24.12 -30.87
CA PHE A 188 -11.85 -23.64 -30.70
CA PHE A 188 -12.87 -22.79 -30.49
C PHE A 188 -13.04 -23.68 -29.74
C PHE A 188 -14.15 -22.80 -29.65
N SER A 189 -13.35 -24.86 -29.21
N SER A 189 -14.33 -23.85 -28.86
CA SER A 189 -14.36 -24.99 -28.18
CA SER A 189 -15.50 -23.98 -28.00
C SER A 189 -13.74 -24.72 -26.82
C SER A 189 -15.20 -23.48 -26.58
N GLY A 190 -14.57 -24.57 -25.79
N GLY A 190 -15.01 -24.39 -25.63
CA GLY A 190 -14.06 -24.25 -24.47
CA GLY A 190 -14.71 -24.00 -24.28
C GLY A 190 -14.80 -24.95 -23.35
C GLY A 190 -15.33 -24.82 -23.17
N ILE A 191 -14.08 -25.20 -22.26
N ILE A 191 -14.60 -24.98 -22.07
CA ILE A 191 -14.66 -25.80 -21.08
CA ILE A 191 -15.06 -25.72 -20.89
C ILE A 191 -14.22 -25.07 -19.82
C ILE A 191 -14.55 -25.06 -19.61
N VAL A 192 -15.03 -25.16 -18.77
N VAL A 192 -15.30 -25.23 -18.51
CA VAL A 192 -14.66 -24.60 -17.48
CA VAL A 192 -14.91 -24.68 -17.21
C VAL A 192 -13.79 -25.61 -16.72
C VAL A 192 -14.04 -25.63 -16.39
N VAL A 193 -12.49 -25.31 -16.67
N VAL A 193 -12.74 -25.32 -16.32
CA VAL A 193 -11.50 -26.22 -16.09
CA VAL A 193 -11.77 -26.15 -15.61
C VAL A 193 -11.45 -26.14 -14.56
C VAL A 193 -11.87 -26.12 -14.08
N LEU A 194 -11.73 -24.97 -14.01
N LEU A 194 -11.84 -24.92 -13.50
CA LEU A 194 -11.62 -24.77 -12.57
CA LEU A 194 -11.92 -24.78 -12.04
C LEU A 194 -12.59 -23.68 -12.10
C LEU A 194 -12.91 -23.69 -11.64
N GLU A 195 -13.11 -23.80 -10.89
N GLU A 195 -13.30 -23.68 -10.36
CA GLU A 195 -14.10 -22.86 -10.40
CA GLU A 195 -14.34 -22.76 -9.93
C GLU A 195 -14.17 -22.73 -8.88
C GLU A 195 -14.28 -22.41 -8.44
N SER A 196 -14.31 -21.50 -8.41
N SER A 196 -14.92 -21.29 -8.11
CA SER A 196 -14.62 -21.20 -7.02
CA SER A 196 -15.10 -20.82 -6.74
C SER A 196 -15.95 -20.46 -7.00
C SER A 196 -16.41 -20.05 -6.75
N VAL A 197 -16.91 -20.92 -6.20
N VAL A 197 -17.36 -20.50 -5.95
CA VAL A 197 -18.24 -20.32 -6.25
CA VAL A 197 -18.70 -19.92 -5.99
C VAL A 197 -18.86 -20.22 -4.85
C VAL A 197 -19.22 -19.76 -4.58
N GLY A 198 -19.62 -19.15 -4.62
N GLY A 198 -20.05 -18.73 -4.38
CA GLY A 198 -20.29 -18.94 -3.35
CA GLY A 198 -20.66 -18.48 -3.08
C GLY A 198 -21.76 -19.32 -3.42
C GLY A 198 -22.16 -18.69 -3.01
N ASP A 199 -22.55 -18.83 -2.48
N ASP A 199 -22.78 -18.04 -2.04
CA ASP A 199 -23.96 -19.18 -2.38
CA ASP A 199 -24.20 -18.23 -1.74
C ASP A 199 -24.82 -18.44 -3.40
C ASP A 199 -25.08 -17.75 -2.87
N ASN A 200 -24.46 -17.20 -3.67
N ASN A 200 -24.93 -16.46 -3.19
CA ASN A 200 -25.27 -16.32 -4.50
CA ASN A 200 -25.77 -15.78 -4.16
C ASN A 200 -25.40 -16.81 -5.94
C ASN A 200 -25.74 -16.34 -5.57
N CYS A 201 -24.36 -17.48 -6.43
N CYS A 201 -24.84 -17.28 -5.83
CA CYS A 201 -24.34 -17.95 -7.81
CA CYS A 201 -24.68 -17.79 -7.19
C CYS A 201 -24.46 -19.47 -7.88
C CYS A 201 -24.84 -19.30 -7.35
N VAL A 202 -25.33 -19.94 -8.76
N VAL A 202 -25.66 -19.71 -8.31
CA VAL A 202 -25.44 -21.36 -9.04
CA VAL A 202 -25.79 -21.11 -8.70
C VAL A 202 -24.15 -21.82 -9.73
C VAL A 202 -24.65 -21.52 -9.62
N PRO A 203 -23.53 -22.89 -9.21
N PRO A 203 -23.89 -22.56 -9.24
CA PRO A 203 -22.30 -23.42 -9.81
CA PRO A 203 -22.67 -22.98 -9.95
C PRO A 203 -22.48 -23.80 -11.27
C PRO A 203 -22.87 -23.31 -11.43
N VAL A 204 -21.46 -23.54 -12.08
N VAL A 204 -21.77 -23.32 -12.18
CA VAL A 204 -21.56 -23.71 -13.52
CA VAL A 204 -21.79 -23.55 -13.63
C VAL A 204 -20.59 -24.76 -14.06
C VAL A 204 -20.85 -24.65 -14.12
N ILE A 205 -19.74 -25.28 -13.18
N ILE A 205 -19.92 -25.08 -13.26
CA ILE A 205 -18.69 -26.21 -13.58
CA ILE A 205 -18.83 -25.97 -13.65
C ILE A 205 -19.25 -27.53 -14.09
C ILE A 205 -19.18 -27.32 -14.30
N ASP A 206 -20.39 -27.94 -13.55
N ASP A 206 -20.15 -28.07 -13.77
CA ASP A 206 -20.97 -29.24 -13.88
CA ASP A 206 -20.50 -29.36 -14.35
C ASP A 206 -21.53 -29.28 -15.30
C ASP A 206 -21.48 -29.28 -15.51
N ALA A 207 -22.14 -28.17 -15.73
N ALA A 207 -22.15 -28.15 -15.69
CA ALA A 207 -22.71 -28.09 -17.07
CA ALA A 207 -23.01 -27.99 -16.85
C ALA A 207 -22.16 -26.89 -17.85
C ALA A 207 -22.48 -26.90 -17.78
N GLN A 208 -20.90 -27.00 -18.28
N GLN A 208 -21.51 -27.28 -18.60
CA GLN A 208 -20.26 -25.92 -19.03
CA GLN A 208 -20.83 -26.33 -19.49
C GLN A 208 -20.84 -25.78 -20.43
C GLN A 208 -21.54 -26.34 -20.83
N VAL A 209 -21.36 -26.89 -20.96
N VAL A 209 -21.94 -25.17 -21.29
CA VAL A 209 -21.91 -27.04 -22.31
CA VAL A 209 -22.53 -25.10 -22.61
C VAL A 209 -20.96 -26.58 -23.42
C VAL A 209 -21.39 -24.80 -23.59
N GLU A 210 -21.33 -26.89 -24.66
N GLU A 210 -21.37 -25.52 -24.70
CA GLU A 210 -20.45 -26.70 -25.81
CA GLU A 210 -20.36 -25.29 -25.71
C GLU A 210 -20.38 -25.27 -26.31
C GLU A 210 -20.81 -24.10 -26.54
N ASP A 211 -21.51 -24.57 -26.27
N ASP A 211 -20.08 -23.02 -26.35
CA ASP A 211 -21.62 -23.18 -26.73
CA ASP A 211 -20.36 -21.75 -27.00
C ASP A 211 -21.36 -23.06 -28.23
C ASP A 211 -19.85 -21.71 -28.43
N GLN A 212 -21.33 -21.83 -28.72
N GLN A 212 -20.35 -20.74 -29.18
CA GLN A 212 -20.96 -21.57 -30.12
CA GLN A 212 -19.98 -20.59 -30.58
C GLN A 212 -19.52 -21.06 -30.17
C GLN A 212 -18.59 -19.99 -30.73
N TYR A 213 -18.79 -21.51 -31.18
N TYR A 213 -18.18 -19.85 -31.98
CA TYR A 213 -17.44 -21.02 -31.41
CA TYR A 213 -16.84 -19.39 -32.30
C TYR A 213 -17.44 -19.53 -31.69
C TYR A 213 -16.75 -17.87 -32.28
N PHE A 214 -16.87 -18.75 -30.78
N PHE A 214 -16.66 -17.33 -31.06
CA PHE A 214 -16.85 -17.30 -30.94
CA PHE A 214 -16.57 -15.89 -30.82
C PHE A 214 -15.41 -16.76 -31.00
C PHE A 214 -15.09 -15.53 -30.80
N VAL A 215 -14.46 -17.60 -30.58
N VAL A 215 -14.27 -16.50 -30.42
CA VAL A 215 -13.05 -17.22 -30.62
CA VAL A 215 -12.82 -16.33 -30.38
C VAL A 215 -12.64 -16.76 -32.01
C VAL A 215 -12.30 -15.88 -31.75
N GLU A 216 -12.95 -17.57 -33.01
N GLU A 216 -12.89 -16.40 -32.83
CA GLU A 216 -12.68 -17.22 -34.39
CA GLU A 216 -12.48 -15.99 -34.17
C GLU A 216 -13.45 -15.96 -34.80
C GLU A 216 -12.83 -14.52 -34.48
N THR A 217 -14.65 -15.82 -34.26
N THR A 217 -14.04 -14.08 -34.13
CA THR A 217 -15.54 -14.72 -34.64
CA THR A 217 -14.46 -12.71 -34.44
C THR A 217 -15.18 -13.39 -33.99
C THR A 217 -14.77 -11.80 -33.24
N ARG A 218 -14.87 -13.41 -32.69
N ARG A 218 -15.40 -12.35 -32.20
CA ARG A 218 -14.56 -12.18 -31.96
CA ARG A 218 -15.83 -11.59 -31.03
C ARG A 218 -13.54 -12.34 -30.82
C ARG A 218 -14.83 -11.72 -29.87
N GLY A 219 -12.63 -13.30 -30.97
N GLY A 219 -13.87 -12.64 -30.02
CA GLY A 219 -11.57 -13.48 -30.00
CA GLY A 219 -12.74 -12.74 -29.12
C GLY A 219 -10.41 -12.55 -30.30
C GLY A 219 -11.51 -12.17 -29.78
N GLU A 220 -10.61 -11.68 -31.28
N GLU A 220 -11.75 -11.44 -30.88
CA GLU A 220 -9.61 -10.71 -31.68
CA GLU A 220 -10.72 -10.69 -31.58
C GLU A 220 -9.22 -9.80 -30.52
C GLU A 220 -10.00 -9.81 -30.57
N ASP A 221 -10.22 -9.36 -29.77
N ASP A 221 -10.80 -9.21 -29.70
CA ASP A 221 -9.98 -8.52 -28.60
CA ASP A 221 -10.35 -8.43 -28.57
C ASP A 221 -9.28 -9.34 -27.51
C ASP A 221 -9.63 -9.27 -27.52
N TYR A 222 -9.74 -10.57 -27.31
N TYR A 222 -10.12 -10.49 -27.27
CA TYR A 222 -9.13 -11.45 -26.32
CA TYR A 222 -9.50 -11.36 -26.26
C TYR A 222 -7.70 -11.83 -26.70
C TYR A 222 -8.13 -11.86 -26.69
N ARG A 223 -7.46 -12.08 -27.98
N ARG A 223 -7.99 -12.12 -27.98
CA ARG A 223 -6.12 -12.39 -28.44
CA ARG A 223 -6.70 -12.51 -28.53
C ARG A 223 -5.18 -11.19 -28.28
C ARG A 223 -5.75 -11.33 -28.45
N GLN A 224 -5.75 -9.98 -28.35
N GLN A 224 -6.27 -10.12 -28.66
CA GLN A 224 -4.95 -8.78 -28.22
CA GLN A 224 -5.44 -8.93 -28.60
C GLN A 224 -4.77 -8.36 -26.76
C GLN A 224 -5.40 -8.34 -27.18
N GLY A 225 -5.25 -9.19 -25.84
N GLY A 225 -5.88 -9.13 -26.22
CA GLY A 225 -5.04 -8.95 -24.43
CA GLY A 225 -5.68 -8.85 -24.80
C GLY A 225 -6.02 -8.01 -23.79
C GLY A 225 -6.72 -7.94 -24.18
N ARG A 226 -7.10 -7.68 -24.50
N ARG A 226 -7.68 -7.53 -24.99
CA ARG A 226 -8.12 -6.77 -23.98
CA ARG A 226 -8.73 -6.62 -24.56
C ARG A 226 -9.05 -7.47 -22.99
C ARG A 226 -9.74 -7.34 -23.65
N ILE A 227 -9.51 -6.72 -22.01
N ILE A 227 -10.06 -6.71 -22.53
CA ILE A 227 -10.41 -7.24 -21.00
CA ILE A 227 -10.96 -7.28 -21.53
C ILE A 227 -11.85 -6.84 -21.26
C ILE A 227 -12.37 -6.74 -21.62
N GLN A 228 -12.78 -7.65 -20.78
N GLN A 228 -13.33 -7.49 -21.08
CA GLN A 228 -14.18 -7.30 -20.85
CA GLN A 228 -14.69 -7.00 -20.95
C GLN A 228 -14.70 -7.02 -19.45
C GLN A 228 -15.01 -6.83 -19.47
N ALA A 229 -15.05 -5.76 -19.21
N ALA A 229 -15.60 -5.69 -19.15
CA ALA A 229 -15.58 -5.34 -17.92
CA ALA A 229 -15.91 -5.34 -17.78
C ALA A 229 -17.04 -4.93 -18.06
C ALA A 229 -17.33 -4.84 -17.68
N VAL A 230 -17.93 -5.80 -17.60
N VAL A 230 -18.27 -5.76 -17.46
CA VAL A 230 -19.36 -5.54 -17.66
CA VAL A 230 -19.68 -5.43 -17.41
C VAL A 230 -19.95 -5.47 -16.26
C VAL A 230 -20.18 -5.14 -16.01
N ALA A 231 -20.42 -4.28 -15.89
N ALA A 231 -20.62 -3.91 -15.81
CA ALA A 231 -21.01 -4.05 -14.57
CA ALA A 231 -21.19 -3.51 -14.54
C ALA A 231 -22.42 -4.65 -14.48
C ALA A 231 -22.58 -4.11 -14.35
N ASP A 232 -23.19 -4.47 -15.55
N ASP A 232 -23.39 -4.05 -15.40
CA ASP A 232 -24.56 -4.95 -15.61
CA ASP A 232 -24.77 -4.51 -15.37
C ASP A 232 -24.80 -5.57 -16.99
C ASP A 232 -25.16 -5.00 -16.77
N ILE A 233 -25.13 -6.86 -17.03
N ILE A 233 -25.41 -6.31 -16.91
CA ILE A 233 -25.27 -7.55 -18.31
CA ILE A 233 -25.64 -6.88 -18.25
C ILE A 233 -26.38 -6.97 -19.17
C ILE A 233 -26.82 -6.27 -19.00
N TYR A 234 -27.34 -6.31 -18.55
N TYR A 234 -27.72 -5.61 -18.27
CA TYR A 234 -28.51 -5.80 -19.29
CA TYR A 234 -28.93 -5.06 -18.89
C TYR A 234 -28.24 -4.42 -19.91
C TYR A 234 -28.71 -3.63 -19.41
N THR A 235 -27.28 -3.70 -19.38
N THR A 235 -27.57 -3.05 -19.06
CA THR A 235 -27.00 -2.35 -19.86
CA THR A 235 -27.29 -1.67 -19.45
C THR A 235 -25.67 -2.23 -20.61
C THR A 235 -25.97 -1.55 -20.24
N ALA A 236 -25.19 -3.35 -21.14
N ALA A 236 -25.34 -2.68 -20.50
CA ALA A 236 -23.88 -3.37 -21.79
CA ALA A 236 -24.03 -2.70 -21.15
C ALA A 236 -23.98 -3.65 -23.28
C ALA A 236 -24.16 -2.62 -22.67
N GLY A 237 -25.21 -3.71 -23.80
N GLY A 237 -25.36 -2.85 -23.18
CA GLY A 237 -25.44 -3.92 -25.21
CA GLY A 237 -25.63 -2.72 -24.59
C GLY A 237 -24.93 -5.22 -25.80
C GLY A 237 -25.30 -3.98 -25.37
N LEU A 238 -25.04 -6.31 -25.05
N LEU A 238 -25.39 -5.12 -24.67
CA LEU A 238 -24.65 -7.62 -25.56
CA LEU A 238 -25.07 -6.40 -25.28
C LEU A 238 -25.71 -8.16 -26.52
C LEU A 238 -26.20 -6.91 -26.17
N THR A 239 -25.40 -9.25 -27.21
N THR A 239 -25.86 -7.88 -27.01
CA THR A 239 -26.40 -9.95 -28.02
CA THR A 239 -26.85 -8.53 -27.87
C THR A 239 -27.42 -10.64 -27.10
C THR A 239 -27.71 -9.51 -27.06
N GLU A 240 -28.65 -10.77 -27.57
N GLU A 240 -28.88 -9.86 -27.60
CA GLU A 240 -29.72 -11.43 -26.82
CA GLU A 240 -29.80 -10.74 -26.88
C GLU A 240 -29.29 -12.81 -26.36
C GLU A 240 -29.22 -12.10 -26.57
N CYS A 241 -28.72 -13.56 -27.29
N CYS A 241 -28.40 -12.64 -27.47
CA CYS A 241 -28.22 -14.90 -27.01
CA CYS A 241 -27.83 -13.95 -27.26
C CYS A 241 -27.17 -14.88 -25.90
C CYS A 241 -26.93 -14.01 -26.02
N HIS A 242 -26.40 -13.81 -25.82
N HIS A 242 -26.02 -13.05 -25.88
CA HIS A 242 -25.34 -13.69 -24.82
CA HIS A 242 -25.13 -13.04 -24.74
C HIS A 242 -25.91 -13.38 -23.43
C HIS A 242 -25.90 -12.72 -23.45
N VAL A 243 -26.85 -12.45 -23.38
N VAL A 243 -26.83 -11.77 -23.54
CA VAL A 243 -27.54 -12.10 -22.15
CA VAL A 243 -27.63 -11.34 -22.40
C VAL A 243 -28.30 -13.30 -21.57
C VAL A 243 -28.47 -12.50 -21.88
N ASN A 244 -28.89 -14.09 -22.45
N ASN A 244 -29.11 -13.21 -22.78
CA ASN A 244 -29.63 -15.28 -22.04
CA ASN A 244 -29.90 -14.37 -22.37
C ASN A 244 -28.70 -16.30 -21.40
C ASN A 244 -28.99 -15.43 -21.78
N LEU A 245 -27.54 -16.51 -22.03
N LEU A 245 -27.86 -15.67 -22.46
CA LEU A 245 -26.57 -17.47 -21.53
CA LEU A 245 -26.87 -16.65 -22.00
C LEU A 245 -26.05 -17.07 -20.15
C LEU A 245 -26.37 -16.32 -20.60
N LEU A 246 -25.76 -15.80 -19.98
N LEU A 246 -25.91 -15.09 -20.41
CA LEU A 246 -25.24 -15.31 -18.70
CA LEU A 246 -25.46 -14.66 -19.10
C LEU A 246 -26.31 -15.38 -17.62
C LEU A 246 -26.55 -14.79 -18.05
N ALA A 247 -27.53 -14.98 -17.97
N ALA A 247 -27.79 -14.52 -18.43
CA ALA A 247 -28.63 -14.95 -17.00
CA ALA A 247 -28.92 -14.57 -17.50
C ALA A 247 -29.03 -16.37 -16.58
C ALA A 247 -29.24 -16.00 -17.10
N GLN A 248 -28.95 -17.30 -17.52
N GLN A 248 -28.89 -16.94 -17.95
CA GLN A 248 -29.15 -18.71 -17.22
CA GLN A 248 -29.13 -18.35 -17.68
C GLN A 248 -28.28 -19.17 -16.04
C GLN A 248 -28.16 -18.86 -16.63
N PHE A 249 -27.12 -18.56 -15.89
N PHE A 249 -27.09 -18.12 -16.40
CA PHE A 249 -26.25 -18.88 -14.77
CA PHE A 249 -26.15 -18.46 -15.34
C PHE A 249 -26.22 -17.76 -13.74
C PHE A 249 -26.30 -17.48 -14.18
N HIS A 250 -27.25 -16.91 -13.77
N HIS A 250 -27.32 -16.62 -14.30
CA HIS A 250 -27.44 -15.82 -12.81
CA HIS A 250 -27.69 -15.67 -13.25
C HIS A 250 -26.31 -14.79 -12.81
C HIS A 250 -26.59 -14.64 -13.00
N ILE A 251 -25.46 -14.85 -13.82
N ILE A 251 -25.71 -14.48 -13.99
CA ILE A 251 -24.40 -13.85 -13.96
CA ILE A 251 -24.71 -13.42 -14.00
C ILE A 251 -25.03 -12.47 -14.17
C ILE A 251 -25.38 -12.05 -14.11
N ARG A 252 -24.67 -11.52 -13.32
N ARG A 252 -25.09 -11.16 -13.17
CA ARG A 252 -25.21 -10.17 -13.41
CA ARG A 252 -25.60 -9.80 -13.26
C ARG A 252 -24.10 -9.17 -13.73
C ARG A 252 -24.49 -8.84 -13.66
N ALA A 253 -22.91 -9.44 -13.22
N ALA A 253 -23.30 -9.07 -13.11
CA ALA A 253 -21.72 -8.64 -13.53
CA ALA A 253 -22.10 -8.31 -13.47
C ALA A 253 -20.62 -9.57 -14.03
C ALA A 253 -21.01 -9.28 -13.91
N ASN A 254 -19.90 -9.14 -15.05
N ASN A 254 -20.26 -8.87 -14.92
CA ASN A 254 -18.96 -10.01 -15.74
CA ASN A 254 -19.33 -9.78 -15.57
C ASN A 254 -17.62 -9.33 -15.98
C ASN A 254 -17.97 -9.14 -15.79
N LEU A 255 -16.54 -9.93 -15.49
N LEU A 255 -16.92 -9.75 -15.24
CA LEU A 255 -15.20 -9.41 -15.72
CA LEU A 255 -15.58 -9.25 -15.48
C LEU A 255 -14.32 -10.48 -16.36
C LEU A 255 -14.76 -10.43 -15.99
N VAL A 256 -13.85 -10.20 -17.57
N VAL A 256 -14.34 -10.33 -17.25
CA VAL A 256 -13.13 -11.20 -18.37
CA VAL A 256 -13.63 -11.40 -17.91
C VAL A 256 -11.70 -10.77 -18.70
C VAL A 256 -12.28 -10.94 -18.40
N VAL A 257 -10.73 -11.62 -18.37
N VAL A 257 -11.26 -11.73 -18.09
CA VAL A 257 -9.33 -11.32 -18.66
CA VAL A 257 -9.90 -11.38 -18.47
C VAL A 257 -8.64 -12.50 -19.35
C VAL A 257 -9.31 -12.54 -19.24
N PRO A 258 -8.03 -12.24 -20.52
N PRO A 258 -8.85 -12.28 -20.46
CA PRO A 258 -7.39 -13.30 -21.30
CA PRO A 258 -8.32 -13.35 -21.33
C PRO A 258 -6.13 -13.89 -20.66
C PRO A 258 -7.01 -13.90 -20.80
N ILE A 259 -5.93 -15.18 -20.86
N ILE A 259 -6.81 -15.20 -20.95
CA ILE A 259 -4.70 -15.85 -20.46
CA ILE A 259 -5.59 -15.86 -20.51
C ILE A 259 -3.89 -16.21 -21.68
C ILE A 259 -4.75 -16.24 -21.72
N LEU A 260 -2.83 -15.45 -21.92
N LEU A 260 -3.49 -15.80 -21.72
CA LEU A 260 -2.01 -15.63 -23.12
CA LEU A 260 -2.68 -15.99 -22.91
C LEU A 260 -0.81 -16.53 -22.88
C LEU A 260 -1.49 -16.90 -22.66
N HIS A 261 -0.77 -17.66 -23.59
N HIS A 261 -1.27 -17.76 -23.63
CA HIS A 261 0.42 -18.49 -23.65
CA HIS A 261 -0.16 -18.70 -23.62
C HIS A 261 1.27 -18.02 -24.82
C HIS A 261 0.53 -18.42 -24.93
N ALA A 262 2.29 -17.22 -24.51
N ALA A 262 1.81 -18.06 -24.85
CA ALA A 262 3.08 -16.51 -25.51
CA ALA A 262 2.51 -17.44 -25.97
C ALA A 262 2.16 -15.61 -26.34
C ALA A 262 1.74 -16.17 -26.33
N ASP A 263 1.97 -15.96 -27.61
N ASP A 263 1.24 -16.12 -27.56
CA ASP A 263 1.16 -15.15 -28.50
CA ASP A 263 0.36 -15.03 -27.99
C ASP A 263 -0.23 -15.77 -28.66
C ASP A 263 -1.01 -15.55 -28.42
N ALA A 264 -0.44 -16.92 -28.03
N ALA A 264 -1.37 -16.74 -27.94
CA ALA A 264 -1.67 -17.69 -28.18
CA ALA A 264 -2.63 -17.35 -28.34
C ALA A 264 -2.69 -17.39 -27.08
C ALA A 264 -3.63 -17.30 -27.22
N LEU A 265 -3.97 -17.45 -27.43
N LEU A 265 -4.92 -17.29 -27.56
CA LEU A 265 -5.06 -17.32 -26.47
CA LEU A 265 -5.96 -17.26 -26.55
C LEU A 265 -5.33 -18.67 -25.82
C LEU A 265 -6.19 -18.64 -25.98
N TRP A 266 -4.76 -18.89 -24.65
N TRP A 266 -5.68 -18.85 -24.77
CA TRP A 266 -4.85 -20.18 -23.94
CA TRP A 266 -5.75 -20.14 -24.09
C TRP A 266 -6.16 -20.35 -23.19
C TRP A 266 -7.08 -20.31 -23.39
N GLY A 267 -6.73 -19.23 -22.76
N GLY A 267 -7.53 -19.22 -22.77
CA GLY A 267 -7.94 -19.30 -21.99
CA GLY A 267 -8.77 -19.25 -22.05
C GLY A 267 -8.36 -17.99 -21.38
C GLY A 267 -9.10 -17.93 -21.41
N LEU A 268 -9.29 -18.07 -20.44
N LEU A 268 -9.94 -17.97 -20.39
CA LEU A 268 -9.85 -16.88 -19.82
CA LEU A 268 -10.46 -16.74 -19.78
C LEU A 268 -9.85 -16.99 -18.31
C LEU A 268 -10.53 -16.86 -18.28
N LEU A 269 -9.62 -15.86 -17.66
N LEU A 269 -10.13 -15.80 -17.60
CA LEU A 269 -9.83 -15.73 -16.22
CA LEU A 269 -10.38 -15.67 -16.19
C LEU A 269 -11.06 -14.88 -16.03
C LEU A 269 -11.66 -14.84 -16.03
N VAL A 270 -12.12 -15.47 -15.50
N VAL A 270 -12.63 -15.41 -15.34
CA VAL A 270 -13.42 -14.80 -15.44
CA VAL A 270 -13.96 -14.83 -15.27
C VAL A 270 -13.93 -14.63 -14.02
C VAL A 270 -14.41 -14.54 -13.86
N VAL A 271 -14.47 -13.45 -13.73
N VAL A 271 -14.86 -13.31 -13.63
CA VAL A 271 -15.07 -13.17 -12.43
CA VAL A 271 -15.41 -12.93 -12.34
C VAL A 271 -16.55 -12.83 -12.57
C VAL A 271 -16.89 -12.59 -12.52
N ASN A 272 -17.39 -13.47 -11.76
N ASN A 272 -17.71 -13.06 -11.59
CA ASN A 272 -18.83 -13.20 -11.78
CA ASN A 272 -19.15 -12.85 -11.66
C ASN A 272 -19.38 -12.67 -10.46
C ASN A 272 -19.75 -12.30 -10.38
N GLN A 273 -20.16 -11.59 -10.54
N GLN A 273 -20.74 -11.42 -10.55
CA GLN A 273 -21.04 -11.19 -9.46
CA GLN A 273 -21.62 -11.01 -9.48
C GLN A 273 -22.47 -11.55 -9.89
C GLN A 273 -22.99 -11.51 -9.91
N CYS A 274 -23.14 -12.37 -9.09
N CYS A 274 -23.68 -12.23 -9.02
CA CYS A 274 -24.47 -12.87 -9.43
CA CYS A 274 -24.90 -12.92 -9.40
C CYS A 274 -25.60 -12.32 -8.57
C CYS A 274 -26.14 -12.31 -8.78
N SER A 275 -25.24 -11.69 -7.47
N SER A 275 -25.93 -11.43 -7.80
CA SER A 275 -26.23 -11.13 -6.56
CA SER A 275 -27.03 -10.82 -7.07
C SER A 275 -26.77 -9.80 -7.06
C SER A 275 -27.38 -9.44 -7.59
N ALA A 276 -25.89 -8.99 -7.61
N ALA A 276 -26.36 -8.59 -7.72
CA ALA A 276 -26.22 -7.64 -8.02
CA ALA A 276 -26.57 -7.18 -8.04
C ALA A 276 -25.23 -7.13 -9.07
C ALA A 276 -25.57 -6.69 -9.07
N PRO A 277 -25.57 -6.02 -9.75
N PRO A 277 -25.86 -5.55 -9.73
CA PRO A 277 -24.55 -5.39 -10.59
CA PRO A 277 -24.84 -4.98 -10.61
C PRO A 277 -23.31 -5.00 -9.79
C PRO A 277 -23.62 -4.50 -9.81
N ARG A 278 -22.17 -4.81 -10.47
N ARG A 278 -22.47 -4.40 -10.47
CA ARG A 278 -20.92 -4.46 -9.80
CA ARG A 278 -21.22 -4.04 -9.79
C ARG A 278 -19.94 -3.75 -10.71
C ARG A 278 -20.28 -3.23 -10.65
N GLN A 279 -19.74 -2.46 -10.49
N GLN A 279 -19.91 -2.05 -10.19
CA GLN A 279 -18.75 -1.71 -11.26
CA GLN A 279 -18.97 -1.23 -10.93
C GLN A 279 -17.36 -2.21 -10.89
C GLN A 279 -17.55 -1.69 -10.61
N TRP A 280 -16.63 -2.74 -11.86
N TRP A 280 -16.91 -2.35 -11.58
CA TRP A 280 -15.28 -3.24 -11.60
CA TRP A 280 -15.56 -2.87 -11.37
C TRP A 280 -14.29 -2.08 -11.53
C TRP A 280 -14.52 -1.75 -11.26
N GLN A 281 -13.50 -2.05 -10.45
N GLN A 281 -13.75 -1.75 -10.18
CA GLN A 281 -12.56 -0.96 -10.21
CA GLN A 281 -12.73 -0.74 -9.90
C GLN A 281 -11.22 -1.21 -10.90
C GLN A 281 -11.37 -1.11 -10.49
N PRO A 282 -10.48 -0.13 -11.20
N PRO A 282 -10.57 -0.10 -10.87
CA PRO A 282 -9.14 -0.21 -11.79
CA PRO A 282 -9.20 -0.21 -11.38
C PRO A 282 -8.18 -1.14 -11.05
C PRO A 282 -8.27 -1.17 -10.60
N LEU A 283 -8.09 -1.03 -9.72
N LEU A 283 -8.27 -1.10 -9.27
CA LEU A 283 -7.19 -1.88 -8.93
CA LEU A 283 -7.43 -2.00 -8.48
C LEU A 283 -7.52 -3.35 -9.13
C LEU A 283 -7.79 -3.46 -8.75
N GLU A 284 -8.82 -3.65 -9.21
N GLU A 284 -9.08 -3.71 -8.93
CA GLU A 284 -9.28 -5.02 -9.37
CA GLU A 284 -9.58 -5.06 -9.10
C GLU A 284 -8.91 -5.53 -10.77
C GLU A 284 -9.25 -5.61 -10.48
N ILE A 285 -9.19 -4.72 -11.78
N ILE A 285 -9.47 -4.80 -11.50
CA ILE A 285 -8.83 -5.01 -13.16
CA ILE A 285 -9.15 -5.16 -12.87
C ILE A 285 -7.33 -5.23 -13.33
C ILE A 285 -7.65 -5.40 -13.09
N ASP A 286 -6.52 -4.46 -12.62
N ASP A 286 -6.83 -4.50 -12.57
CA ASP A 286 -5.06 -4.57 -12.73
CA ASP A 286 -5.38 -4.61 -12.72
C ASP A 286 -4.55 -5.85 -12.10
C ASP A 286 -4.86 -5.84 -12.00
N LEU A 287 -5.15 -6.23 -10.97
N LEU A 287 -5.45 -6.17 -10.87
CA LEU A 287 -4.77 -7.47 -10.30
CA LEU A 287 -5.10 -7.42 -10.18
C LEU A 287 -4.99 -8.69 -11.19
C LEU A 287 -5.36 -8.62 -11.08
N LEU A 288 -6.19 -8.81 -11.76
N LEU A 288 -6.52 -8.62 -11.75
CA LEU A 288 -6.50 -9.93 -12.66
CA LEU A 288 -6.90 -9.76 -12.56
C LEU A 288 -5.54 -9.99 -13.84
C LEU A 288 -6.00 -9.93 -13.78
N LYS A 289 -5.30 -8.85 -14.48
N LYS A 289 -5.70 -8.82 -14.46
CA LYS A 289 -4.37 -8.75 -15.59
CA LYS A 289 -4.74 -8.85 -15.56
C LYS A 289 -2.97 -9.23 -15.20
C LYS A 289 -3.38 -9.40 -15.13
N GLU A 290 -2.49 -8.82 -14.03
N GLU A 290 -2.91 -8.96 -13.97
CA GLU A 290 -1.18 -9.25 -13.58
CA GLU A 290 -1.61 -9.40 -13.48
C GLU A 290 -1.16 -10.75 -13.31
C GLU A 290 -1.62 -10.91 -13.25
N LEU A 291 -2.24 -11.27 -12.74
N LEU A 291 -2.66 -11.40 -12.57
CA LEU A 291 -2.35 -12.70 -12.46
CA LEU A 291 -2.82 -12.83 -12.37
C LEU A 291 -2.43 -13.50 -13.75
C LEU A 291 -2.92 -13.59 -13.70
N ALA A 292 -3.17 -12.97 -14.72
N ALA A 292 -3.69 -13.05 -14.63
CA ALA A 292 -3.24 -13.58 -16.05
CA ALA A 292 -3.84 -13.65 -15.95
C ALA A 292 -1.83 -13.72 -16.62
C ALA A 292 -2.50 -13.86 -16.63
N THR A 293 -1.08 -12.63 -16.57
N THR A 293 -1.62 -12.88 -16.48
CA THR A 293 0.30 -12.61 -17.06
CA THR A 293 -0.29 -12.97 -17.08
C THR A 293 1.16 -13.67 -16.37
C THR A 293 0.56 -14.03 -16.36
N GLN A 294 0.95 -13.86 -15.07
N GLN A 294 0.40 -14.13 -15.05
CA GLN A 294 1.70 -14.86 -14.33
CA GLN A 294 1.12 -15.15 -14.28
C GLN A 294 1.28 -16.26 -14.71
C GLN A 294 0.69 -16.57 -14.67
N LEU A 295 0.00 -16.43 -15.05
N LEU A 295 -0.62 -16.77 -14.87
CA LEU A 295 -0.47 -17.74 -15.45
CA LEU A 295 -1.09 -18.07 -15.36
C LEU A 295 0.18 -18.11 -16.77
C LEU A 295 -0.50 -18.34 -16.72
N GLY A 296 0.29 -17.12 -17.66
N GLY A 296 -0.33 -17.28 -17.51
CA GLY A 296 1.02 -17.29 -18.91
CA GLY A 296 0.32 -17.41 -18.81
C GLY A 296 2.46 -17.72 -18.66
C GLY A 296 1.74 -17.87 -18.63
N ILE A 297 3.12 -17.08 -17.71
N ILE A 297 2.43 -17.34 -17.62
CA ILE A 297 4.51 -17.42 -17.41
CA ILE A 297 3.80 -17.75 -17.35
C ILE A 297 4.62 -18.87 -16.97
C ILE A 297 3.79 -19.16 -16.78
N ALA A 298 3.72 -19.28 -16.08
N ALA A 298 2.74 -19.48 -16.03
CA ALA A 298 3.66 -20.66 -15.61
CA ALA A 298 2.57 -20.83 -15.48
C ALA A 298 3.37 -21.62 -16.77
C ALA A 298 2.38 -21.85 -16.61
N LEU A 299 2.50 -21.22 -17.68
N LEU A 299 1.53 -21.50 -17.57
CA LEU A 299 2.17 -22.04 -18.85
CA LEU A 299 1.26 -22.36 -18.72
C LEU A 299 3.39 -22.28 -19.73
C LEU A 299 2.52 -22.63 -19.55
N GLN A 300 4.20 -21.24 -19.90
N GLN A 300 3.36 -21.61 -19.69
CA GLN A 300 5.40 -21.34 -20.72
CA GLN A 300 4.61 -21.72 -20.44
C GLN A 300 6.40 -22.27 -20.04
C GLN A 300 5.57 -22.70 -19.77
N GLN A 301 6.49 -22.18 -18.73
N GLN A 301 5.65 -22.63 -18.45
CA GLN A 301 7.38 -23.04 -17.97
CA GLN A 301 6.51 -23.51 -17.68
C GLN A 301 7.00 -24.49 -18.10
C GLN A 301 6.15 -24.97 -17.87
N ALA A 302 5.70 -24.76 -18.08
N ALA A 302 4.84 -25.25 -17.95
CA ALA A 302 5.18 -26.12 -18.18
CA ALA A 302 4.33 -26.60 -18.12
C ALA A 302 5.46 -26.70 -19.56
C ALA A 302 4.52 -27.14 -19.54
N GLU A 303 5.29 -25.89 -20.60
N GLU A 303 4.48 -26.26 -20.53
CA GLU A 303 5.58 -26.32 -21.96
CA GLU A 303 4.69 -26.66 -21.92
C GLU A 303 7.07 -26.62 -22.14
C GLU A 303 6.17 -26.91 -22.21
N LEU A 304 7.91 -25.65 -21.77
N LEU A 304 7.03 -26.10 -21.61
CA LEU A 304 9.36 -25.80 -21.90
CA LEU A 304 8.47 -26.26 -21.81
C LEU A 304 9.89 -26.95 -21.05
C LEU A 304 8.98 -27.56 -21.17
N TYR A 305 9.15 -27.29 -20.01
N TYR A 305 8.28 -28.04 -20.16
CA TYR A 305 9.51 -28.39 -19.13
CA TYR A 305 8.64 -29.29 -19.50
C TYR A 305 9.15 -29.74 -19.76
C TYR A 305 8.14 -30.49 -20.32
N GLN A 306 8.00 -29.77 -20.44
N GLN A 306 7.20 -30.24 -21.23
CA GLN A 306 7.52 -31.00 -21.08
CA GLN A 306 6.59 -31.31 -22.03
C GLN A 306 8.44 -31.47 -22.20
C GLN A 306 7.56 -31.99 -23.01
N GLN A 307 8.88 -30.53 -23.03
N GLN A 307 8.22 -31.22 -23.86
CA GLN A 307 9.72 -30.86 -24.18
CA GLN A 307 9.18 -31.83 -24.78
C GLN A 307 11.07 -31.44 -23.75
C GLN A 307 10.33 -32.47 -24.01
N ALA A 308 11.41 -31.28 -22.48
N ALA A 308 10.77 -31.79 -22.96
CA ALA A 308 12.62 -31.87 -21.92
CA ALA A 308 11.85 -32.29 -22.10
C ALA A 308 12.32 -33.22 -21.28
C ALA A 308 11.38 -33.47 -21.24
N GLN B 3 11.12 3.15 23.59
N GLN B 3 10.57 3.21 22.94
CA GLN B 3 11.04 4.57 23.29
CA GLN B 3 10.69 4.63 22.60
C GLN B 3 11.86 4.90 22.04
C GLN B 3 11.54 4.82 21.36
N THR B 4 11.21 5.52 21.05
N THR B 4 10.91 5.18 20.23
CA THR B 4 11.85 5.86 19.78
CA THR B 4 11.65 5.44 19.00
C THR B 4 12.09 7.36 19.65
C THR B 4 12.10 6.90 18.95
N SER B 5 13.11 7.73 18.88
N SER B 5 12.86 7.26 17.93
CA SER B 5 13.53 9.12 18.77
CA SER B 5 13.37 8.61 17.79
C SER B 5 12.84 9.87 17.63
C SER B 5 12.54 9.44 16.80
N ARG B 6 12.42 11.11 17.91
N ARG B 6 12.36 10.73 17.12
CA ARG B 6 11.80 11.96 16.89
CA ARG B 6 11.59 11.65 16.27
C ARG B 6 12.54 13.30 16.75
C ARG B 6 12.24 13.02 16.19
N VAL B 7 12.40 13.90 15.57
N VAL B 7 12.31 13.57 14.99
CA VAL B 7 12.95 15.22 15.34
CA VAL B 7 12.81 14.92 14.83
C VAL B 7 11.82 16.18 15.00
C VAL B 7 11.63 15.86 14.63
N LEU B 8 11.70 17.26 15.76
N LEU B 8 11.52 16.83 15.52
CA LEU B 8 10.62 18.20 15.55
CA LEU B 8 10.39 17.73 15.50
C LEU B 8 11.15 19.62 15.35
C LEU B 8 10.93 19.14 15.30
N LEU B 9 10.57 20.33 14.38
N LEU B 9 10.42 19.84 14.30
CA LEU B 9 10.97 21.68 14.04
CA LEU B 9 10.81 21.21 14.01
C LEU B 9 9.89 22.68 14.44
C LEU B 9 9.74 22.18 14.50
N ILE B 10 10.18 23.51 15.43
N ILE B 10 10.13 23.11 15.38
CA ILE B 10 9.27 24.56 15.85
CA ILE B 10 9.23 24.14 15.87
C ILE B 10 9.58 25.88 15.13
C ILE B 10 9.52 25.47 15.20
N ILE B 11 8.60 26.39 14.40
N ILE B 11 8.52 26.06 14.57
CA ILE B 11 8.74 27.67 13.73
CA ILE B 11 8.70 27.33 13.89
C ILE B 11 7.74 28.68 14.30
C ILE B 11 7.74 28.36 14.51
N ASP B 12 8.23 29.53 15.20
N ASP B 12 8.27 29.23 15.36
CA ASP B 12 7.39 30.50 15.88
CA ASP B 12 7.48 30.18 16.13
C ASP B 12 8.29 31.67 16.28
C ASP B 12 8.40 31.30 16.61
N ASP B 13 7.83 32.90 16.12
N ASP B 13 7.97 32.55 16.47
CA ASP B 13 8.71 34.03 16.37
CA ASP B 13 8.84 33.69 16.78
C ASP B 13 8.58 34.55 17.79
C ASP B 13 8.87 34.07 18.26
N SER B 14 7.91 33.79 18.65
N SER B 14 8.08 33.39 19.06
CA SER B 14 7.88 34.08 20.07
CA SER B 14 8.08 33.59 20.50
C SER B 14 8.75 33.07 20.82
C SER B 14 8.96 32.53 21.18
N PRO B 15 9.91 33.52 21.33
N PRO B 15 10.12 32.96 21.73
CA PRO B 15 10.83 32.57 21.99
CA PRO B 15 11.02 31.99 22.36
C PRO B 15 10.20 31.89 23.20
C PRO B 15 10.36 31.25 23.51
N GLU B 16 9.30 32.58 23.88
N GLU B 16 9.40 31.90 24.16
CA GLU B 16 8.62 32.01 25.04
CA GLU B 16 8.71 31.29 25.30
C GLU B 16 7.58 30.98 24.64
C GLU B 16 7.76 30.19 24.85
N ASP B 17 7.03 31.13 23.44
N ASP B 17 6.95 30.46 23.83
CA ASP B 17 6.09 30.15 22.94
CA ASP B 17 6.07 29.43 23.29
C ASP B 17 6.85 28.89 22.52
C ASP B 17 6.86 28.22 22.82
N ARG B 18 7.99 29.09 21.88
N ARG B 18 8.02 28.47 22.21
CA ARG B 18 8.83 27.97 21.46
CA ARG B 18 8.86 27.38 21.74
C ARG B 18 9.30 27.17 22.67
C ARG B 18 9.28 26.57 22.95
N GLU B 19 9.52 27.85 23.79
N GLU B 19 9.69 27.26 24.00
CA GLU B 19 9.99 27.18 25.00
CA GLU B 19 10.09 26.57 25.23
C GLU B 19 8.87 26.40 25.68
C GLU B 19 8.92 25.81 25.84
N LEU B 20 7.65 26.94 25.61
N LEU B 20 7.74 26.42 25.88
CA LEU B 20 6.49 26.27 26.17
CA LEU B 20 6.54 25.74 26.32
C LEU B 20 6.18 24.96 25.45
C LEU B 20 6.29 24.43 25.56
N TYR B 21 6.36 24.95 24.13
N TYR B 21 6.34 24.49 24.23
CA TYR B 21 6.06 23.76 23.34
CA TYR B 21 6.06 23.31 23.41
C TYR B 21 7.15 22.71 23.53
C TYR B 21 7.16 22.28 23.63
N ARG B 22 8.41 23.16 23.60
N ARG B 22 8.41 22.75 23.72
CA ARG B 22 9.51 22.27 23.92
CA ARG B 22 9.53 21.86 24.01
C ARG B 22 9.25 21.54 25.24
C ARG B 22 9.31 21.10 25.32
N ARG B 23 8.88 22.29 26.27
N ARG B 23 8.85 21.79 26.36
CA ARG B 23 8.52 21.68 27.56
CA ARG B 23 8.59 21.12 27.64
C ARG B 23 7.38 20.68 27.40
C ARG B 23 7.49 20.09 27.49
N TYR B 24 6.33 21.08 26.68
N TYR B 24 6.45 20.43 26.73
CA TYR B 24 5.17 20.23 26.46
CA TYR B 24 5.33 19.52 26.52
C TYR B 24 5.56 18.93 25.76
C TYR B 24 5.72 18.21 25.83
N LEU B 25 6.41 19.03 24.74
N LEU B 25 6.55 18.29 24.80
CA LEU B 25 6.87 17.87 24.00
CA LEU B 25 6.97 17.11 24.04
C LEU B 25 7.61 16.86 24.88
C LEU B 25 7.83 16.13 24.83
N LEU B 26 8.47 17.36 25.77
N LEU B 26 8.59 16.62 25.80
CA LEU B 26 9.29 16.48 26.60
CA LEU B 26 9.42 15.77 26.64
C LEU B 26 8.49 15.74 27.68
C LEU B 26 8.55 14.90 27.55
N ARG B 27 7.25 16.17 27.89
N ARG B 27 7.39 15.43 27.93
CA ARG B 27 6.37 15.50 28.84
CA ARG B 27 6.45 14.76 28.80
C ARG B 27 5.88 14.16 28.29
C ARG B 27 5.78 13.56 28.10
N ASP B 28 6.13 13.94 27.00
N ASP B 28 6.13 13.35 26.84
CA ASP B 28 5.74 12.69 26.34
CA ASP B 28 5.66 12.20 26.06
C ASP B 28 6.74 11.58 26.64
C ASP B 28 6.53 10.96 26.29
N ARG B 29 6.25 10.52 27.28
N ARG B 29 5.94 9.93 26.91
CA ARG B 29 7.10 9.39 27.66
CA ARG B 29 6.66 8.69 27.21
C ARG B 29 7.27 8.42 26.51
C ARG B 29 6.92 7.84 25.97
N ASP B 30 6.28 8.37 25.63
N ASP B 30 6.06 7.95 24.97
CA ASP B 30 6.29 7.47 24.48
CA ASP B 30 6.14 7.11 23.77
C ASP B 30 7.47 7.75 23.55
C ASP B 30 7.39 7.38 22.92
N HIS B 31 7.82 9.01 23.37
N HIS B 31 7.91 8.60 22.98
CA HIS B 31 8.86 9.38 22.41
CA HIS B 31 8.97 8.97 22.06
C HIS B 31 9.94 10.28 22.99
C HIS B 31 10.09 9.79 22.69
N SER B 32 11.11 10.24 22.37
N SER B 32 11.23 9.81 22.00
CA SER B 32 12.21 11.15 22.71
CA SER B 32 12.32 10.70 22.34
C SER B 32 12.40 12.16 21.59
C SER B 32 12.41 11.70 21.21
N TYR B 33 12.35 13.44 21.92
N TYR B 33 12.24 12.98 21.53
CA TYR B 33 12.35 14.48 20.90
CA TYR B 33 12.18 14.01 20.51
C TYR B 33 13.64 15.29 20.82
C TYR B 33 13.46 14.81 20.42
N THR B 34 14.18 15.36 19.61
N THR B 34 14.05 14.84 19.24
CA THR B 34 15.22 16.33 19.28
CA THR B 34 15.09 15.81 18.92
C THR B 34 14.51 17.55 18.69
C THR B 34 14.36 17.05 18.41
N VAL B 35 14.52 18.66 19.43
N VAL B 35 14.58 18.18 19.06
CA VAL B 35 13.76 19.84 19.03
CA VAL B 35 13.83 19.38 18.71
C VAL B 35 14.63 20.92 18.39
C VAL B 35 14.66 20.46 18.05
N LEU B 36 14.25 21.30 17.17
N LEU B 36 14.29 20.81 16.82
CA LEU B 36 14.91 22.37 16.43
CA LEU B 36 14.88 21.92 16.09
C LEU B 36 14.00 23.60 16.38
C LEU B 36 14.01 23.18 16.16
N GLU B 37 14.59 24.78 16.37
N GLU B 37 14.63 24.35 16.22
CA GLU B 37 13.82 26.02 16.50
CA GLU B 37 13.91 25.60 16.40
C GLU B 37 14.17 27.05 15.43
C GLU B 37 14.26 26.65 15.36
N ALA B 38 13.16 27.78 14.96
N ALA B 38 13.26 27.45 14.99
CA ALA B 38 13.38 28.93 14.09
CA ALA B 38 13.47 28.60 14.13
C ALA B 38 12.37 30.01 14.42
C ALA B 38 12.49 29.68 14.54
N GLY B 39 12.76 31.27 14.21
N GLY B 39 12.95 30.93 14.51
CA GLY B 39 11.90 32.41 14.52
CA GLY B 39 12.14 32.07 14.90
C GLY B 39 11.43 33.09 13.27
C GLY B 39 11.56 32.76 13.69
N LEU B 40 11.94 32.63 12.12
N LEU B 40 11.96 32.31 12.51
CA LEU B 40 11.58 33.21 10.84
CA LEU B 40 11.51 32.93 11.26
C LEU B 40 11.20 32.10 9.87
C LEU B 40 11.13 31.86 10.25
N GLY B 41 10.24 32.39 8.99
N GLY B 41 10.19 32.20 9.37
CA GLY B 41 9.82 31.44 7.97
CA GLY B 41 9.77 31.30 8.31
C GLY B 41 10.97 30.96 7.09
C GLY B 41 10.90 30.83 7.40
N ARG B 42 11.83 31.89 6.70
N ARG B 42 11.70 31.78 6.91
CA ARG B 42 12.96 31.57 5.82
CA ARG B 42 12.79 31.46 6.01
C ARG B 42 13.97 30.62 6.50
C ARG B 42 13.76 30.42 6.57
N ARG B 43 14.22 30.84 7.79
N ARG B 43 14.10 30.53 7.85
CA ARG B 43 15.11 29.96 8.54
CA ARG B 43 15.02 29.58 8.45
C ARG B 43 14.45 28.62 8.75
C ARG B 43 14.29 28.25 8.67
N GLY B 44 13.13 28.64 8.95
N GLY B 44 13.01 28.34 9.03
CA GLY B 44 12.38 27.41 9.13
CA GLY B 44 12.16 27.17 9.13
C GLY B 44 12.42 26.55 7.87
C GLY B 44 12.22 26.35 7.86
N LEU B 45 12.42 27.19 6.72
N LEU B 45 12.03 27.01 6.73
CA LEU B 45 12.50 26.48 5.45
CA LEU B 45 12.12 26.38 5.42
C LEU B 45 13.84 25.76 5.29
C LEU B 45 13.50 25.75 5.21
N GLU B 46 14.93 26.44 5.60
N GLU B 46 14.55 26.46 5.60
CA GLU B 46 16.26 25.87 5.40
CA GLU B 46 15.90 25.93 5.46
C GLU B 46 16.52 24.75 6.41
C GLU B 46 16.12 24.69 6.32
N LEU B 47 15.92 24.85 7.59
N LEU B 47 15.69 24.73 7.58
CA LEU B 47 16.08 23.79 8.59
CA LEU B 47 15.84 23.59 8.49
C LEU B 47 15.28 22.54 8.19
C LEU B 47 15.01 22.41 8.02
N TRP B 48 14.14 22.76 7.55
N TRP B 48 13.80 22.70 7.55
CA TRP B 48 13.36 21.66 7.01
CA TRP B 48 12.97 21.68 6.92
C TRP B 48 14.16 20.94 5.93
C TRP B 48 13.73 20.95 5.81
N GLN B 49 14.76 21.71 5.02
N GLN B 49 14.28 21.72 4.87
CA GLN B 49 15.57 21.17 3.93
CA GLN B 49 14.94 21.17 3.68
C GLN B 49 16.78 20.37 4.45
C GLN B 49 16.22 20.41 4.02
N GLN B 50 17.45 20.92 5.45
N GLN B 50 16.87 20.74 5.12
CA GLN B 50 18.66 20.29 5.99
CA GLN B 50 18.12 20.08 5.49
C GLN B 50 18.39 19.12 6.96
C GLN B 50 17.89 18.89 6.42
N HIS B 51 17.28 19.16 7.68
N HIS B 51 16.81 18.91 7.21
CA HIS B 51 17.06 18.15 8.73
CA HIS B 51 16.64 17.89 8.24
C HIS B 51 15.97 17.12 8.46
C HIS B 51 15.47 16.91 8.07
N HIS B 52 15.08 17.41 7.50
N HIS B 52 14.58 17.16 7.13
CA HIS B 52 13.92 16.55 7.23
CA HIS B 52 13.43 16.27 6.90
C HIS B 52 13.28 16.02 8.51
C HIS B 52 12.80 15.85 8.22
N PRO B 53 12.82 16.92 9.39
N PRO B 53 12.36 16.81 9.05
CA PRO B 53 12.23 16.48 10.67
CA PRO B 53 11.81 16.42 10.35
C PRO B 53 10.96 15.68 10.47
C PRO B 53 10.54 15.61 10.20
N ASP B 54 10.58 14.93 11.50
N ASP B 54 10.24 14.80 11.21
CA ASP B 54 9.40 14.06 11.43
CA ASP B 54 9.06 13.95 11.20
C ASP B 54 8.10 14.86 11.60
C ASP B 54 7.79 14.78 11.32
N ALA B 55 8.20 16.06 12.16
N ALA B 55 7.89 15.91 12.01
CA ALA B 55 7.03 16.91 12.34
CA ALA B 55 6.74 16.79 12.17
C ALA B 55 7.44 18.37 12.46
C ALA B 55 7.20 18.22 12.33
N VAL B 56 6.57 19.25 12.01
N VAL B 56 6.29 19.13 12.02
CA VAL B 56 6.80 20.68 12.08
CA VAL B 56 6.53 20.53 12.06
C VAL B 56 5.62 21.42 12.71
C VAL B 56 5.39 21.22 12.81
N LEU B 57 5.89 22.22 13.73
N LEU B 57 5.73 21.97 13.84
CA LEU B 57 4.90 23.14 14.27
CA LEU B 57 4.78 22.85 14.50
C LEU B 57 5.09 24.50 13.65
C LEU B 57 4.95 24.25 13.97
N LEU B 58 4.05 24.98 12.98
N LEU B 58 3.93 24.76 13.31
CA LEU B 58 4.20 26.20 12.19
CA LEU B 58 4.07 26.01 12.59
C LEU B 58 3.28 27.34 12.65
C LEU B 58 3.15 27.12 13.11
N ASP B 59 3.89 28.39 13.17
N ASP B 59 3.77 28.19 13.59
CA ASP B 59 3.18 29.60 13.57
CA ASP B 59 3.07 29.40 14.00
C ASP B 59 2.47 30.21 12.36
C ASP B 59 2.49 30.06 12.75
N TYR B 60 1.16 30.47 12.50
N TYR B 60 1.18 30.29 12.69
CA TYR B 60 0.34 30.99 11.40
CA TYR B 60 0.59 30.94 11.51
C TYR B 60 0.75 32.40 10.97
C TYR B 60 1.15 32.35 11.29
N ARG B 61 1.47 33.11 11.83
N ARG B 61 1.46 33.06 12.37
CA ARG B 61 1.86 34.48 11.55
CA ARG B 61 1.90 34.45 12.25
C ARG B 61 3.30 34.75 12.00
C ARG B 61 3.37 34.62 12.63
N LEU B 62 4.21 34.81 11.04
N LEU B 62 4.22 34.63 11.61
CA LEU B 62 5.62 35.09 11.31
CA LEU B 62 5.66 34.89 11.74
C LEU B 62 5.97 36.48 10.79
C LEU B 62 5.98 36.27 11.18
N PRO B 63 7.18 36.98 11.08
N PRO B 63 7.11 36.86 11.57
CA PRO B 63 7.42 38.33 10.55
CA PRO B 63 7.42 38.20 11.04
C PRO B 63 7.68 38.38 9.05
C PRO B 63 7.53 38.25 9.52
N ASP B 64 8.02 37.26 8.42
N ASP B 64 8.05 37.19 8.90
CA ASP B 64 8.40 37.29 7.01
CA ASP B 64 8.31 37.20 7.47
C ASP B 64 7.43 36.55 6.12
C ASP B 64 7.26 36.51 6.62
N LEU B 65 6.74 35.56 6.68
N LEU B 65 6.62 35.50 7.18
CA LEU B 65 5.76 34.77 5.95
CA LEU B 65 5.62 34.70 6.44
C LEU B 65 4.56 34.47 6.84
C LEU B 65 4.35 34.46 7.26
N ASP B 66 3.40 34.22 6.24
N ASP B 66 3.18 34.55 6.62
CA ASP B 66 2.34 33.60 7.02
CA ASP B 66 2.00 33.98 7.27
C ASP B 66 2.39 32.10 6.78
C ASP B 66 1.99 32.51 6.93
N GLY B 67 1.51 31.36 7.46
N GLY B 67 1.32 31.70 7.75
CA GLY B 67 1.55 29.91 7.42
CA GLY B 67 1.32 30.26 7.59
C GLY B 67 1.29 29.34 6.04
C GLY B 67 0.93 29.77 6.21
N LEU B 68 0.40 29.99 5.31
N LEU B 68 0.01 30.46 5.57
CA LEU B 68 0.06 29.58 3.95
CA LEU B 68 -0.41 30.08 4.22
C LEU B 68 1.23 29.78 2.99
C LEU B 68 0.72 30.30 3.22
N GLU B 69 1.82 30.98 3.03
N GLU B 69 1.40 31.44 3.33
CA GLU B 69 2.98 31.28 2.19
CA GLU B 69 2.55 31.73 2.48
C GLU B 69 4.10 30.27 2.43
C GLU B 69 3.65 30.71 2.70
N PHE B 70 4.34 29.95 3.70
N PHE B 70 3.78 30.21 3.92
CA PHE B 70 5.35 28.98 4.07
CA PHE B 70 4.82 29.23 4.23
C PHE B 70 5.10 27.60 3.46
C PHE B 70 4.53 27.94 3.48
N LEU B 71 3.84 27.15 3.51
N LEU B 71 3.31 27.42 3.62
CA LEU B 71 3.47 25.86 2.94
CA LEU B 71 2.89 26.21 2.90
C LEU B 71 3.66 25.86 1.42
C LEU B 71 3.07 26.33 1.38
N ALA B 72 3.27 26.95 0.79
N ALA B 72 2.76 27.49 0.83
CA ALA B 72 3.46 27.13 -0.65
CA ALA B 72 2.85 27.74 -0.60
C ALA B 72 4.94 27.02 -1.04
C ALA B 72 4.31 27.81 -1.08
N LYS B 73 5.81 27.70 -0.29
N LYS B 73 5.23 28.10 -0.16
CA LYS B 73 7.25 27.66 -0.54
CA LYS B 73 6.63 28.18 -0.51
C LYS B 73 7.82 26.28 -0.24
C LYS B 73 7.28 26.82 -0.30
N LEU B 74 7.19 25.59 0.70
N LEU B 74 6.49 25.86 0.16
CA LEU B 74 7.49 24.19 0.92
CA LEU B 74 6.96 24.48 0.22
C LEU B 74 7.22 23.38 -0.32
C LEU B 74 6.67 23.69 -1.04
N GLN B 75 8.27 22.88 -0.95
N GLN B 75 7.72 23.12 -1.61
CA GLN B 75 8.13 21.93 -2.03
CA GLN B 75 7.60 22.11 -2.66
C GLN B 75 8.72 20.60 -1.57
C GLN B 75 8.19 20.90 -1.99
N PRO B 76 7.91 19.54 -1.64
N PRO B 76 7.50 19.77 -2.03
CA PRO B 76 8.38 18.21 -1.23
CA PRO B 76 8.06 18.57 -1.40
C PRO B 76 9.00 17.54 -2.44
C PRO B 76 8.85 17.78 -2.43
N GLN B 79 9.36 11.59 -4.15
N GLN B 79 10.06 11.76 -4.06
CA GLN B 79 8.27 10.59 -4.21
CA GLN B 79 8.92 10.92 -4.46
C GLN B 79 6.88 11.13 -3.77
C GLN B 79 7.65 11.73 -4.72
N GLN B 80 6.53 12.31 -4.30
N GLN B 80 6.66 11.50 -3.87
CA GLN B 80 5.24 12.96 -4.02
CA GLN B 80 5.43 12.28 -3.83
C GLN B 80 4.93 13.04 -2.51
C GLN B 80 5.05 12.49 -2.37
N PRO B 81 5.86 13.60 -1.72
N PRO B 81 5.79 13.37 -1.69
CA PRO B 81 5.76 13.53 -0.27
CA PRO B 81 5.73 13.50 -0.23
C PRO B 81 4.60 14.34 0.31
C PRO B 81 4.54 14.29 0.27
N TYR B 82 4.38 14.15 1.60
N TYR B 82 4.29 14.13 1.56
CA TYR B 82 3.29 14.78 2.30
CA TYR B 82 3.17 14.76 2.22
C TYR B 82 3.86 15.43 3.56
C TYR B 82 3.71 15.52 3.42
N LEU B 83 3.42 16.64 3.85
N LEU B 83 3.10 16.66 3.73
CA LEU B 83 4.07 17.47 4.86
CA LEU B 83 3.64 17.57 4.73
C LEU B 83 3.53 17.22 6.26
C LEU B 83 3.08 17.33 6.15
N PRO B 84 4.38 16.77 7.18
N PRO B 84 3.94 16.89 7.07
CA PRO B 84 3.99 16.56 8.58
CA PRO B 84 3.56 16.66 8.46
C PRO B 84 3.90 17.88 9.34
C PRO B 84 3.53 17.96 9.27
N VAL B 85 3.10 18.80 8.83
N VAL B 85 2.74 18.90 8.79
CA VAL B 85 3.03 20.14 9.37
CA VAL B 85 2.62 20.20 9.42
C VAL B 85 1.76 20.35 10.21
C VAL B 85 1.38 20.32 10.30
N ILE B 86 1.96 20.82 11.44
N ILE B 86 1.59 20.83 11.51
CA ILE B 86 0.86 21.23 12.29
CA ILE B 86 0.49 21.23 12.37
C ILE B 86 0.87 22.75 12.43
C ILE B 86 0.52 22.75 12.49
N MET B 87 -0.16 23.40 11.89
N MET B 87 -0.52 23.39 11.97
CA MET B 87 -0.26 24.84 11.98
CA MET B 87 -0.65 24.85 12.04
C MET B 87 -0.74 25.25 13.36
C MET B 87 -1.04 25.24 13.45
N ILE B 88 -0.23 26.36 13.87
N ILE B 88 -0.36 26.24 14.00
CA ILE B 88 -0.71 26.91 15.13
CA ILE B 88 -0.81 26.81 15.27
C ILE B 88 -1.30 28.28 14.90
C ILE B 88 -1.42 28.18 15.04
N THR B 89 -2.62 28.38 15.06
N THR B 89 -2.70 28.30 15.38
CA THR B 89 -3.37 29.59 14.74
CA THR B 89 -3.47 29.52 15.19
C THR B 89 -4.03 30.18 15.97
C THR B 89 -3.93 30.10 16.52
N GLY B 90 -4.46 31.43 15.87
N GLY B 90 -4.22 31.39 16.53
CA GLY B 90 -5.04 32.12 17.00
CA GLY B 90 -4.81 32.05 17.68
C GLY B 90 -6.55 31.93 17.04
C GLY B 90 -6.29 31.80 17.69
N GLN B 91 -7.14 32.06 18.21
N GLN B 91 -6.88 31.70 18.88
CA GLN B 91 -8.59 31.97 18.33
CA GLN B 91 -8.33 31.53 19.00
C GLN B 91 -9.23 32.98 17.41
C GLN B 91 -9.03 32.61 18.19
N GLY B 92 -10.32 32.58 16.75
N GLY B 92 -10.11 32.23 17.50
CA GLY B 92 -11.01 33.45 15.82
CA GLY B 92 -10.82 33.16 16.64
C GLY B 92 -10.38 33.43 14.43
C GLY B 92 -10.44 33.17 15.16
N ASN B 93 -9.24 32.77 14.30
N ASN B 93 -9.25 32.67 14.84
CA ASN B 93 -8.59 32.63 13.01
CA ASN B 93 -8.77 32.61 13.45
C ASN B 93 -8.56 31.17 12.55
C ASN B 93 -8.89 31.21 12.85
N GLU B 94 -9.69 30.49 12.70
N GLU B 94 -9.89 30.46 13.30
CA GLU B 94 -9.78 29.09 12.30
CA GLU B 94 -10.14 29.11 12.76
C GLU B 94 -9.89 28.96 10.77
C GLU B 94 -10.33 29.08 11.25
N ALA B 95 -10.37 30.01 10.12
N ALA B 95 -10.82 30.18 10.66
CA ALA B 95 -10.52 30.00 8.65
CA ALA B 95 -11.00 30.21 9.20
C ALA B 95 -9.17 29.80 7.95
C ALA B 95 -9.67 30.00 8.51
N ILE B 96 -8.19 30.60 8.36
N ILE B 96 -8.59 30.42 9.15
CA ILE B 96 -6.85 30.51 7.78
CA ILE B 96 -7.24 30.20 8.64
C ILE B 96 -6.30 29.09 7.91
C ILE B 96 -6.90 28.72 8.76
N ALA B 97 -6.52 28.48 9.09
N ALA B 97 -7.36 28.10 9.84
CA ALA B 97 -6.06 27.13 9.34
CA ALA B 97 -7.05 26.70 10.08
C ALA B 97 -6.79 26.12 8.48
C ALA B 97 -7.66 25.82 9.00
N VAL B 98 -8.07 26.37 8.20
N VAL B 98 -8.90 26.15 8.63
CA VAL B 98 -8.86 25.46 7.39
CA VAL B 98 -9.60 25.43 7.58
C VAL B 98 -8.25 25.42 5.99
C VAL B 98 -8.89 25.55 6.24
N GLN B 99 -7.99 26.59 5.42
N GLN B 99 -8.55 26.78 5.85
CA GLN B 99 -7.27 26.68 4.15
CA GLN B 99 -7.89 26.97 4.56
C GLN B 99 -5.92 25.95 4.19
C GLN B 99 -6.43 26.51 4.60
N ALA B 100 -5.27 25.94 5.35
N ALA B 100 -5.89 26.29 5.78
CA ALA B 100 -3.97 25.28 5.50
CA ALA B 100 -4.53 25.77 5.89
C ALA B 100 -4.11 23.76 5.42
C ALA B 100 -4.56 24.27 5.64
N MET B 101 -5.27 23.25 5.82
N MET B 101 -5.58 23.62 6.15
CA MET B 101 -5.56 21.83 5.68
CA MET B 101 -5.75 22.17 5.99
C MET B 101 -5.64 21.47 4.20
C MET B 101 -6.08 21.78 4.56
N LYS B 102 -6.17 22.40 3.42
N LYS B 102 -6.66 22.71 3.82
CA LYS B 102 -6.29 22.22 1.97
CA LYS B 102 -6.93 22.48 2.41
C LYS B 102 -4.98 22.52 1.27
C LYS B 102 -5.69 22.77 1.59
N ALA B 103 -4.01 23.05 2.01
N ALA B 103 -4.69 23.38 2.22
CA ALA B 103 -2.73 23.45 1.43
CA ALA B 103 -3.43 23.71 1.56
C ALA B 103 -1.58 22.52 1.80
C ALA B 103 -2.34 22.71 1.87
N GLY B 104 -1.86 21.45 2.54
N GLY B 104 -2.66 21.70 2.68
CA GLY B 104 -0.84 20.46 2.84
CA GLY B 104 -1.70 20.63 2.93
C GLY B 104 -0.64 20.12 4.31
C GLY B 104 -1.35 20.27 4.36
N ALA B 105 -1.11 21.00 5.20
N ALA B 105 -1.71 21.13 5.32
CA ALA B 105 -1.01 20.75 6.65
CA ALA B 105 -1.48 20.85 6.74
C ALA B 105 -1.83 19.55 7.07
C ALA B 105 -2.25 19.59 7.18
N GLN B 106 -1.35 18.81 8.06
N GLN B 106 -1.74 18.92 8.21
CA GLN B 106 -2.04 17.62 8.54
CA GLN B 106 -2.35 17.69 8.72
C GLN B 106 -3.08 17.94 9.61
C GLN B 106 -3.32 17.89 9.89
N ASP B 107 -2.87 19.02 10.34
N ASP B 107 -3.19 19.01 10.59
CA ASP B 107 -3.67 19.33 11.51
CA ASP B 107 -3.99 19.28 11.78
C ASP B 107 -3.41 20.79 11.88
C ASP B 107 -3.72 20.73 12.18
N TYR B 108 -4.22 21.32 12.79
N TYR B 108 -4.43 21.22 13.19
CA TYR B 108 -3.95 22.66 13.30
CA TYR B 108 -4.13 22.53 13.73
C TYR B 108 -4.43 22.79 14.74
C TYR B 108 -4.30 22.52 15.24
N LEU B 109 -3.75 23.63 15.49
N LEU B 109 -3.75 23.55 15.88
CA LEU B 109 -4.05 23.86 16.90
CA LEU B 109 -3.89 23.73 17.30
C LEU B 109 -4.34 25.33 17.14
C LEU B 109 -4.25 25.17 17.58
N VAL B 110 -5.22 25.59 18.10
N VAL B 110 -4.95 25.41 18.67
CA VAL B 110 -5.52 26.96 18.50
CA VAL B 110 -5.28 26.76 19.07
C VAL B 110 -4.59 27.30 19.66
C VAL B 110 -4.26 27.12 20.15
N LYS B 111 -3.70 28.25 19.43
N LYS B 111 -3.53 28.22 19.95
CA LYS B 111 -2.61 28.57 20.35
CA LYS B 111 -2.37 28.56 20.77
C LYS B 111 -3.04 28.71 21.81
C LYS B 111 -2.64 28.51 22.27
N GLU B 112 -4.11 29.47 22.04
N GLU B 112 -3.66 29.23 22.72
CA GLU B 112 -4.60 29.74 23.39
CA GLU B 112 -3.94 29.39 24.13
C GLU B 112 -5.08 28.48 24.11
C GLU B 112 -4.67 28.19 24.73
N GLN B 113 -5.51 27.49 23.34
N GLN B 113 -5.05 27.25 23.87
CA GLN B 113 -6.13 26.29 23.89
CA GLN B 113 -5.84 26.11 24.31
C GLN B 113 -5.18 25.10 23.99
C GLN B 113 -5.00 24.85 24.37
N ILE B 114 -3.90 25.32 23.77
N ILE B 114 -3.71 24.97 24.08
CA ILE B 114 -2.97 24.18 23.66
CA ILE B 114 -2.84 23.80 23.95
C ILE B 114 -2.63 23.56 25.01
C ILE B 114 -2.50 23.16 25.29
N THR B 115 -2.87 22.26 25.10
N THR B 115 -2.54 21.83 25.31
CA THR B 115 -2.45 21.45 26.23
CA THR B 115 -2.15 21.02 26.45
C THR B 115 -1.34 20.52 25.77
C THR B 115 -1.14 19.99 25.97
N PRO B 116 -0.59 19.93 26.71
N PRO B 116 -0.31 19.43 26.87
CA PRO B 116 0.41 18.94 26.28
CA PRO B 116 0.68 18.43 26.44
C PRO B 116 -0.26 17.76 25.57
C PRO B 116 0.04 17.29 25.69
N GLU B 117 -1.43 17.36 26.07
N GLU B 117 -1.03 16.75 26.26
CA GLU B 117 -2.16 16.23 25.51
CA GLU B 117 -1.74 15.61 25.69
C GLU B 117 -2.53 16.46 24.04
C GLU B 117 -2.25 15.93 24.29
N GLU B 118 -3.08 17.63 23.74
N GLU B 118 -2.81 17.12 24.13
CA GLU B 118 -3.51 17.94 22.39
CA GLU B 118 -3.32 17.57 22.83
C GLU B 118 -2.32 18.05 21.43
C GLU B 118 -2.20 17.68 21.81
N LEU B 119 -1.20 18.55 21.94
N LEU B 119 -1.01 18.07 22.28
CA LEU B 119 0.02 18.68 21.15
CA LEU B 119 0.14 18.23 21.39
C LEU B 119 0.58 17.31 20.80
C LEU B 119 0.61 16.87 20.91
N HIS B 120 0.61 16.41 21.79
N HIS B 120 0.69 15.91 21.82
CA HIS B 120 1.05 15.04 21.56
CA HIS B 120 1.05 14.54 21.49
C HIS B 120 0.15 14.34 20.55
C HIS B 120 0.09 14.01 20.42
N LEU B 121 -1.15 14.59 20.67
N LEU B 121 -1.22 14.14 20.69
CA LEU B 121 -2.13 14.00 19.76
CA LEU B 121 -2.23 13.65 19.77
C LEU B 121 -1.90 14.43 18.32
C LEU B 121 -2.07 14.26 18.39
N ALA B 122 -1.75 15.74 18.13
N ALA B 122 -1.75 15.55 18.34
CA ALA B 122 -1.61 16.29 16.80
CA ALA B 122 -1.61 16.23 17.07
C ALA B 122 -0.29 15.87 16.14
C ALA B 122 -0.40 15.71 16.28
N VAL B 123 0.76 15.74 16.94
N VAL B 123 0.73 15.59 16.97
CA VAL B 123 2.07 15.38 16.42
CA VAL B 123 1.96 15.12 16.35
C VAL B 123 2.11 13.90 16.06
C VAL B 123 1.87 13.68 15.90
N ASN B 124 1.50 13.05 16.89
N ASN B 124 1.33 12.82 16.77
CA ASN B 124 1.36 11.64 16.56
CA ASN B 124 1.03 11.43 16.43
C ASN B 124 0.53 11.43 15.31
C ASN B 124 0.25 11.32 15.12
N GLY B 125 -0.56 12.17 15.21
N GLY B 125 -0.84 12.06 15.02
CA GLY B 125 -1.46 12.07 14.07
CA GLY B 125 -1.72 11.99 13.87
C GLY B 125 -0.80 12.53 12.78
C GLY B 125 -1.08 12.50 12.59
N ALA B 126 -0.11 13.66 12.84
N ALA B 126 -0.39 13.64 12.68
CA ALA B 126 0.57 14.20 11.67
CA ALA B 126 0.23 14.24 11.51
C ALA B 126 1.60 13.20 11.16
C ALA B 126 1.25 13.26 10.93
N ILE B 127 2.34 12.61 12.09
N ILE B 127 1.98 12.63 11.83
CA ILE B 127 3.38 11.66 11.72
CA ILE B 127 2.98 11.62 11.49
C ILE B 127 2.80 10.35 11.19
C ILE B 127 2.39 10.31 10.98
N GLU B 128 1.77 9.84 11.85
N GLU B 128 1.37 9.81 11.68
CA GLU B 128 1.18 8.57 11.44
CA GLU B 128 0.75 8.57 11.26
C GLU B 128 0.43 8.69 10.11
C GLU B 128 0.14 8.70 9.86
N THR B 129 -0.11 9.88 9.85
N THR B 129 -0.52 9.83 9.64
CA THR B 129 -0.89 10.09 8.64
CA THR B 129 -1.23 10.06 8.41
C THR B 129 0.03 10.22 7.43
C THR B 129 -0.28 10.24 7.22
N VAL B 130 1.12 10.98 7.61
N VAL B 130 0.78 11.02 7.42
CA VAL B 130 2.13 11.10 6.57
CA VAL B 130 1.80 11.15 6.38
C VAL B 130 2.73 9.72 6.27
C VAL B 130 2.45 9.79 6.09
N HIS B 131 2.87 8.91 7.32
N HIS B 131 2.63 8.99 7.14
CA HIS B 131 3.43 7.59 7.16
CA HIS B 131 3.20 7.65 6.99
C HIS B 131 2.51 6.69 6.33
C HIS B 131 2.29 6.75 6.16
N LEU B 132 1.20 6.83 6.51
N LEU B 132 0.98 6.81 6.42
CA LEU B 132 0.22 6.09 5.73
CA LEU B 132 0.01 6.03 5.65
C LEU B 132 0.26 6.47 4.25
C LEU B 132 0.09 6.41 4.17
N ARG B 133 0.28 7.77 3.98
N ARG B 133 0.05 7.70 3.88
CA ARG B 133 0.30 8.25 2.59
CA ARG B 133 0.12 8.18 2.49
C ARG B 133 1.62 7.92 1.90
C ARG B 133 1.42 7.81 1.82
N THR B 134 2.69 7.90 2.68
N THR B 134 2.53 7.94 2.55
CA THR B 134 4.00 7.55 2.14
CA THR B 134 3.82 7.52 2.03
C THR B 134 4.07 6.05 1.86
C THR B 134 3.84 6.02 1.75
N GLN B 135 3.47 5.27 2.75
N GLN B 135 3.35 5.22 2.69
CA GLN B 135 3.46 3.82 2.59
CA GLN B 135 3.32 3.78 2.49
C GLN B 135 2.64 3.42 1.36
C GLN B 135 2.45 3.38 1.29
N LEU B 136 1.50 4.08 1.18
N LEU B 136 1.30 4.03 1.16
CA LEU B 136 0.64 3.85 0.03
CA LEU B 136 0.38 3.74 0.06
C LEU B 136 1.38 4.20 -1.24
C LEU B 136 1.06 4.04 -1.27
N HIS B 137 2.05 5.35 -1.24
N HIS B 137 1.76 5.16 -1.33
CA HIS B 137 2.83 5.79 -2.38
CA HIS B 137 2.46 5.54 -2.55
C HIS B 137 3.94 4.78 -2.69
C HIS B 137 3.54 4.51 -2.87
N GLN B 138 4.60 4.29 -1.65
N GLN B 138 4.27 4.07 -1.85
CA GLN B 138 5.63 3.26 -1.81
CA GLN B 138 5.31 3.06 -2.04
C GLN B 138 5.08 2.01 -2.49
C GLN B 138 4.72 1.73 -2.50
N ARG B 139 4.02 1.43 -1.93
N ARG B 139 3.53 1.38 -2.00
CA ARG B 139 3.46 0.19 -2.44
CA ARG B 139 2.88 0.15 -2.41
C ARG B 139 2.88 0.34 -3.84
C ARG B 139 2.53 0.18 -3.89
N ILE B 140 2.53 1.56 -4.21
N ILE B 140 2.09 1.34 -4.37
CA ILE B 140 2.06 1.81 -5.57
CA ILE B 140 1.71 1.50 -5.77
C ILE B 140 3.23 1.81 -6.55
C ILE B 140 2.91 1.38 -6.70
N GLU B 141 4.34 2.40 -6.13
N GLU B 141 4.01 2.03 -6.35
CA GLU B 141 5.54 2.42 -6.96
CA GLU B 141 5.21 1.98 -7.18
C GLU B 141 6.16 1.04 -7.03
C GLU B 141 5.84 0.58 -7.14
N ARG B 142 6.12 0.34 -5.90
N ARG B 142 5.83 -0.04 -5.97
CA ARG B 142 6.67 -1.00 -5.81
CA ARG B 142 6.39 -1.37 -5.84
C ARG B 142 5.98 -1.94 -6.79
C ARG B 142 5.61 -2.36 -6.74
N GLU B 143 4.64 -1.93 -6.75
N GLU B 143 4.30 -2.15 -6.84
CA GLU B 143 3.85 -2.79 -7.62
CA GLU B 143 3.45 -2.99 -7.69
C GLU B 143 4.16 -2.56 -9.10
C GLU B 143 3.73 -2.81 -9.18
N ARG B 144 4.34 -1.30 -9.49
N ARG B 144 4.09 -1.59 -9.57
CA ARG B 144 4.70 -0.97 -10.87
CA ARG B 144 4.41 -1.29 -10.96
C ARG B 144 6.00 -1.65 -11.29
C ARG B 144 5.65 -2.07 -11.39
N VAL B 145 6.97 -1.68 -10.39
N VAL B 145 6.64 -2.12 -10.49
CA VAL B 145 8.28 -2.27 -10.66
CA VAL B 145 7.90 -2.82 -10.76
C VAL B 145 8.19 -3.77 -10.86
C VAL B 145 7.67 -4.31 -10.94
N VAL B 146 7.47 -4.43 -9.95
N VAL B 146 6.91 -4.90 -10.01
CA VAL B 146 7.25 -5.86 -10.05
CA VAL B 146 6.67 -6.32 -10.02
C VAL B 146 6.46 -6.21 -11.32
C VAL B 146 5.89 -6.74 -11.26
N SER B 147 5.39 -5.45 -11.55
N SER B 147 4.89 -5.93 -11.63
CA SER B 147 4.53 -5.65 -12.72
CA SER B 147 4.07 -6.22 -12.81
C SER B 147 5.33 -5.56 -14.03
C SER B 147 4.87 -6.03 -14.10
N GLN B 148 6.20 -4.58 -14.11
N GLN B 148 5.77 -5.06 -14.11
CA GLN B 148 7.01 -4.39 -15.31
CA GLN B 148 6.57 -4.78 -15.29
C GLN B 148 7.94 -5.57 -15.55
C GLN B 148 7.53 -5.94 -15.55
N ILE B 149 8.60 -6.02 -14.50
N ILE B 149 8.08 -6.49 -14.49
CA ILE B 149 9.49 -7.17 -14.60
CA ILE B 149 8.96 -7.64 -14.64
C ILE B 149 8.70 -8.41 -14.98
C ILE B 149 8.16 -8.91 -14.97
N THR B 150 7.53 -8.58 -14.38
N THR B 150 7.01 -9.07 -14.34
CA THR B 150 6.67 -9.72 -14.69
CA THR B 150 6.11 -10.17 -14.69
C THR B 150 6.28 -9.74 -16.17
C THR B 150 5.77 -10.12 -16.18
N GLN B 151 5.91 -8.57 -16.70
N GLN B 151 5.48 -8.90 -16.67
CA GLN B 151 5.58 -8.46 -18.13
CA GLN B 151 5.20 -8.66 -18.08
C GLN B 151 6.78 -8.81 -19.00
C GLN B 151 6.32 -9.17 -18.98
N LYS B 152 7.94 -8.28 -18.65
N LYS B 152 7.55 -8.76 -18.67
CA LYS B 152 9.18 -8.53 -19.38
CA LYS B 152 8.73 -9.18 -19.42
C LYS B 152 9.50 -10.03 -19.48
C LYS B 152 8.91 -10.69 -19.50
N ILE B 153 9.38 -10.71 -18.35
N ILE B 153 8.77 -11.37 -18.37
CA ILE B 153 9.60 -12.15 -18.29
CA ILE B 153 8.92 -12.82 -18.32
C ILE B 153 8.59 -12.89 -19.14
C ILE B 153 7.86 -13.52 -19.19
N HIS B 154 7.36 -12.37 -19.19
N HIS B 154 6.64 -13.00 -19.17
CA HIS B 154 6.32 -12.96 -20.02
CA HIS B 154 5.59 -13.53 -20.02
C HIS B 154 6.65 -12.78 -21.50
C HIS B 154 5.85 -13.28 -21.52
N GLN B 155 7.29 -11.67 -21.83
N GLN B 155 6.54 -12.17 -21.82
CA GLN B 155 7.50 -11.29 -23.22
CA GLN B 155 6.78 -11.78 -23.21
C GLN B 155 8.76 -11.90 -23.84
C GLN B 155 8.11 -12.24 -23.82
N THR B 156 9.85 -11.95 -23.08
N THR B 156 8.99 -12.86 -23.04
CA THR B 156 11.13 -12.35 -23.64
CA THR B 156 10.28 -13.28 -23.57
C THR B 156 11.90 -13.35 -22.79
C THR B 156 11.05 -14.34 -22.79
N LEU B 157 12.80 -14.07 -23.46
N LEU B 157 11.91 -15.04 -23.52
CA LEU B 157 13.73 -14.97 -22.79
CA LEU B 157 12.79 -16.06 -22.94
C LEU B 157 15.12 -14.32 -22.71
C LEU B 157 14.15 -15.48 -22.54
N ASP B 158 15.20 -13.06 -23.14
N ASP B 158 14.60 -14.41 -23.22
CA ASP B 158 16.46 -12.33 -23.10
CA ASP B 158 15.95 -13.87 -23.03
C ASP B 158 16.77 -11.91 -21.67
C ASP B 158 16.24 -13.22 -21.67
N LEU B 159 17.62 -12.70 -21.02
N LEU B 159 17.34 -13.67 -21.06
CA LEU B 159 17.99 -12.51 -19.62
CA LEU B 159 17.80 -13.19 -19.76
C LEU B 159 18.69 -11.18 -19.37
C LEU B 159 18.31 -11.76 -19.77
N GLU B 160 19.42 -10.71 -20.38
N GLU B 160 19.08 -11.41 -20.79
CA GLU B 160 20.19 -9.48 -20.25
CA GLU B 160 19.68 -10.09 -20.89
C GLU B 160 19.29 -8.25 -20.10
C GLU B 160 18.67 -8.95 -20.79
N GLU B 161 18.27 -8.17 -20.94
N GLU B 161 17.46 -9.18 -21.29
CA GLU B 161 17.33 -7.05 -20.88
CA GLU B 161 16.42 -8.18 -21.22
C GLU B 161 16.56 -7.08 -19.56
C GLU B 161 15.69 -8.17 -19.88
N ILE B 162 16.16 -8.29 -19.15
N ILE B 162 15.47 -9.34 -19.32
CA ILE B 162 15.44 -8.48 -17.89
CA ILE B 162 14.76 -9.45 -18.06
C ILE B 162 16.28 -8.02 -16.71
C ILE B 162 15.59 -8.93 -16.90
N LEU B 163 17.54 -8.46 -16.68
N LEU B 163 16.83 -9.39 -16.82
CA LEU B 163 18.47 -8.05 -15.62
CA LEU B 163 17.77 -8.90 -15.81
C LEU B 163 18.73 -6.55 -15.66
C LEU B 163 18.00 -7.41 -15.91
N GLN B 164 18.77 -5.99 -16.87
N GLN B 164 18.16 -6.90 -17.13
CA GLN B 164 19.01 -4.56 -17.02
CA GLN B 164 18.34 -5.46 -17.36
C GLN B 164 17.86 -3.75 -16.45
C GLN B 164 17.16 -4.66 -16.84
N THR B 165 16.65 -4.02 -16.94
N THR B 165 15.96 -5.06 -17.25
CA THR B 165 15.45 -3.34 -16.47
CA THR B 165 14.73 -4.41 -16.84
C THR B 165 15.30 -3.44 -14.95
C THR B 165 14.61 -4.44 -15.32
N THR B 166 15.59 -4.62 -14.41
N THR B 166 15.01 -5.56 -14.71
CA THR B 166 15.49 -4.85 -12.98
CA THR B 166 14.96 -5.71 -13.27
C THR B 166 16.37 -3.84 -12.24
C THR B 166 15.90 -4.71 -12.60
N VAL B 167 17.68 -3.99 -12.41
N VAL B 167 17.15 -4.72 -13.04
CA VAL B 167 18.66 -3.11 -11.77
CA VAL B 167 18.20 -3.90 -12.46
C VAL B 167 18.31 -1.62 -11.85
C VAL B 167 17.83 -2.41 -12.53
N THR B 168 17.94 -1.16 -13.04
N THR B 168 17.32 -1.98 -13.67
CA THR B 168 17.60 0.24 -13.24
CA THR B 168 16.95 -0.57 -13.85
C THR B 168 16.34 0.63 -12.47
C THR B 168 15.79 -0.14 -12.98
N GLU B 169 15.37 -0.28 -12.43
N GLU B 169 14.72 -0.94 -12.98
CA GLU B 169 14.12 0.03 -11.77
CA GLU B 169 13.50 -0.54 -12.27
C GLU B 169 14.23 0.00 -10.25
C GLU B 169 13.69 -0.50 -10.76
N VAL B 170 15.06 -0.87 -9.68
N VAL B 170 14.43 -1.45 -10.20
CA VAL B 170 15.16 -0.91 -8.23
CA VAL B 170 14.70 -1.43 -8.77
C VAL B 170 16.00 0.27 -7.72
C VAL B 170 15.57 -0.23 -8.39
N ARG B 171 16.98 0.69 -8.51
N ARG B 171 16.54 0.13 -9.24
CA ARG B 171 17.79 1.84 -8.14
CA ARG B 171 17.39 1.29 -8.98
C ARG B 171 16.94 3.11 -8.12
C ARG B 171 16.54 2.56 -8.98
N GLN B 172 16.09 3.25 -9.14
N GLN B 172 15.64 2.64 -9.96
CA GLN B 172 15.18 4.38 -9.22
CA GLN B 172 14.67 3.71 -10.07
C GLN B 172 14.25 4.40 -8.00
C GLN B 172 13.78 3.78 -8.83
N PHE B 173 13.65 3.25 -7.70
N PHE B 173 13.15 2.66 -8.48
CA PHE B 173 12.72 3.15 -6.59
CA PHE B 173 12.21 2.61 -7.36
C PHE B 173 13.40 3.38 -5.25
C PHE B 173 12.89 2.92 -6.03
N LEU B 174 14.56 2.76 -5.06
N LEU B 174 14.11 2.43 -5.86
CA LEU B 174 15.28 2.89 -3.80
CA LEU B 174 14.81 2.56 -4.59
C LEU B 174 15.94 4.26 -3.66
C LEU B 174 15.60 3.84 -4.47
N GLN B 175 16.16 4.93 -4.78
N GLN B 175 15.83 4.51 -5.61
CA GLN B 175 16.98 6.15 -4.81
CA GLN B 175 16.68 5.68 -5.68
C GLN B 175 18.34 5.86 -4.19
C GLN B 175 18.06 5.35 -5.12
N ALA B 176 18.90 4.71 -4.57
N ALA B 176 18.62 4.24 -5.59
CA ALA B 176 20.21 4.32 -4.09
CA ALA B 176 19.92 3.76 -5.14
C ALA B 176 21.28 4.79 -5.07
C ALA B 176 21.00 4.20 -6.10
N ASP B 177 22.52 4.70 -4.64
N ASP B 177 22.22 4.25 -5.59
CA ASP B 177 23.64 5.20 -5.41
CA ASP B 177 23.38 4.66 -6.38
C ASP B 177 24.22 4.14 -6.35
C ASP B 177 23.75 3.56 -7.38
N ARG B 178 23.93 2.87 -6.07
N ARG B 178 23.55 2.31 -6.98
CA ARG B 178 24.40 1.78 -6.91
CA ARG B 178 23.92 1.19 -7.82
C ARG B 178 23.63 0.48 -6.72
C ARG B 178 23.07 -0.05 -7.58
N VAL B 179 23.31 -0.18 -7.84
N VAL B 179 22.69 -0.70 -8.67
CA VAL B 179 22.73 -1.52 -7.84
CA VAL B 179 22.12 -2.03 -8.61
C VAL B 179 23.44 -2.37 -8.88
C VAL B 179 22.77 -2.86 -9.70
N PHE B 180 23.84 -3.59 -8.53
N PHE B 180 23.16 -4.09 -9.37
CA PHE B 180 24.45 -4.45 -9.54
CA PHE B 180 23.69 -4.96 -10.40
C PHE B 180 24.15 -5.94 -9.35
C PHE B 180 23.42 -6.41 -10.08
N VAL B 181 24.14 -6.66 -10.46
N VAL B 181 23.69 -7.27 -11.04
CA VAL B 181 23.95 -8.11 -10.44
CA VAL B 181 23.51 -8.70 -10.88
C VAL B 181 25.28 -8.82 -10.59
C VAL B 181 24.87 -9.36 -10.98
N TYR B 182 25.48 -9.83 -9.75
N TYR B 182 25.22 -10.07 -9.90
CA TYR B 182 26.76 -10.51 -9.59
CA TYR B 182 26.49 -10.73 -9.76
C TYR B 182 26.61 -12.00 -9.85
C TYR B 182 26.21 -12.19 -10.07
N ARG B 183 27.04 -12.47 -11.02
N ARG B 183 27.06 -12.80 -10.87
CA ARG B 183 26.88 -13.87 -11.42
CA ARG B 183 26.85 -14.18 -11.29
C ARG B 183 28.01 -14.77 -10.93
C ARG B 183 28.01 -15.01 -10.82
N PHE B 184 27.67 -15.97 -10.48
N PHE B 184 27.72 -16.19 -10.28
CA PHE B 184 28.66 -16.91 -9.96
CA PHE B 184 28.79 -17.05 -9.81
C PHE B 184 29.18 -17.87 -11.02
C PHE B 184 29.30 -17.91 -10.95
N GLN B 185 30.50 -17.92 -11.16
N GLN B 185 30.62 -18.04 -11.03
CA GLN B 185 31.18 -18.81 -12.09
CA GLN B 185 31.23 -18.93 -12.00
C GLN B 185 31.16 -20.26 -11.57
C GLN B 185 31.15 -20.34 -11.45
N PRO B 186 31.40 -21.23 -12.47
N PRO B 186 31.44 -21.35 -12.29
CA PRO B 186 31.46 -22.64 -12.06
CA PRO B 186 31.49 -22.72 -11.74
C PRO B 186 32.46 -22.91 -10.92
C PRO B 186 32.49 -22.86 -10.58
N ASP B 187 33.53 -22.14 -10.87
N ASP B 187 33.64 -22.20 -10.68
CA ASP B 187 34.54 -22.29 -9.81
CA ASP B 187 34.66 -22.27 -9.63
C ASP B 187 34.26 -21.38 -8.62
C ASP B 187 34.38 -21.29 -8.49
N PHE B 188 33.01 -20.94 -8.51
N PHE B 188 33.10 -20.97 -8.32
CA PHE B 188 32.51 -20.14 -7.39
CA PHE B 188 32.62 -20.16 -7.22
C PHE B 188 33.12 -18.73 -7.28
C PHE B 188 33.22 -18.75 -7.18
N SER B 189 33.72 -18.26 -8.36
N SER B 189 33.69 -18.25 -8.32
CA SER B 189 34.16 -16.87 -8.43
CA SER B 189 34.17 -16.87 -8.39
C SER B 189 33.05 -16.02 -9.04
C SER B 189 33.01 -16.06 -8.97
N GLY B 190 33.20 -14.69 -8.99
N GLY B 190 33.14 -14.75 -9.02
CA GLY B 190 32.15 -13.83 -9.46
CA GLY B 190 32.03 -13.92 -9.49
C GLY B 190 32.58 -12.70 -10.36
C GLY B 190 32.32 -12.85 -10.51
N ILE B 191 31.73 -12.37 -11.33
N ILE B 191 31.30 -12.57 -11.31
CA ILE B 191 31.95 -11.25 -12.24
CA ILE B 191 31.38 -11.51 -12.30
C ILE B 191 30.68 -10.39 -12.32
C ILE B 191 30.04 -10.76 -12.38
N VAL B 192 30.85 -9.09 -12.06
N VAL B 192 30.10 -9.48 -12.74
CA VAL B 192 29.74 -8.14 -12.15
CA VAL B 192 28.94 -8.62 -12.83
C VAL B 192 29.22 -8.05 -13.57
C VAL B 192 28.28 -8.71 -14.21
N VAL B 193 27.99 -8.51 -13.78
N VAL B 193 27.14 -9.38 -14.31
CA VAL B 193 27.42 -8.57 -15.12
CA VAL B 193 26.47 -9.54 -15.60
C VAL B 193 26.77 -7.24 -15.51
C VAL B 193 25.87 -8.23 -16.10
N LEU B 194 25.99 -6.66 -14.60
N LEU B 194 25.04 -7.59 -15.29
CA LEU B 194 25.33 -5.38 -14.85
CA LEU B 194 24.40 -6.35 -15.70
C LEU B 194 25.47 -4.43 -13.67
C LEU B 194 24.48 -5.33 -14.58
N GLU B 195 25.48 -3.13 -13.96
N GLU B 195 24.29 -4.06 -14.91
CA GLU B 195 25.62 -2.10 -12.94
CA GLU B 195 24.41 -2.97 -13.93
C GLU B 195 24.81 -0.86 -13.30
C GLU B 195 23.66 -1.71 -14.36
N SER B 196 24.24 -0.21 -12.28
N SER B 196 23.37 -0.86 -13.39
CA SER B 196 23.56 1.07 -12.44
CA SER B 196 22.74 0.43 -13.66
C SER B 196 24.00 1.98 -11.31
C SER B 196 23.25 1.35 -12.54
N VAL B 197 24.70 3.06 -11.65
N VAL B 197 23.89 2.46 -12.89
CA VAL B 197 25.33 3.88 -10.62
CA VAL B 197 24.61 3.23 -11.88
C VAL B 197 25.15 5.38 -10.88
C VAL B 197 24.35 4.74 -11.95
N GLY B 198 25.01 6.14 -9.81
N GLY B 198 24.51 5.35 -10.79
CA GLY B 198 24.98 7.59 -9.90
CA GLY B 198 24.44 6.78 -10.55
C GLY B 198 26.39 8.15 -9.89
C GLY B 198 25.90 7.13 -10.28
N ASP B 199 26.58 9.34 -9.32
N ASP B 199 26.39 8.27 -10.74
CA ASP B 199 27.94 9.88 -9.28
CA ASP B 199 27.82 8.55 -10.62
C ASP B 199 28.61 9.59 -7.95
C ASP B 199 28.35 9.03 -9.27
N ASN B 200 27.81 9.20 -6.98
N ASN B 200 28.13 8.24 -8.23
CA ASN B 200 28.27 8.93 -5.63
CA ASN B 200 28.61 8.54 -6.90
C ASN B 200 29.27 7.79 -5.43
C ASN B 200 29.46 7.41 -6.35
N CYS B 201 29.05 6.67 -6.11
N CYS B 201 29.50 6.30 -7.06
CA CYS B 201 29.91 5.52 -5.88
CA CYS B 201 30.25 5.11 -6.65
C CYS B 201 30.91 5.20 -6.99
C CYS B 201 31.24 4.64 -7.73
N VAL B 202 32.17 5.04 -6.60
N VAL B 202 32.47 4.35 -7.31
CA VAL B 202 33.20 4.65 -7.56
CA VAL B 202 33.55 3.85 -8.13
C VAL B 202 32.70 3.45 -8.34
C VAL B 202 33.14 2.46 -8.62
N PRO B 203 32.46 3.64 -9.66
N PRO B 203 33.09 2.30 -9.96
CA PRO B 203 31.91 2.60 -10.53
CA PRO B 203 32.52 1.15 -10.66
C PRO B 203 32.75 1.33 -10.46
C PRO B 203 33.15 -0.19 -10.26
N VAL B 204 32.07 0.18 -10.44
N VAL B 204 32.45 -1.27 -10.58
CA VAL B 204 32.78 -1.06 -10.15
CA VAL B 204 32.92 -2.60 -10.23
C VAL B 204 32.85 -1.99 -11.36
C VAL B 204 32.96 -3.48 -11.48
N ILE B 205 32.11 -1.67 -12.41
N ILE B 205 32.14 -3.16 -12.46
CA ILE B 205 32.27 -2.40 -13.66
CA ILE B 205 32.09 -3.92 -13.70
C ILE B 205 33.41 -1.72 -14.42
C ILE B 205 33.43 -3.77 -14.41
N ASP B 206 34.22 -2.52 -15.11
N ASP B 206 33.87 -4.82 -15.07
CA ASP B 206 35.43 -2.04 -15.79
CA ASP B 206 35.11 -4.84 -15.85
C ASP B 206 36.46 -1.44 -14.81
C ASP B 206 36.37 -4.70 -14.99
N ALA B 207 36.14 -1.47 -13.53
N ALA B 207 36.19 -4.28 -13.74
CA ALA B 207 37.08 -1.12 -12.46
CA ALA B 207 37.25 -4.22 -12.75
C ALA B 207 37.10 -2.27 -11.47
C ALA B 207 36.92 -5.23 -11.66
N GLN B 208 37.41 -3.46 -11.99
N GLN B 208 37.36 -6.47 -11.86
CA GLN B 208 37.20 -4.72 -11.28
CA GLN B 208 36.91 -7.56 -11.01
C GLN B 208 38.16 -4.97 -10.11
C GLN B 208 37.76 -7.81 -9.77
N VAL B 209 37.70 -5.79 -9.18
N VAL B 209 37.10 -7.76 -8.61
CA VAL B 209 38.55 -6.34 -8.13
CA VAL B 209 37.71 -8.07 -7.33
C VAL B 209 38.19 -7.82 -7.97
C VAL B 209 37.45 -9.52 -6.92
N GLU B 210 39.16 -8.68 -8.21
N GLU B 210 38.50 -10.23 -6.54
CA GLU B 210 38.93 -10.10 -8.10
CA GLU B 210 38.33 -11.62 -6.14
C GLU B 210 38.90 -10.53 -6.64
C GLU B 210 38.10 -11.82 -4.63
N ASP B 211 37.73 -11.01 -6.20
N ASP B 211 36.90 -12.18 -4.23
CA ASP B 211 37.60 -11.54 -4.85
CA ASP B 211 36.67 -12.48 -2.81
C ASP B 211 37.57 -13.05 -4.90
C ASP B 211 37.05 -13.94 -2.53
N GLN B 212 37.86 -13.67 -3.76
N GLN B 212 37.32 -14.26 -1.26
CA GLN B 212 37.96 -15.12 -3.67
CA GLN B 212 37.62 -15.65 -0.91
C GLN B 212 37.40 -15.66 -2.35
C GLN B 212 36.53 -16.31 -0.07
N TYR B 213 36.36 -15.00 -1.82
N TYR B 213 35.45 -15.58 0.19
CA TYR B 213 35.78 -15.45 -0.57
CA TYR B 213 34.38 -16.07 1.06
C TYR B 213 34.76 -16.57 -0.77
C TYR B 213 33.40 -16.97 0.33
N PHE B 214 33.89 -16.41 -1.76
N PHE B 214 33.26 -16.77 -0.98
CA PHE B 214 32.77 -17.31 -1.95
CA PHE B 214 32.31 -17.57 -1.74
C PHE B 214 33.18 -18.70 -2.41
C PHE B 214 32.94 -18.83 -2.33
N VAL B 215 34.42 -18.85 -2.86
N VAL B 215 34.21 -18.77 -2.71
CA VAL B 215 34.90 -20.16 -3.28
CA VAL B 215 34.91 -19.96 -3.18
C VAL B 215 35.13 -21.06 -2.08
C VAL B 215 35.10 -21.00 -2.06
N GLU B 216 35.27 -20.46 -0.91
N GLU B 216 35.47 -20.50 -0.88
CA GLU B 216 35.61 -21.22 0.29
CA GLU B 216 35.69 -21.33 0.31
C GLU B 216 34.38 -21.76 1.01
C GLU B 216 34.42 -21.92 0.93
N THR B 217 33.28 -20.99 0.99
N THR B 217 33.33 -21.16 0.93
CA THR B 217 32.05 -21.42 1.65
CA THR B 217 32.11 -21.55 1.63
C THR B 217 30.96 -21.78 0.66
C THR B 217 31.01 -21.98 0.66
N ARG B 218 31.21 -21.49 -0.61
N ARG B 218 30.99 -21.36 -0.52
CA ARG B 218 30.27 -21.75 -1.71
CA ARG B 218 30.00 -21.65 -1.58
C ARG B 218 28.91 -21.08 -1.47
C ARG B 218 28.63 -21.03 -1.30
N GLY B 219 28.93 -19.98 -0.73
N GLY B 219 28.45 -20.46 -0.12
CA GLY B 219 27.73 -19.19 -0.45
CA GLY B 219 27.24 -19.70 0.08
C GLY B 219 26.56 -20.01 0.03
C GLY B 219 26.05 -20.50 0.57
N GLU B 220 26.84 -20.99 0.89
N GLU B 220 26.31 -21.62 1.25
CA GLU B 220 25.80 -21.88 1.38
CA GLU B 220 25.22 -22.44 1.78
C GLU B 220 24.72 -21.11 2.15
C GLU B 220 24.13 -21.63 2.49
N ASP B 221 25.14 -20.11 2.91
N ASP B 221 24.51 -20.57 3.20
CA ASP B 221 24.20 -19.25 3.60
CA ASP B 221 23.51 -19.68 3.77
C ASP B 221 23.31 -18.52 2.60
C ASP B 221 22.69 -19.00 2.67
N TYR B 222 23.93 -17.94 1.58
N TYR B 222 23.36 -18.64 1.58
CA TYR B 222 23.18 -17.29 0.51
CA TYR B 222 22.68 -18.02 0.44
C TYR B 222 22.34 -18.29 -0.27
C TYR B 222 21.85 -19.05 -0.33
N ARG B 223 22.89 -19.48 -0.48
N ARG B 223 22.30 -20.31 -0.32
CA ARG B 223 22.19 -20.54 -1.22
CA ARG B 223 21.53 -21.39 -0.94
C ARG B 223 20.90 -20.92 -0.50
C ARG B 223 20.22 -21.56 -0.19
N GLN B 224 20.89 -20.83 0.82
N GLN B 224 20.30 -21.49 1.14
CA GLN B 224 19.69 -21.14 1.59
CA GLN B 224 19.11 -21.63 1.97
C GLN B 224 18.96 -19.86 2.01
C GLN B 224 18.47 -20.27 2.24
N GLY B 225 19.24 -18.76 1.32
N GLY B 225 18.82 -19.30 1.40
CA GLY B 225 18.40 -17.58 1.39
CA GLY B 225 18.09 -18.03 1.37
C GLY B 225 18.87 -16.37 2.19
C GLY B 225 18.56 -16.82 2.16
N ARG B 226 20.09 -16.41 2.69
N ARG B 226 19.73 -16.87 2.78
CA ARG B 226 20.61 -15.32 3.54
CA ARG B 226 20.17 -15.76 3.63
C ARG B 226 20.53 -13.95 2.87
C ARG B 226 20.35 -14.44 2.89
N ILE B 227 20.07 -12.96 3.62
N ILE B 227 19.76 -13.39 3.46
CA ILE B 227 20.03 -11.58 3.14
CA ILE B 227 19.89 -12.05 2.92
C ILE B 227 20.89 -10.68 4.02
C ILE B 227 20.70 -11.17 3.88
N GLN B 228 21.80 -9.94 3.40
N GLN B 228 21.47 -10.22 3.37
CA GLN B 228 22.66 -9.05 4.14
CA GLN B 228 22.10 -9.25 4.26
C GLN B 228 22.16 -7.61 4.11
C GLN B 228 21.68 -7.82 3.97
N ALA B 229 21.62 -7.15 5.24
N ALA B 229 21.40 -7.07 5.03
CA ALA B 229 21.09 -5.80 5.35
CA ALA B 229 20.93 -5.70 4.90
C ALA B 229 21.93 -4.96 6.32
C ALA B 229 21.75 -4.77 5.80
N VAL B 230 22.88 -4.21 5.76
N VAL B 230 22.87 -4.26 5.27
CA VAL B 230 23.80 -3.41 6.55
CA VAL B 230 23.76 -3.40 6.03
C VAL B 230 23.59 -1.92 6.32
C VAL B 230 23.47 -1.93 5.79
N ALA B 231 23.20 -1.22 7.38
N ALA B 231 23.03 -1.24 6.85
CA ALA B 231 22.91 0.20 7.30
CA ALA B 231 22.70 0.18 6.78
C ALA B 231 24.18 1.05 7.35
C ALA B 231 23.94 1.04 6.62
N ASP B 232 25.21 0.51 8.01
N ASP B 232 24.95 0.73 7.41
CA ASP B 232 26.48 1.21 8.19
CA ASP B 232 26.21 1.47 7.39
C ASP B 232 27.62 0.20 8.27
C ASP B 232 27.34 0.53 7.81
N ILE B 233 28.47 0.16 7.25
N ILE B 233 28.28 0.29 6.91
CA ILE B 233 29.56 -0.81 7.21
CA ILE B 233 29.35 -0.67 7.16
C ILE B 233 30.56 -0.63 8.35
C ILE B 233 30.17 -0.29 8.41
N TYR B 234 30.66 0.59 8.88
N TYR B 234 30.06 0.96 8.85
CA TYR B 234 31.62 0.90 9.91
CA TYR B 234 30.82 1.45 9.99
C TYR B 234 31.14 0.49 11.30
C TYR B 234 30.14 1.22 11.34
N THR B 235 29.82 0.40 11.46
N THR B 235 28.86 0.85 11.33
CA THR B 235 29.25 0.06 12.77
CA THR B 235 28.12 0.71 12.58
C THR B 235 28.56 -1.29 12.76
C THR B 235 27.48 -0.67 12.74
N ALA B 236 28.59 -1.97 11.61
N ALA B 236 27.67 -1.53 11.75
CA ALA B 236 27.91 -3.25 11.46
CA ALA B 236 27.03 -2.83 11.75
C ALA B 236 28.64 -4.38 12.19
C ALA B 236 27.82 -3.87 12.53
N GLY B 237 29.89 -4.13 12.57
N GLY B 237 29.10 -3.59 12.77
CA GLY B 237 30.70 -5.17 13.16
CA GLY B 237 29.94 -4.49 13.53
C GLY B 237 31.21 -6.15 12.12
C GLY B 237 30.63 -5.53 12.67
N LEU B 238 31.69 -5.61 11.00
N LEU B 238 30.96 -5.17 11.43
CA LEU B 238 32.29 -6.43 9.95
CA LEU B 238 31.64 -6.09 10.54
C LEU B 238 33.80 -6.56 10.19
C LEU B 238 33.12 -6.15 10.92
N THR B 239 34.44 -7.48 9.47
N THR B 239 33.83 -7.16 10.42
CA THR B 239 35.89 -7.66 9.57
CA THR B 239 35.26 -7.25 10.70
C THR B 239 36.63 -6.47 8.99
C THR B 239 36.01 -6.17 9.94
N GLU B 240 37.87 -6.27 9.43
N GLU B 240 37.20 -5.84 10.42
CA GLU B 240 38.71 -5.17 8.94
CA GLU B 240 38.01 -4.78 9.81
C GLU B 240 38.90 -5.27 7.43
C GLU B 240 38.37 -5.09 8.36
N CYS B 241 39.02 -6.50 6.93
N CYS B 241 38.54 -6.37 8.03
CA CYS B 241 39.21 -6.77 5.51
CA CYS B 241 38.83 -6.78 6.66
C CYS B 241 37.99 -6.37 4.67
C CYS B 241 37.70 -6.38 5.72
N HIS B 242 36.82 -6.88 5.07
N HIS B 242 36.46 -6.68 6.13
CA HIS B 242 35.59 -6.63 4.34
CA HIS B 242 35.29 -6.39 5.31
C HIS B 242 35.22 -5.15 4.34
C HIS B 242 35.00 -4.89 5.17
N VAL B 243 35.41 -4.50 5.49
N VAL B 243 35.13 -4.15 6.27
CA VAL B 243 35.19 -3.06 5.60
CA VAL B 243 34.86 -2.71 6.27
C VAL B 243 36.08 -2.29 4.65
C VAL B 243 35.77 -1.94 5.34
N ASN B 244 37.36 -2.64 4.60
N ASN B 244 37.07 -2.22 5.43
CA ASN B 244 38.34 -1.95 3.78
CA ASN B 244 38.07 -1.58 4.59
C ASN B 244 38.04 -2.10 2.28
C ASN B 244 37.89 -1.92 3.12
N LEU B 245 37.60 -3.30 1.88
N LEU B 245 37.55 -3.18 2.84
CA LEU B 245 37.23 -3.54 0.48
CA LEU B 245 37.28 -3.63 1.48
C LEU B 245 36.05 -2.66 0.08
C LEU B 245 36.18 -2.82 0.80
N LEU B 246 35.04 -2.62 0.94
N LEU B 246 35.03 -2.76 1.45
CA LEU B 246 33.86 -1.80 0.69
CA LEU B 246 33.88 -2.01 0.94
C LEU B 246 34.16 -0.32 0.81
C LEU B 246 34.18 -0.52 0.77
N ALA B 247 35.10 0.03 1.70
N ALA B 247 35.03 0.03 1.63
CA ALA B 247 35.49 1.42 1.86
CA ALA B 247 35.35 1.45 1.58
C ALA B 247 36.23 1.91 0.64
C ALA B 247 36.13 1.79 0.30
N GLN B 248 36.84 0.99 -0.09
N GLN B 248 36.79 0.80 -0.27
CA GLN B 248 37.62 1.33 -1.28
CA GLN B 248 37.58 1.01 -1.48
C GLN B 248 36.72 1.83 -2.40
C GLN B 248 36.72 1.05 -2.75
N PHE B 249 35.47 1.35 -2.43
N PHE B 249 35.51 0.54 -2.67
CA PHE B 249 34.52 1.81 -3.44
CA PHE B 249 34.55 0.66 -3.77
C PHE B 249 33.45 2.70 -2.83
C PHE B 249 33.46 1.65 -3.35
N HIS B 250 33.81 3.36 -1.73
N HIS B 250 33.69 2.29 -2.21
CA HIS B 250 32.96 4.34 -1.07
CA HIS B 250 32.83 3.33 -1.65
C HIS B 250 31.64 3.78 -0.56
C HIS B 250 31.44 2.85 -1.30
N ILE B 251 31.54 2.45 -0.52
N ILE B 251 31.25 1.55 -1.16
CA ILE B 251 30.33 1.80 -0.04
CA ILE B 251 29.99 1.05 -0.66
C ILE B 251 30.13 2.07 1.44
C ILE B 251 29.83 1.51 0.79
N ARG B 252 28.96 2.59 1.77
N ARG B 252 28.76 2.25 1.03
CA ARG B 252 28.65 3.02 3.13
CA ARG B 252 28.45 2.73 2.37
C ARG B 252 27.56 2.14 3.73
C ARG B 252 27.31 1.93 2.97
N ALA B 253 26.51 1.88 2.95
N ALA B 253 26.31 1.61 2.14
CA ALA B 253 25.47 0.94 3.33
CA ALA B 253 25.20 0.75 2.53
C ALA B 253 25.35 -0.15 2.28
C ALA B 253 25.08 -0.41 1.56
N ASN B 254 25.04 -1.37 2.72
N ASN B 254 24.72 -1.58 2.07
CA ASN B 254 25.06 -2.51 1.82
CA ASN B 254 24.78 -2.82 1.30
C ASN B 254 23.83 -3.39 1.98
C ASN B 254 23.54 -3.71 1.48
N LEU B 255 23.20 -3.73 0.86
N LEU B 255 22.86 -4.03 0.38
CA LEU B 255 22.05 -4.62 0.86
CA LEU B 255 21.72 -4.95 0.40
C LEU B 255 22.23 -5.73 -0.17
C LEU B 255 21.90 -6.06 -0.63
N VAL B 256 22.27 -6.97 0.32
N VAL B 256 21.99 -7.31 -0.18
CA VAL B 256 22.61 -8.10 -0.54
CA VAL B 256 22.27 -8.42 -1.08
C VAL B 256 21.56 -9.19 -0.49
C VAL B 256 21.22 -9.53 -1.01
N VAL B 257 20.98 -9.47 -1.66
N VAL B 257 20.69 -9.89 -2.18
CA VAL B 257 19.95 -10.49 -1.79
CA VAL B 257 19.63 -10.88 -2.23
C VAL B 257 20.41 -11.53 -2.81
C VAL B 257 20.01 -11.98 -3.20
N PRO B 258 20.31 -12.81 -2.45
N PRO B 258 20.00 -13.22 -2.72
CA PRO B 258 20.78 -13.90 -3.32
CA PRO B 258 20.41 -14.39 -3.49
C PRO B 258 19.82 -14.19 -4.45
C PRO B 258 19.42 -14.75 -4.58
N ILE B 259 20.36 -14.62 -5.59
N ILE B 259 19.94 -15.20 -5.72
CA ILE B 259 19.57 -15.00 -6.75
CA ILE B 259 19.11 -15.66 -6.84
C ILE B 259 19.67 -16.50 -6.94
C ILE B 259 19.28 -17.17 -6.94
N LEU B 260 18.52 -17.19 -6.92
N LEU B 260 18.19 -17.93 -6.92
CA LEU B 260 18.51 -18.65 -6.95
CA LEU B 260 18.27 -19.39 -6.84
C LEU B 260 17.97 -19.22 -8.26
C LEU B 260 17.74 -20.09 -8.07
N HIS B 261 18.79 -20.03 -8.91
N HIS B 261 18.47 -21.10 -8.53
CA HIS B 261 18.37 -20.82 -10.08
CA HIS B 261 18.07 -21.91 -9.67
C HIS B 261 18.30 -22.28 -9.68
C HIS B 261 18.21 -23.40 -9.34
N ALA B 262 17.14 -22.89 -9.88
N ALA B 262 17.16 -24.16 -9.63
CA ALA B 262 16.85 -24.23 -9.34
CA ALA B 262 17.05 -25.56 -9.18
C ALA B 262 17.05 -24.21 -7.83
C ALA B 262 17.13 -25.62 -7.66
N ASP B 263 18.11 -24.87 -7.38
N ASP B 263 18.15 -26.30 -7.15
CA ASP B 263 18.50 -24.80 -5.98
CA ASP B 263 18.40 -26.28 -5.72
C ASP B 263 19.93 -24.31 -5.85
C ASP B 263 19.76 -25.64 -5.45
N ALA B 264 20.51 -23.89 -6.97
N ALA B 264 20.26 -24.93 -6.45
CA ALA B 264 21.89 -23.39 -6.97
CA ALA B 264 21.58 -24.29 -6.39
C ALA B 264 21.93 -21.88 -6.78
C ALA B 264 21.55 -22.76 -6.41
N LEU B 265 22.97 -21.41 -6.11
N LEU B 265 22.62 -22.16 -5.87
CA LEU B 265 23.19 -19.98 -5.94
CA LEU B 265 22.79 -20.71 -5.88
C LEU B 265 23.74 -19.38 -7.23
C LEU B 265 23.33 -20.21 -7.22
N TRP B 266 22.84 -18.87 -8.07
N TRP B 266 22.49 -19.52 -7.97
CA TRP B 266 23.22 -18.31 -9.35
CA TRP B 266 22.87 -19.03 -9.31
C TRP B 266 23.98 -17.01 -9.20
C TRP B 266 23.66 -17.73 -9.27
N GLY B 267 23.50 -16.14 -8.30
N GLY B 267 23.26 -16.80 -8.42
CA GLY B 267 24.15 -14.86 -8.11
CA GLY B 267 23.94 -15.52 -8.33
C GLY B 267 23.67 -14.01 -6.96
C GLY B 267 23.32 -14.55 -7.33
N LEU B 268 24.10 -12.75 -6.96
N LEU B 268 23.58 -13.26 -7.52
CA LEU B 268 23.74 -11.80 -5.90
CA LEU B 268 23.13 -12.28 -6.54
C LEU B 268 23.24 -10.48 -6.47
C LEU B 268 22.57 -11.01 -7.18
N LEU B 269 22.11 -10.01 -5.95
N LEU B 269 21.47 -10.53 -6.61
CA LEU B 269 21.61 -8.68 -6.26
CA LEU B 269 20.94 -9.21 -6.91
C LEU B 269 22.00 -7.73 -5.14
C LEU B 269 21.48 -8.27 -5.83
N VAL B 270 22.80 -6.73 -5.45
N VAL B 270 22.19 -7.23 -6.24
CA VAL B 270 23.40 -5.89 -4.44
CA VAL B 270 22.94 -6.41 -5.29
C VAL B 270 23.04 -4.41 -4.61
C VAL B 270 22.61 -4.91 -5.39
N VAL B 271 22.67 -3.78 -3.50
N VAL B 271 22.31 -4.29 -4.26
CA VAL B 271 22.37 -2.37 -3.49
CA VAL B 271 22.03 -2.85 -4.23
C VAL B 271 23.32 -1.65 -2.54
C VAL B 271 23.08 -2.10 -3.39
N ASN B 272 23.90 -0.54 -3.00
N ASN B 272 23.52 -0.96 -3.89
CA ASN B 272 24.81 0.22 -2.17
CA ASN B 272 24.54 -0.19 -3.18
C ASN B 272 24.37 1.66 -1.99
C ASN B 272 24.18 1.26 -2.94
N GLN B 273 24.53 2.16 -0.77
N GLN B 273 24.58 1.76 -1.77
CA GLN B 273 24.45 3.59 -0.52
CA GLN B 273 24.57 3.19 -1.51
C GLN B 273 25.88 4.04 -0.25
C GLN B 273 25.99 3.60 -1.22
N CYS B 274 26.34 5.08 -0.95
N CYS B 274 26.49 4.63 -1.92
CA CYS B 274 27.73 5.48 -0.85
CA CYS B 274 27.90 4.98 -1.84
C CYS B 274 27.93 6.86 -0.23
C CYS B 274 28.19 6.33 -1.18
N SER B 275 26.85 7.63 -0.08
N SER B 275 27.17 7.17 -1.00
CA SER B 275 26.96 8.99 0.42
CA SER B 275 27.39 8.49 -0.43
C SER B 275 26.83 9.06 1.93
C SER B 275 27.11 8.51 1.06
N ALA B 276 25.99 8.18 2.48
N ALA B 276 25.95 7.98 1.44
CA ALA B 276 25.68 8.20 3.91
CA ALA B 276 25.50 8.04 2.81
C ALA B 276 25.11 6.84 4.33
C ALA B 276 24.92 6.69 3.24
N PRO B 277 25.08 6.57 5.65
N PRO B 277 24.83 6.45 4.55
CA PRO B 277 24.41 5.37 6.16
CA PRO B 277 24.18 5.21 5.02
C PRO B 277 22.94 5.31 5.75
C PRO B 277 22.70 5.22 4.71
N ARG B 278 22.42 4.10 5.56
N ARG B 278 22.10 4.03 4.63
CA ARG B 278 21.03 3.96 5.18
CA ARG B 278 20.69 3.89 4.32
C ARG B 278 20.38 2.71 5.77
C ARG B 278 20.09 2.68 5.02
N GLN B 279 19.41 2.92 6.65
N GLN B 279 19.07 2.93 5.83
CA GLN B 279 18.67 1.81 7.24
CA GLN B 279 18.38 1.87 6.54
C GLN B 279 17.69 1.27 6.21
C GLN B 279 17.33 1.23 5.62
N TRP B 280 17.87 0.00 5.86
N TRP B 280 17.61 0.02 5.16
CA TRP B 280 17.01 -0.63 4.85
CA TRP B 280 16.73 -0.70 4.25
C TRP B 280 15.69 -1.06 5.49
C TRP B 280 15.43 -1.09 4.94
N GLN B 281 14.59 -0.69 4.85
N GLN B 281 14.29 -0.72 4.34
CA GLN B 281 13.25 -0.93 5.38
CA GLN B 281 12.98 -0.97 4.94
C GLN B 281 12.68 -2.26 4.88
C GLN B 281 12.42 -2.35 4.58
N PRO B 282 11.81 -2.90 5.69
N PRO B 282 11.61 -2.95 5.48
CA PRO B 282 11.18 -4.17 5.34
CA PRO B 282 10.91 -4.23 5.25
C PRO B 282 10.51 -4.16 3.96
C PRO B 282 10.23 -4.32 3.88
N LEU B 283 9.90 -3.05 3.58
N LEU B 283 9.54 -3.27 3.46
CA LEU B 283 9.27 -2.94 2.27
CA LEU B 283 8.88 -3.28 2.16
C LEU B 283 10.33 -3.05 1.18
C LEU B 283 9.90 -3.48 1.03
N GLU B 284 11.43 -2.35 1.37
N GLU B 284 11.06 -2.83 1.16
CA GLU B 284 12.51 -2.33 0.39
CA GLU B 284 12.09 -2.88 0.11
C GLU B 284 13.16 -3.69 0.26
C GLU B 284 12.76 -4.24 0.04
N ILE B 285 13.42 -4.33 1.38
N ILE B 285 13.06 -4.79 1.21
CA ILE B 285 13.97 -5.66 1.39
CA ILE B 285 13.61 -6.13 1.30
C ILE B 285 13.04 -6.66 0.71
C ILE B 285 12.64 -7.14 0.68
N ASP B 286 11.76 -6.62 1.04
N ASP B 286 11.36 -7.01 1.02
CA ASP B 286 10.81 -7.58 0.46
CA ASP B 286 10.34 -7.91 0.49
C ASP B 286 10.65 -7.40 -1.04
C ASP B 286 10.19 -7.80 -1.01
N LEU B 287 10.73 -6.15 -1.51
N LEU B 287 10.37 -6.59 -1.54
CA LEU B 287 10.73 -5.88 -2.94
CA LEU B 287 10.35 -6.41 -2.99
C LEU B 287 11.92 -6.54 -3.61
C LEU B 287 11.45 -7.21 -3.67
N LEU B 288 13.09 -6.36 -3.01
N LEU B 288 12.66 -7.14 -3.13
CA LEU B 288 14.32 -6.95 -3.53
CA LEU B 288 13.79 -7.83 -3.75
C LEU B 288 14.21 -8.46 -3.60
C LEU B 288 13.69 -9.36 -3.65
N LYS B 289 13.59 -9.06 -2.57
N LYS B 289 13.22 -9.88 -2.52
CA LYS B 289 13.42 -10.50 -2.52
CA LYS B 289 12.98 -11.32 -2.44
C LYS B 289 12.50 -10.96 -3.64
C LYS B 289 12.04 -11.78 -3.54
N GLU B 290 11.44 -10.21 -3.90
N GLU B 290 11.02 -10.97 -3.77
CA GLU B 290 10.48 -10.62 -4.91
CA GLU B 290 10.01 -11.29 -4.76
C GLU B 290 11.05 -10.51 -6.31
C GLU B 290 10.59 -11.29 -6.16
N LEU B 291 11.88 -9.48 -6.54
N LEU B 291 11.29 -10.21 -6.52
CA LEU B 291 12.62 -9.34 -7.78
CA LEU B 291 11.95 -10.11 -7.82
C LEU B 291 13.65 -10.43 -7.96
C LEU B 291 12.94 -11.25 -8.05
N ALA B 292 14.31 -10.82 -6.88
N ALA B 292 13.75 -11.55 -7.04
CA ALA B 292 15.31 -11.88 -6.94
CA ALA B 292 14.70 -12.64 -7.09
C ALA B 292 14.62 -13.20 -7.29
C ALA B 292 13.99 -13.95 -7.42
N THR B 293 13.38 -13.35 -6.84
N THR B 293 12.80 -14.11 -6.86
CA THR B 293 12.60 -14.52 -7.14
CA THR B 293 11.99 -15.30 -7.08
C THR B 293 12.22 -14.53 -8.62
C THR B 293 11.50 -15.34 -8.53
N GLN B 294 11.83 -13.37 -9.11
N GLN B 294 11.13 -14.17 -9.05
CA GLN B 294 11.46 -13.21 -10.51
CA GLN B 294 10.76 -14.08 -10.46
C GLN B 294 12.62 -13.47 -11.46
C GLN B 294 11.96 -14.36 -11.36
N LEU B 295 13.81 -13.05 -11.05
N LEU B 295 13.13 -13.88 -10.96
CA LEU B 295 15.01 -13.36 -11.82
CA LEU B 295 14.34 -14.17 -11.73
C LEU B 295 15.20 -14.86 -11.89
C LEU B 295 14.59 -15.68 -11.79
N GLY B 296 15.03 -15.53 -10.75
N GLY B 296 14.26 -16.37 -10.70
CA GLY B 296 15.12 -16.98 -10.68
CA GLY B 296 14.36 -17.81 -10.66
C GLY B 296 14.19 -17.66 -11.67
C GLY B 296 13.45 -18.44 -11.70
N ILE B 297 12.97 -17.13 -11.80
N ILE B 297 12.29 -17.83 -11.89
CA ILE B 297 12.04 -17.66 -12.79
CA ILE B 297 11.34 -18.31 -12.88
C ILE B 297 12.60 -17.48 -14.20
C ILE B 297 11.87 -18.06 -14.29
N ALA B 298 13.11 -16.28 -14.48
N ALA B 298 12.56 -16.93 -14.45
CA ALA B 298 13.65 -15.97 -15.80
CA ALA B 298 13.16 -16.60 -15.73
C ALA B 298 14.82 -16.87 -16.14
C ALA B 298 14.29 -17.55 -16.08
N LEU B 299 15.62 -17.20 -15.12
N LEU B 299 15.18 -17.76 -15.11
CA LEU B 299 16.77 -18.10 -15.28
CA LEU B 299 16.34 -18.61 -15.30
C LEU B 299 16.29 -19.49 -15.66
C LEU B 299 15.92 -20.03 -15.63
N GLN B 300 15.36 -20.01 -14.88
N GLN B 300 14.93 -20.48 -14.89
CA GLN B 300 14.86 -21.35 -15.09
CA GLN B 300 14.43 -21.83 -15.07
C GLN B 300 14.17 -21.50 -16.44
C GLN B 300 13.81 -21.92 -16.45
N GLN B 301 13.41 -20.47 -16.81
N GLN B 301 13.07 -20.88 -16.82
CA GLN B 301 12.68 -20.47 -18.07
CA GLN B 301 12.41 -20.80 -18.11
C GLN B 301 13.64 -20.63 -19.25
C GLN B 301 13.43 -20.86 -19.25
N ALA B 302 14.69 -19.81 -19.28
N ALA B 302 14.55 -20.17 -19.07
CA ALA B 302 15.71 -19.89 -20.30
CA ALA B 302 15.57 -20.11 -20.11
C ALA B 302 16.39 -21.26 -20.29
C ALA B 302 16.27 -21.45 -20.21
N GLU B 303 16.62 -21.78 -19.07
N GLU B 303 16.41 -22.15 -19.09
CA GLU B 303 17.30 -23.06 -18.91
CA GLU B 303 17.08 -23.44 -19.10
C GLU B 303 16.46 -24.19 -19.48
C GLU B 303 16.18 -24.50 -19.72
N LEU B 304 15.15 -24.10 -19.30
N LEU B 304 14.88 -24.42 -19.48
CA LEU B 304 14.23 -25.09 -19.88
CA LEU B 304 13.95 -25.35 -20.12
C LEU B 304 14.22 -24.96 -21.40
C LEU B 304 13.91 -25.08 -21.62
N TYR B 305 14.37 -23.74 -21.89
N TYR B 305 14.24 -23.85 -22.02
CA TYR B 305 14.35 -23.48 -23.32
CA TYR B 305 14.29 -23.54 -23.44
C TYR B 305 15.54 -24.15 -24.01
C TYR B 305 15.57 -24.06 -24.08
N GLN B 306 16.69 -24.13 -23.34
N GLN B 306 16.63 -24.16 -23.28
CA GLN B 306 17.89 -24.76 -23.87
CA GLN B 306 17.89 -24.69 -23.77
C GLN B 306 17.76 -26.27 -23.88
C GLN B 306 17.76 -26.19 -23.92
N GLN B 307 17.25 -26.83 -22.78
N GLN B 307 17.26 -26.83 -22.87
CA GLN B 307 17.06 -28.28 -22.67
CA GLN B 307 17.06 -28.27 -22.81
C GLN B 307 16.11 -28.80 -23.74
C GLN B 307 16.11 -28.75 -23.91
N ALA B 308 15.08 -28.01 -24.05
N ALA B 308 15.10 -27.96 -24.23
CA ALA B 308 14.09 -28.38 -25.05
CA ALA B 308 14.12 -28.32 -25.26
C ALA B 308 14.70 -28.37 -26.45
C ALA B 308 14.72 -28.29 -26.66
N LEU B 309 15.74 -27.57 -26.63
N LEU B 309 15.70 -27.40 -26.88
CA LEU B 309 16.43 -27.46 -27.91
CA LEU B 309 16.41 -27.33 -28.14
C LEU B 309 17.24 -28.71 -28.21
C LEU B 309 17.16 -28.63 -28.44
N GLU B 310 17.85 -29.28 -27.18
N GLU B 310 18.04 -29.00 -27.52
CA GLU B 310 18.65 -30.49 -27.32
CA GLU B 310 18.84 -30.21 -27.64
C GLU B 310 17.78 -31.66 -27.74
C GLU B 310 17.94 -31.43 -27.73
N HIS B 311 16.60 -31.73 -27.14
N HIS B 311 16.97 -31.51 -26.80
CA HIS B 311 15.62 -32.77 -27.48
CA HIS B 311 15.90 -32.50 -26.86
C HIS B 311 15.11 -32.60 -28.90
C HIS B 311 16.43 -33.93 -26.94
CHA CYC C . -18.94 -15.32 -25.04
CHA CYC C . -19.23 -14.50 -25.93
NA CYC C . -19.56 -17.44 -24.17
NA CYC C . -19.68 -16.49 -24.65
C1A CYC C . -18.81 -16.34 -24.19
C1A CYC C . -19.06 -15.34 -24.90
C2A CYC C . -17.90 -16.44 -23.22
C2A CYC C . -18.15 -15.15 -23.96
C3A CYC C . -18.11 -17.59 -22.59
C3A CYC C . -18.24 -16.14 -23.08
C4A CYC C . -19.24 -18.13 -23.08
C4A CYC C . -19.29 -16.91 -23.45
CMA CYC C . -17.19 -17.99 -21.42
CMA CYC C . -17.29 -16.19 -21.86
CAA CYC C . -16.75 -15.46 -22.85
CAA CYC C . -17.15 -13.96 -23.87
CBA CYC C . -17.15 -13.98 -22.69
CBA CYC C . -17.84 -12.62 -23.53
CGA CYC C . -18.19 -13.76 -21.57
CGA CYC C . -18.58 -12.61 -22.17
O1A CYC C . -18.54 -14.74 -20.89
O1A CYC C . -19.41 -11.70 -21.98
O2A CYC C . -18.59 -12.58 -21.43
O2A CYC C . -18.29 -13.47 -21.31
CHB CYC C . -19.73 -19.36 -22.87
CHB CYC C . -19.73 -18.12 -23.01
NB CYC C . -19.98 -21.28 -21.56
NB CYC C . -19.35 -17.76 -20.67
C1B CYC C . -19.77 -19.98 -21.68
C1B CYC C . -19.66 -18.51 -21.73
C2B CYC C . -20.08 -19.44 -20.48
C2B CYC C . -19.82 -19.75 -21.30
C3B CYC C . -20.23 -20.43 -19.61
C3B CYC C . -19.67 -19.76 -19.98
C4B CYC C . -20.15 -21.57 -20.27
C4B CYC C . -19.38 -18.51 -19.58
CMB CYC C . -20.14 -17.98 -19.98
CMB CYC C . -20.16 -20.95 -22.18
CAB CYC C . -20.47 -20.20 -18.12
CAB CYC C . -19.79 -21.00 -19.07
CBB CYC C . -20.62 -21.29 -17.38
CBB CYC C . -19.59 -20.80 -17.77
OB CYC C . -20.25 -22.86 -19.83
OB CYC C . -19.13 -17.99 -18.35
NC CYC C . -22.54 -18.34 -27.17
NC CYC C . -23.01 -17.80 -27.34
C1C CYC C . -23.32 -19.39 -27.43
C1C CYC C . -23.79 -18.87 -27.42
C2C CYC C . -24.25 -19.06 -28.32
C2C CYC C . -24.67 -18.74 -28.42
C3C CYC C . -24.06 -17.79 -28.67
C3C CYC C . -24.44 -17.56 -28.97
C4C CYC C . -23.02 -17.35 -27.95
C4C CYC C . -23.43 -17.01 -28.32
CMC CYC C . -25.04 -20.08 -29.14
CMC CYC C . -24.89 -19.99 -29.30
CAC CYC C . -25.26 -16.89 -28.88
CAC CYC C . -25.57 -16.67 -29.46
CBC CYC C . -25.48 -16.62 -30.39
CBC CYC C . -26.27 -17.19 -30.74
OC CYC C . -23.21 -20.50 -26.91
OC CYC C . -23.72 -19.87 -26.70
CHD CYC C . -22.56 -16.10 -28.06
CHD CYC C . -22.97 -15.78 -28.62
ND CYC C . -20.80 -16.21 -26.37
ND CYC C . -21.12 -15.63 -27.01
C1D CYC C . -21.55 -15.62 -27.34
C1D CYC C . -21.92 -15.21 -28.00
C2D CYC C . -21.14 -14.36 -27.48
C2D CYC C . -21.53 -14.00 -28.38
C3D CYC C . -20.13 -14.15 -26.65
C3D CYC C . -20.50 -13.64 -27.65
C4D CYC C . -19.89 -15.29 -26.00
C4D CYC C . -20.20 -14.66 -26.84
CMD CYC C . -21.74 -13.33 -28.45
CMD CYC C . -22.22 -13.18 -29.48
CAD CYC C . -19.36 -12.84 -26.45
CAD CYC C . -19.70 -12.33 -27.73
CBD CYC C . -18.36 -12.57 -27.56
CBD CYC C . -20.47 -11.12 -27.16
CGD CYC C . -17.65 -11.26 -27.24
CGD CYC C . -19.55 -9.91 -27.29
O1D CYC C . -16.48 -11.14 -27.65
O1D CYC C . -18.34 -10.12 -27.08
O2D CYC C . -18.29 -10.42 -26.58
O2D CYC C . -20.07 -8.81 -27.60
MG MG D . -22.83 12.38 27.89
MG MG E . -5.94 12.87 12.35
CHA CYC F . 31.78 -10.65 0.53
CHA CYC F . 31.86 -11.21 2.66
NA CYC F . 33.01 -10.01 -1.40
NA CYC F . 32.42 -10.28 0.52
C1A CYC F . 31.89 -10.22 -0.72
C1A CYC F . 31.58 -10.69 1.46
C2A CYC F . 30.86 -9.92 -1.51
C2A CYC F . 30.34 -10.55 0.98
C3A CYC F . 31.36 -9.51 -2.67
C3A CYC F . 30.41 -10.01 -0.22
C4A CYC F . 32.70 -9.40 -2.54
C4A CYC F . 31.71 -9.72 -0.47
CMA CYC F . 30.42 -9.11 -3.83
CMA CYC F . 29.10 -9.73 -0.98
CAA CYC F . 29.35 -10.09 -1.21
CAA CYC F . 29.00 -10.91 1.66
CBA CYC F . 28.79 -9.12 -0.17
CBA CYC F . 28.76 -10.12 2.96
CGA CYC F . 28.93 -7.66 -0.62
CGA CYC F . 28.74 -8.60 2.77
O1A CYC F . 28.60 -7.38 -1.80
O1A CYC F . 28.81 -7.90 3.80
O2A CYC F . 29.35 -6.86 0.24
O2A CYC F . 28.66 -8.15 1.60
CHB CYC F . 33.60 -9.20 -3.51
CHB CYC F . 32.32 -9.32 -1.59
NB CYC F . 34.23 -8.33 -5.58
NB CYC F . 30.65 -7.82 -2.43
C1B CYC F . 33.48 -8.30 -4.49
C1B CYC F . 31.78 -8.50 -2.51
C2B CYC F . 33.04 -7.01 -4.37
C2B CYC F . 32.28 -8.33 -3.71
C3B CYC F . 33.31 -6.40 -5.52
C3B CYC F . 31.49 -7.48 -4.37
C4B CYC F . 34.03 -7.22 -6.27
C4B CYC F . 30.47 -7.16 -3.57
CMB CYC F . 32.25 -6.40 -3.20
CMB CYC F . 33.56 -8.97 -4.23
CAB CYC F . 32.98 -4.98 -6.03
CAB CYC F . 31.73 -7.00 -5.81
CBB CYC F . 32.32 -4.10 -5.27
CBB CYC F . 30.82 -6.16 -6.29
OB CYC F . 34.54 -7.04 -7.52
OB CYC F . 29.40 -6.34 -3.75
NC CYC F . 37.22 -11.63 0.55
NC CYC F . 36.83 -10.26 1.41
C1C CYC F . 38.53 -11.79 0.31
C1C CYC F . 37.94 -9.88 0.76
C2C CYC F . 39.24 -11.71 1.44
C2C CYC F . 39.02 -10.00 1.55
C3C CYC F . 38.37 -11.45 2.41
C3C CYC F . 38.57 -10.43 2.74
C4C CYC F . 37.14 -11.40 1.87
C4C CYC F . 37.25 -10.60 2.62
CMC CYC F . 40.26 -12.83 1.68
CMC CYC F . 40.24 -10.68 0.92
CAC CYC F . 38.76 -10.40 3.47
CAC CYC F . 39.09 -9.86 4.08
CBC CYC F . 39.95 -9.58 2.96
CBC CYC F . 40.23 -8.84 3.86
OC CYC F . 39.03 -12.00 -0.78
OC CYC F . 37.99 -9.49 -0.40
CHD CYC F . 36.07 -11.23 2.64
CHD CYC F . 36.52 -11.05 3.65
ND CYC F . 34.20 -10.91 1.05
ND CYC F . 34.29 -10.93 2.64
C1D CYC F . 34.80 -11.12 2.24
C1D CYC F . 35.20 -11.20 3.60
C2D CYC F . 33.87 -11.07 3.19
C2D CYC F . 34.57 -11.67 4.67
C3D CYC F . 32.70 -10.95 2.62
C3D CYC F . 33.29 -11.72 4.39
C4D CYC F . 32.86 -10.90 1.30
C4D CYC F . 33.10 -11.29 3.15
CMD CYC F . 34.13 -11.25 4.69
CMD CYC F . 35.22 -12.08 5.99
CAD CYC F . 31.36 -10.90 3.38
CAD CYC F . 32.20 -12.20 5.36
CBD CYC F . 30.93 -12.33 3.74
CBD CYC F . 31.83 -11.03 6.26
CGD CYC F . 29.62 -12.32 4.52
CGD CYC F . 30.75 -11.45 7.26
O1D CYC F . 29.68 -12.60 5.73
O1D CYC F . 29.86 -12.23 6.84
O2D CYC F . 28.58 -12.04 3.88
O2D CYC F . 30.85 -11.02 8.43
MG MG G . 3.95 34.57 15.97
MG MG H . -7.50 17.73 16.40
#